data_1FJ8
#
_entry.id   1FJ8
#
_cell.length_a   59.227
_cell.length_b   139.585
_cell.length_c   212.228
_cell.angle_alpha   90.00
_cell.angle_beta   90.00
_cell.angle_gamma   90.00
#
_symmetry.space_group_name_H-M   'P 21 21 21'
#
loop_
_entity.id
_entity.type
_entity.pdbx_description
1 polymer 'BETA-KETOACYL-[ACYL CARRIER PROTEIN] SYNTHASE I'
2 non-polymer '(2S, 3R)-3-HYDROXY-4-OXO-7,10-TRANS,TRANS-DODECADIENAMIDE'
3 water water
#
_entity_poly.entity_id   1
_entity_poly.type   'polypeptide(L)'
_entity_poly.pdbx_seq_one_letter_code
;MKRAVITGLGIVSSIGNNQQEVLASLREGRSGITFSQELKDSGMRSHVWGNVKLDTTGLIDRKVVRFMSDASIYAFLSME
QAIADAGLSPEAYQNNPRVGLIAGSGGGSPRFQVFGADAMRGPRGLKAVGPYVVTKAMASGVSACLATPFKIHGVNYSIS
SACATSAHCIGNAVEQIQLGKQDIVFAGGGEELCWEMACEFDAMGALSTKYNDTPEKASRTYDAHRDGFVIAGGGGMVVV
EELEHALARGAHIYAEIVGYGATSDGADMVAPSGEGAVRCMKMAMHGVDTPIDYLNSHGTSTPVGDVKELAAIREVFGDK
SPAISATKAMTGHSLGAAGVQEAIYSLLMLEHGFIAPSINIEELDEQAAGLNIVTETTDRELTTVMSNSFGFGGTNATLV
MRKLKD
;
_entity_poly.pdbx_strand_id   A,B,C,D
#
loop_
_chem_comp.id
_chem_comp.type
_chem_comp.name
_chem_comp.formula
CER non-polymer '(2S, 3R)-3-HYDROXY-4-OXO-7,10-TRANS,TRANS-DODECADIENAMIDE' 'C12 H19 N O3'
#
# COMPACT_ATOMS: atom_id res chain seq x y z
N LYS A 2 -8.38 12.08 -46.50
CA LYS A 2 -7.46 13.25 -46.36
C LYS A 2 -7.70 14.11 -45.10
N ARG A 3 -8.94 14.28 -44.66
CA ARG A 3 -9.20 15.08 -43.45
C ARG A 3 -9.37 14.22 -42.19
N ALA A 4 -8.77 14.66 -41.10
CA ALA A 4 -8.83 13.90 -39.84
C ALA A 4 -9.61 14.61 -38.73
N VAL A 5 -10.53 13.89 -38.11
CA VAL A 5 -11.35 14.40 -37.02
C VAL A 5 -11.32 13.47 -35.82
N ILE A 6 -11.64 14.00 -34.63
CA ILE A 6 -11.69 13.20 -33.40
C ILE A 6 -13.14 12.81 -33.16
N THR A 7 -13.41 11.52 -33.04
CA THR A 7 -14.77 11.03 -32.85
C THR A 7 -14.99 10.28 -31.53
N GLY A 8 -14.02 10.35 -30.62
CA GLY A 8 -14.15 9.69 -29.34
C GLY A 8 -12.92 9.91 -28.48
N LEU A 9 -13.08 9.89 -27.17
CA LEU A 9 -11.95 10.08 -26.27
C LEU A 9 -12.11 9.28 -24.98
N GLY A 10 -10.97 8.91 -24.40
CA GLY A 10 -10.94 8.16 -23.15
C GLY A 10 -9.83 8.74 -22.29
N ILE A 11 -9.99 8.69 -20.98
CA ILE A 11 -8.98 9.26 -20.11
C ILE A 11 -9.02 8.78 -18.66
N VAL A 12 -7.84 8.50 -18.12
CA VAL A 12 -7.67 8.07 -16.74
C VAL A 12 -6.59 9.03 -16.24
N SER A 13 -6.99 10.03 -15.45
CA SER A 13 -6.02 11.01 -14.96
C SER A 13 -6.13 11.39 -13.49
N SER A 14 -5.20 12.20 -13.05
CA SER A 14 -5.16 12.66 -11.66
C SER A 14 -6.39 13.47 -11.28
N ILE A 15 -7.06 14.06 -12.27
CA ILE A 15 -8.25 14.84 -12.00
C ILE A 15 -9.55 14.18 -12.48
N GLY A 16 -9.51 12.89 -12.74
CA GLY A 16 -10.72 12.24 -13.19
C GLY A 16 -10.44 10.92 -13.88
N ASN A 17 -11.34 9.96 -13.66
CA ASN A 17 -11.23 8.61 -14.21
C ASN A 17 -12.03 8.44 -15.48
N ASN A 18 -12.62 9.53 -15.95
CA ASN A 18 -13.38 9.54 -17.19
C ASN A 18 -13.54 10.98 -17.60
N GLN A 19 -14.10 11.21 -18.79
CA GLN A 19 -14.23 12.56 -19.30
C GLN A 19 -15.21 13.43 -18.55
N GLN A 20 -16.24 12.82 -17.96
CA GLN A 20 -17.24 13.57 -17.21
C GLN A 20 -16.64 14.11 -15.91
N GLU A 21 -15.77 13.30 -15.29
CA GLU A 21 -15.10 13.68 -14.05
C GLU A 21 -14.00 14.69 -14.33
N VAL A 22 -13.34 14.53 -15.47
CA VAL A 22 -12.27 15.45 -15.85
C VAL A 22 -12.87 16.84 -16.14
N LEU A 23 -14.05 16.86 -16.74
CA LEU A 23 -14.74 18.11 -17.06
C LEU A 23 -15.04 18.86 -15.77
N ALA A 24 -15.58 18.12 -14.79
CA ALA A 24 -15.95 18.67 -13.50
C ALA A 24 -14.79 19.32 -12.75
N SER A 25 -13.62 18.71 -12.81
CA SER A 25 -12.44 19.23 -12.15
C SER A 25 -11.90 20.44 -12.90
N LEU A 26 -11.92 20.36 -14.24
CA LEU A 26 -11.43 21.45 -15.09
C LEU A 26 -12.25 22.72 -14.90
N ARG A 27 -13.56 22.55 -14.78
CA ARG A 27 -14.47 23.68 -14.60
C ARG A 27 -14.32 24.20 -13.17
N GLU A 28 -14.22 23.27 -12.23
CA GLU A 28 -14.08 23.59 -10.81
C GLU A 28 -12.68 24.09 -10.46
N GLY A 29 -11.70 23.81 -11.31
CA GLY A 29 -10.34 24.24 -11.04
C GLY A 29 -9.70 23.37 -9.98
N ARG A 30 -10.21 22.14 -9.84
CA ARG A 30 -9.75 21.16 -8.86
C ARG A 30 -8.37 20.54 -9.13
N SER A 31 -7.58 20.39 -8.06
CA SER A 31 -6.23 19.83 -8.15
C SER A 31 -6.20 18.30 -7.94
N GLY A 32 -5.38 17.62 -8.72
CA GLY A 32 -5.26 16.18 -8.60
C GLY A 32 -3.99 15.77 -7.89
N ILE A 33 -3.29 16.73 -7.30
CA ILE A 33 -2.04 16.47 -6.60
C ILE A 33 -2.22 16.09 -5.13
N THR A 34 -1.49 15.08 -4.71
CA THR A 34 -1.57 14.62 -3.33
C THR A 34 -0.17 14.35 -2.76
N PHE A 35 -0.11 14.09 -1.47
CA PHE A 35 1.16 13.78 -0.83
C PHE A 35 1.46 12.31 -1.15
N SER A 36 2.71 11.98 -1.40
CA SER A 36 3.08 10.61 -1.71
C SER A 36 4.05 10.03 -0.69
N GLN A 37 3.60 9.01 0.04
CA GLN A 37 4.44 8.37 1.03
C GLN A 37 5.56 7.62 0.33
N GLU A 38 5.23 6.97 -0.78
CA GLU A 38 6.19 6.21 -1.58
C GLU A 38 7.38 7.08 -1.99
N LEU A 39 7.07 8.24 -2.55
CA LEU A 39 8.09 9.19 -2.98
C LEU A 39 8.97 9.59 -1.79
N LYS A 40 8.33 10.02 -0.71
CA LYS A 40 9.05 10.43 0.49
C LYS A 40 9.91 9.27 0.99
N ASP A 41 9.30 8.11 1.12
CA ASP A 41 9.99 6.92 1.59
C ASP A 41 11.18 6.49 0.73
N SER A 42 11.18 6.82 -0.56
CA SER A 42 12.27 6.45 -1.46
C SER A 42 13.56 7.26 -1.25
N GLY A 43 13.46 8.40 -0.56
CA GLY A 43 14.62 9.21 -0.31
C GLY A 43 14.56 10.54 -1.02
N MET A 44 13.53 10.69 -1.84
CA MET A 44 13.31 11.90 -2.62
C MET A 44 13.03 13.18 -1.82
N ARG A 45 13.20 14.32 -2.49
CA ARG A 45 12.94 15.62 -1.89
C ARG A 45 11.51 16.00 -2.24
N SER A 46 11.07 15.55 -3.41
CA SER A 46 9.72 15.81 -3.90
C SER A 46 8.79 14.72 -3.38
N HIS A 47 7.76 15.10 -2.64
CA HIS A 47 6.81 14.14 -2.08
C HIS A 47 5.39 14.38 -2.57
N VAL A 48 5.23 15.09 -3.69
CA VAL A 48 3.91 15.37 -4.23
C VAL A 48 3.65 14.57 -5.52
N TRP A 49 2.42 14.08 -5.63
CA TRP A 49 1.97 13.21 -6.72
C TRP A 49 0.77 13.70 -7.51
N GLY A 50 0.71 13.25 -8.77
CA GLY A 50 -0.41 13.51 -9.65
C GLY A 50 -0.85 12.08 -9.92
N ASN A 51 -1.44 11.46 -8.91
CA ASN A 51 -1.85 10.06 -8.98
C ASN A 51 -3.26 9.76 -9.49
N VAL A 52 -3.44 8.58 -10.08
CA VAL A 52 -4.75 8.16 -10.60
C VAL A 52 -5.47 7.51 -9.42
N LYS A 53 -6.56 8.11 -8.95
CA LYS A 53 -7.30 7.51 -7.84
C LYS A 53 -8.27 6.48 -8.39
N LEU A 54 -7.75 5.30 -8.68
CA LEU A 54 -8.58 4.25 -9.24
C LEU A 54 -7.99 2.89 -8.97
N ASP A 55 -8.82 1.96 -8.48
CA ASP A 55 -8.36 0.61 -8.24
C ASP A 55 -8.63 -0.11 -9.56
N THR A 56 -7.56 -0.37 -10.31
CA THR A 56 -7.71 -1.02 -11.60
C THR A 56 -7.81 -2.54 -11.50
N THR A 57 -7.56 -3.06 -10.30
CA THR A 57 -7.58 -4.50 -10.01
C THR A 57 -8.26 -5.49 -10.94
N GLY A 58 -9.58 -5.52 -10.98
CA GLY A 58 -10.23 -6.50 -11.86
C GLY A 58 -10.82 -5.95 -13.14
N LEU A 59 -10.30 -4.80 -13.58
CA LEU A 59 -10.79 -4.14 -14.77
C LEU A 59 -10.37 -4.71 -16.10
N ILE A 60 -9.25 -5.43 -16.14
CA ILE A 60 -8.74 -6.01 -17.37
C ILE A 60 -8.60 -7.52 -17.21
N ASP A 61 -8.97 -8.27 -18.24
CA ASP A 61 -8.88 -9.72 -18.21
C ASP A 61 -7.52 -10.23 -17.75
N ARG A 62 -7.52 -11.21 -16.87
CA ARG A 62 -6.30 -11.79 -16.31
C ARG A 62 -5.22 -12.18 -17.31
N LYS A 63 -5.58 -12.99 -18.30
CA LYS A 63 -4.60 -13.45 -19.30
C LYS A 63 -4.10 -12.33 -20.20
N VAL A 64 -4.79 -11.21 -20.16
CA VAL A 64 -4.40 -10.04 -20.95
C VAL A 64 -3.54 -9.12 -20.10
N VAL A 65 -4.06 -8.75 -18.93
CA VAL A 65 -3.36 -7.85 -18.02
C VAL A 65 -2.01 -8.35 -17.52
N ARG A 66 -1.80 -9.66 -17.53
CA ARG A 66 -0.54 -10.23 -17.07
C ARG A 66 0.68 -9.92 -17.98
N PHE A 67 0.44 -9.20 -19.07
CA PHE A 67 1.51 -8.84 -19.98
C PHE A 67 1.76 -7.36 -19.85
N MET A 68 0.82 -6.69 -19.21
CA MET A 68 0.87 -5.25 -19.06
C MET A 68 1.47 -4.63 -17.82
N SER A 69 1.94 -3.40 -18.00
CA SER A 69 2.47 -2.59 -16.92
C SER A 69 1.44 -1.45 -16.75
N ASP A 70 1.63 -0.60 -15.75
CA ASP A 70 0.69 0.49 -15.50
C ASP A 70 0.40 1.44 -16.67
N ALA A 71 1.44 1.82 -17.40
CA ALA A 71 1.27 2.71 -18.55
C ALA A 71 0.27 2.06 -19.53
N SER A 72 0.45 0.77 -19.79
CA SER A 72 -0.41 0.02 -20.69
C SER A 72 -1.83 -0.11 -20.14
N ILE A 73 -1.92 -0.37 -18.84
CA ILE A 73 -3.22 -0.51 -18.18
C ILE A 73 -4.02 0.79 -18.28
N TYR A 74 -3.36 1.92 -18.06
CA TYR A 74 -4.00 3.23 -18.15
C TYR A 74 -4.44 3.55 -19.57
N ALA A 75 -3.61 3.21 -20.55
CA ALA A 75 -3.94 3.45 -21.96
C ALA A 75 -5.09 2.54 -22.41
N PHE A 76 -5.06 1.29 -21.93
CA PHE A 76 -6.07 0.30 -22.26
C PHE A 76 -7.46 0.72 -21.78
N LEU A 77 -7.54 1.16 -20.52
CA LEU A 77 -8.81 1.59 -19.96
C LEU A 77 -9.30 2.84 -20.72
N SER A 78 -8.36 3.68 -21.13
CA SER A 78 -8.67 4.90 -21.88
C SER A 78 -9.21 4.56 -23.27
N MET A 79 -8.67 3.49 -23.87
CA MET A 79 -9.09 3.02 -25.18
C MET A 79 -10.51 2.49 -25.10
N GLU A 80 -10.79 1.72 -24.05
CA GLU A 80 -12.12 1.17 -23.82
C GLU A 80 -13.15 2.28 -23.83
N GLN A 81 -12.86 3.35 -23.09
CA GLN A 81 -13.77 4.51 -23.00
C GLN A 81 -13.93 5.19 -24.36
N ALA A 82 -12.82 5.32 -25.10
CA ALA A 82 -12.80 5.97 -26.43
C ALA A 82 -13.58 5.21 -27.49
N ILE A 83 -13.56 3.88 -27.39
CA ILE A 83 -14.28 3.02 -28.32
C ILE A 83 -15.78 3.21 -28.12
N ALA A 84 -16.21 3.10 -26.86
CA ALA A 84 -17.61 3.26 -26.50
C ALA A 84 -18.06 4.68 -26.84
N ASP A 85 -17.29 5.66 -26.38
CA ASP A 85 -17.61 7.05 -26.63
C ASP A 85 -17.65 7.37 -28.12
N ALA A 86 -16.96 6.57 -28.93
CA ALA A 86 -16.94 6.78 -30.39
C ALA A 86 -18.15 6.10 -31.04
N GLY A 87 -18.74 5.13 -30.32
CA GLY A 87 -19.90 4.43 -30.83
C GLY A 87 -19.46 3.24 -31.68
N LEU A 88 -18.18 2.90 -31.59
CA LEU A 88 -17.61 1.79 -32.34
C LEU A 88 -17.88 0.45 -31.63
N SER A 89 -18.01 -0.62 -32.41
CA SER A 89 -18.26 -1.98 -31.91
C SER A 89 -17.21 -2.88 -32.57
N PRO A 90 -16.91 -4.04 -31.93
CA PRO A 90 -15.94 -5.01 -32.43
C PRO A 90 -16.03 -5.26 -33.92
N GLU A 91 -17.24 -5.55 -34.38
CA GLU A 91 -17.50 -5.83 -35.79
C GLU A 91 -17.05 -4.69 -36.71
N ALA A 92 -16.92 -3.49 -36.17
CA ALA A 92 -16.50 -2.35 -36.96
C ALA A 92 -15.02 -1.98 -36.84
N TYR A 93 -14.39 -2.28 -35.71
CA TYR A 93 -12.98 -1.93 -35.57
C TYR A 93 -11.97 -3.07 -35.49
N GLN A 94 -12.40 -4.27 -35.15
CA GLN A 94 -11.47 -5.41 -35.06
C GLN A 94 -11.24 -6.16 -36.37
N ASN A 95 -10.06 -6.78 -36.50
CA ASN A 95 -9.70 -7.56 -37.67
C ASN A 95 -9.95 -6.76 -38.94
N ASN A 96 -9.66 -5.46 -38.87
CA ASN A 96 -9.85 -4.52 -39.97
C ASN A 96 -8.54 -3.82 -40.32
N PRO A 97 -7.97 -4.15 -41.50
CA PRO A 97 -6.70 -3.56 -41.95
C PRO A 97 -6.64 -2.03 -42.02
N ARG A 98 -7.80 -1.37 -42.04
CA ARG A 98 -7.83 0.09 -42.13
C ARG A 98 -7.97 0.76 -40.79
N VAL A 99 -7.89 -0.02 -39.71
CA VAL A 99 -7.99 0.50 -38.36
C VAL A 99 -6.63 0.23 -37.66
N GLY A 100 -6.00 1.29 -37.17
CA GLY A 100 -4.72 1.17 -36.53
C GLY A 100 -4.63 1.69 -35.11
N LEU A 101 -3.42 1.59 -34.54
CA LEU A 101 -3.14 2.01 -33.16
C LEU A 101 -1.73 2.61 -33.04
N ILE A 102 -1.63 3.85 -32.58
CA ILE A 102 -0.33 4.50 -32.39
C ILE A 102 -0.38 5.15 -31.01
N ALA A 103 0.23 4.50 -30.03
CA ALA A 103 0.24 5.00 -28.65
C ALA A 103 1.55 4.65 -27.97
N GLY A 104 2.01 5.52 -27.08
CA GLY A 104 3.26 5.26 -26.40
C GLY A 104 3.42 5.91 -25.03
N SER A 105 4.60 5.73 -24.44
CA SER A 105 4.92 6.30 -23.15
C SER A 105 6.30 6.93 -23.24
N GLY A 106 6.64 7.78 -22.29
CA GLY A 106 7.95 8.41 -22.33
C GLY A 106 9.03 7.52 -21.76
N GLY A 107 8.67 6.67 -20.79
CA GLY A 107 9.66 5.82 -20.16
C GLY A 107 9.40 4.33 -20.11
N GLY A 108 8.35 3.87 -20.77
CA GLY A 108 8.07 2.44 -20.76
C GLY A 108 7.69 1.95 -19.37
N SER A 109 8.55 1.14 -18.75
CA SER A 109 8.27 0.68 -17.40
C SER A 109 9.49 0.52 -16.51
N PRO A 110 10.01 1.65 -16.00
CA PRO A 110 11.17 1.60 -15.10
C PRO A 110 10.92 0.60 -13.95
N ARG A 111 9.70 0.62 -13.41
CA ARG A 111 9.36 -0.28 -12.29
C ARG A 111 9.58 -1.76 -12.56
N PHE A 112 9.07 -2.25 -13.69
CA PHE A 112 9.22 -3.66 -14.01
C PHE A 112 10.59 -3.99 -14.55
N GLN A 113 11.31 -2.98 -15.01
CA GLN A 113 12.67 -3.20 -15.50
C GLN A 113 13.54 -3.39 -14.27
N VAL A 114 13.30 -2.58 -13.24
CA VAL A 114 14.01 -2.66 -11.97
C VAL A 114 13.57 -3.97 -11.27
N PHE A 115 12.31 -4.35 -11.45
CA PHE A 115 11.82 -5.58 -10.85
C PHE A 115 12.57 -6.77 -11.45
N GLY A 116 12.73 -6.76 -12.78
CA GLY A 116 13.44 -7.84 -13.43
C GLY A 116 14.87 -7.97 -12.94
N ALA A 117 15.58 -6.85 -12.87
CA ALA A 117 16.97 -6.83 -12.42
C ALA A 117 17.07 -7.30 -10.96
N ASP A 118 16.14 -6.83 -10.12
CA ASP A 118 16.10 -7.21 -8.70
C ASP A 118 15.75 -8.70 -8.54
N ALA A 119 14.78 -9.16 -9.32
CA ALA A 119 14.36 -10.55 -9.27
C ALA A 119 15.50 -11.46 -9.68
N MET A 120 16.15 -11.13 -10.79
CA MET A 120 17.27 -11.91 -11.28
C MET A 120 18.35 -12.07 -10.20
N ARG A 121 18.76 -10.95 -9.59
CA ARG A 121 19.79 -10.98 -8.55
C ARG A 121 19.38 -11.75 -7.29
N GLY A 122 18.12 -12.14 -7.21
CA GLY A 122 17.65 -12.89 -6.07
C GLY A 122 18.08 -14.34 -6.23
N PRO A 123 18.04 -15.13 -5.15
CA PRO A 123 18.43 -16.54 -5.16
C PRO A 123 17.77 -17.43 -6.24
N ARG A 124 16.57 -17.04 -6.68
CA ARG A 124 15.84 -17.83 -7.68
C ARG A 124 16.10 -17.41 -9.12
N GLY A 125 16.77 -16.27 -9.30
CA GLY A 125 17.09 -15.77 -10.62
C GLY A 125 15.96 -15.80 -11.63
N LEU A 126 16.23 -16.45 -12.77
CA LEU A 126 15.28 -16.58 -13.89
C LEU A 126 13.84 -16.89 -13.48
N LYS A 127 13.67 -17.80 -12.52
CA LYS A 127 12.32 -18.17 -12.07
C LYS A 127 11.65 -17.04 -11.30
N ALA A 128 12.46 -16.16 -10.73
CA ALA A 128 11.93 -15.04 -9.98
C ALA A 128 11.47 -13.93 -10.94
N VAL A 129 12.16 -13.85 -12.09
CA VAL A 129 11.86 -12.85 -13.11
C VAL A 129 10.49 -13.14 -13.75
N GLY A 130 10.30 -14.38 -14.20
CA GLY A 130 9.05 -14.74 -14.82
C GLY A 130 9.10 -14.44 -16.31
N PRO A 131 8.09 -14.86 -17.09
CA PRO A 131 8.02 -14.64 -18.54
C PRO A 131 7.21 -13.44 -19.04
N TYR A 132 6.96 -12.44 -18.19
CA TYR A 132 6.15 -11.30 -18.63
C TYR A 132 6.82 -9.93 -18.53
N VAL A 133 8.08 -9.90 -18.16
CA VAL A 133 8.76 -8.60 -18.02
C VAL A 133 9.11 -7.87 -19.32
N VAL A 134 9.35 -8.60 -20.41
CA VAL A 134 9.69 -7.96 -21.66
C VAL A 134 8.53 -7.10 -22.18
N THR A 135 7.33 -7.67 -22.26
CA THR A 135 6.18 -6.90 -22.75
C THR A 135 5.81 -5.76 -21.81
N LYS A 136 6.12 -5.93 -20.52
CA LYS A 136 5.83 -4.91 -19.54
C LYS A 136 6.87 -3.80 -19.56
N ALA A 137 8.13 -4.18 -19.78
CA ALA A 137 9.23 -3.22 -19.77
C ALA A 137 9.65 -2.65 -21.12
N MET A 138 9.35 -3.35 -22.23
CA MET A 138 9.75 -2.84 -23.53
C MET A 138 9.09 -1.48 -23.77
N ALA A 139 9.79 -0.60 -24.48
CA ALA A 139 9.29 0.75 -24.76
C ALA A 139 7.95 0.78 -25.52
N SER A 140 7.70 -0.21 -26.36
CA SER A 140 6.47 -0.25 -27.13
C SER A 140 5.30 -0.91 -26.40
N GLY A 141 5.49 -1.19 -25.11
CA GLY A 141 4.45 -1.83 -24.33
C GLY A 141 3.04 -1.26 -24.47
N VAL A 142 2.93 0.07 -24.44
CA VAL A 142 1.62 0.72 -24.54
C VAL A 142 0.87 0.38 -25.84
N SER A 143 1.59 0.33 -26.95
CA SER A 143 0.95 0.00 -28.22
C SER A 143 0.77 -1.51 -28.38
N ALA A 144 1.79 -2.27 -28.01
CA ALA A 144 1.73 -3.73 -28.10
C ALA A 144 0.60 -4.34 -27.29
N CYS A 145 0.40 -3.83 -26.08
CA CYS A 145 -0.61 -4.34 -25.16
C CYS A 145 -2.04 -3.92 -25.46
N LEU A 146 -2.19 -2.98 -26.39
CA LEU A 146 -3.52 -2.51 -26.77
C LEU A 146 -3.92 -3.10 -28.12
N ALA A 147 -3.00 -3.09 -29.07
CA ALA A 147 -3.25 -3.61 -30.41
C ALA A 147 -3.58 -5.08 -30.47
N THR A 148 -2.99 -5.87 -29.56
CA THR A 148 -3.25 -7.31 -29.54
C THR A 148 -4.64 -7.67 -29.00
N PRO A 149 -4.98 -7.21 -27.78
CA PRO A 149 -6.31 -7.56 -27.27
C PRO A 149 -7.49 -6.96 -28.05
N PHE A 150 -7.30 -5.77 -28.62
CA PHE A 150 -8.36 -5.12 -29.38
C PHE A 150 -8.39 -5.58 -30.83
N LYS A 151 -7.56 -6.57 -31.14
CA LYS A 151 -7.42 -7.17 -32.47
C LYS A 151 -7.25 -6.16 -33.60
N ILE A 152 -6.28 -5.26 -33.42
CA ILE A 152 -6.01 -4.26 -34.44
C ILE A 152 -5.21 -4.93 -35.56
N HIS A 153 -5.53 -4.58 -36.80
CA HIS A 153 -4.84 -5.14 -37.95
C HIS A 153 -4.07 -4.11 -38.77
N GLY A 154 -4.31 -2.82 -38.51
CA GLY A 154 -3.61 -1.78 -39.25
C GLY A 154 -2.25 -1.46 -38.66
N VAL A 155 -1.91 -0.17 -38.59
CA VAL A 155 -0.63 0.22 -38.03
C VAL A 155 -0.60 -0.16 -36.56
N ASN A 156 0.59 -0.48 -36.06
CA ASN A 156 0.75 -0.85 -34.67
C ASN A 156 2.19 -0.60 -34.23
N TYR A 157 2.39 0.52 -33.55
CA TYR A 157 3.71 0.89 -33.03
C TYR A 157 3.57 2.08 -32.11
N SER A 158 4.65 2.44 -31.43
CA SER A 158 4.63 3.56 -30.50
C SER A 158 5.54 4.68 -30.96
N ILE A 159 5.13 5.92 -30.70
CA ILE A 159 5.98 7.04 -31.00
C ILE A 159 6.43 7.43 -29.60
N SER A 160 7.70 7.71 -29.42
CA SER A 160 8.21 8.12 -28.12
C SER A 160 9.08 9.34 -28.31
N SER A 161 8.75 10.40 -27.57
CA SER A 161 9.49 11.64 -27.65
C SER A 161 9.46 12.36 -26.31
N ALA A 162 9.78 11.62 -25.26
CA ALA A 162 9.81 12.18 -23.92
C ALA A 162 8.47 12.79 -23.53
N CYS A 163 8.48 14.07 -23.14
CA CYS A 163 7.26 14.72 -22.72
C CYS A 163 6.37 15.22 -23.84
N ALA A 164 6.61 14.70 -25.05
CA ALA A 164 5.82 15.08 -26.20
C ALA A 164 5.33 13.83 -26.92
N THR A 165 5.62 12.65 -26.38
CA THR A 165 5.24 11.41 -27.04
C THR A 165 3.79 11.24 -27.51
N SER A 166 2.81 11.36 -26.61
CA SER A 166 1.42 11.16 -27.04
C SER A 166 0.91 12.26 -28.00
N ALA A 167 1.59 13.40 -28.04
CA ALA A 167 1.18 14.46 -28.95
C ALA A 167 1.64 14.07 -30.36
N HIS A 168 2.87 13.55 -30.46
CA HIS A 168 3.45 13.11 -31.73
C HIS A 168 2.69 11.88 -32.19
N CYS A 169 2.12 11.14 -31.23
CA CYS A 169 1.35 9.94 -31.52
C CYS A 169 0.09 10.32 -32.28
N ILE A 170 -0.58 11.37 -31.81
CA ILE A 170 -1.82 11.83 -32.45
C ILE A 170 -1.51 12.42 -33.83
N GLY A 171 -0.44 13.22 -33.90
CA GLY A 171 -0.06 13.82 -35.16
C GLY A 171 0.24 12.78 -36.23
N ASN A 172 0.89 11.70 -35.81
CA ASN A 172 1.25 10.60 -36.72
C ASN A 172 0.01 9.88 -37.20
N ALA A 173 -0.98 9.79 -36.32
CA ALA A 173 -2.24 9.13 -36.62
C ALA A 173 -2.93 9.94 -37.72
N VAL A 174 -2.89 11.27 -37.60
CA VAL A 174 -3.48 12.16 -38.59
C VAL A 174 -2.82 11.93 -39.95
N GLU A 175 -1.50 11.81 -39.98
CA GLU A 175 -0.78 11.59 -41.21
C GLU A 175 -1.16 10.26 -41.87
N GLN A 176 -1.55 9.28 -41.06
CA GLN A 176 -1.96 8.00 -41.59
C GLN A 176 -3.26 8.17 -42.37
N ILE A 177 -4.14 9.03 -41.85
CA ILE A 177 -5.42 9.32 -42.50
C ILE A 177 -5.15 10.14 -43.76
N GLN A 178 -4.26 11.12 -43.65
CA GLN A 178 -3.93 11.97 -44.79
C GLN A 178 -3.31 11.17 -45.93
N LEU A 179 -2.47 10.19 -45.60
CA LEU A 179 -1.82 9.36 -46.60
C LEU A 179 -2.81 8.32 -47.13
N GLY A 180 -4.05 8.39 -46.66
CA GLY A 180 -5.08 7.47 -47.09
C GLY A 180 -4.82 6.01 -46.73
N LYS A 181 -3.93 5.78 -45.76
CA LYS A 181 -3.59 4.43 -45.33
C LYS A 181 -4.56 3.84 -44.32
N GLN A 182 -5.15 4.70 -43.48
CA GLN A 182 -6.09 4.25 -42.44
C GLN A 182 -7.37 5.08 -42.40
N ASP A 183 -8.46 4.45 -41.98
CA ASP A 183 -9.75 5.14 -41.84
C ASP A 183 -9.86 5.60 -40.39
N ILE A 184 -9.34 4.76 -39.49
CA ILE A 184 -9.34 5.04 -38.06
C ILE A 184 -8.02 4.63 -37.42
N VAL A 185 -7.55 5.46 -36.48
CA VAL A 185 -6.34 5.17 -35.74
C VAL A 185 -6.56 5.66 -34.31
N PHE A 186 -6.44 4.74 -33.36
CA PHE A 186 -6.58 5.07 -31.94
C PHE A 186 -5.22 5.63 -31.53
N ALA A 187 -5.20 6.89 -31.07
CA ALA A 187 -3.95 7.53 -30.69
C ALA A 187 -3.93 8.05 -29.26
N GLY A 188 -2.75 8.05 -28.65
CA GLY A 188 -2.62 8.52 -27.28
C GLY A 188 -1.42 7.91 -26.58
N GLY A 189 -1.59 7.59 -25.31
CA GLY A 189 -0.49 7.01 -24.57
C GLY A 189 -0.75 6.83 -23.09
N GLY A 190 0.30 6.46 -22.36
CA GLY A 190 0.17 6.26 -20.93
C GLY A 190 1.53 6.36 -20.26
N GLU A 191 1.50 6.50 -18.94
CA GLU A 191 2.73 6.60 -18.15
C GLU A 191 2.46 6.10 -16.75
N GLU A 192 3.35 5.28 -16.23
CA GLU A 192 3.21 4.78 -14.87
C GLU A 192 3.77 5.84 -13.91
N LEU A 193 3.43 5.72 -12.64
CA LEU A 193 3.88 6.65 -11.60
C LEU A 193 4.67 5.82 -10.59
N CYS A 194 5.96 6.10 -10.44
CA CYS A 194 6.81 5.34 -9.52
C CYS A 194 8.05 6.10 -9.11
N TRP A 195 8.54 5.83 -7.90
CA TRP A 195 9.75 6.50 -7.41
C TRP A 195 10.93 6.12 -8.32
N GLU A 196 10.92 4.89 -8.84
CA GLU A 196 11.98 4.40 -9.71
C GLU A 196 12.33 5.40 -10.79
N MET A 197 11.29 5.94 -11.41
CA MET A 197 11.46 6.91 -12.48
C MET A 197 11.49 8.33 -11.92
N ALA A 198 10.57 8.61 -10.99
CA ALA A 198 10.46 9.93 -10.38
C ALA A 198 11.75 10.39 -9.73
N CYS A 199 12.49 9.45 -9.14
CA CYS A 199 13.74 9.75 -8.47
C CYS A 199 14.81 10.30 -9.41
N GLU A 200 14.69 9.93 -10.70
CA GLU A 200 15.64 10.38 -11.70
C GLU A 200 15.44 11.84 -12.09
N PHE A 201 14.20 12.31 -11.99
CA PHE A 201 13.88 13.70 -12.32
C PHE A 201 14.28 14.58 -11.14
N ASP A 202 14.06 14.05 -9.94
CA ASP A 202 14.41 14.75 -8.71
C ASP A 202 15.93 14.91 -8.71
N ALA A 203 16.64 13.86 -9.11
CA ALA A 203 18.10 13.85 -9.17
C ALA A 203 18.65 14.94 -10.09
N MET A 204 17.87 15.38 -11.06
CA MET A 204 18.31 16.43 -11.97
C MET A 204 17.62 17.77 -11.60
N GLY A 205 16.97 17.78 -10.44
CA GLY A 205 16.30 18.97 -9.94
C GLY A 205 15.10 19.45 -10.72
N ALA A 206 14.45 18.57 -11.48
CA ALA A 206 13.31 18.95 -12.30
C ALA A 206 11.96 19.01 -11.56
N LEU A 207 11.89 18.35 -10.41
CA LEU A 207 10.66 18.29 -9.62
C LEU A 207 10.54 19.31 -8.50
N SER A 208 9.31 19.66 -8.15
CA SER A 208 9.02 20.61 -7.09
C SER A 208 9.35 19.97 -5.72
N THR A 209 9.95 20.74 -4.83
CA THR A 209 10.32 20.23 -3.52
C THR A 209 9.97 21.14 -2.34
N LYS A 210 9.56 22.37 -2.61
CA LYS A 210 9.23 23.31 -1.53
C LYS A 210 7.78 23.40 -1.08
N TYR A 211 6.89 22.58 -1.63
CA TYR A 211 5.48 22.65 -1.24
C TYR A 211 4.91 21.30 -0.81
N ASN A 212 5.75 20.43 -0.27
CA ASN A 212 5.30 19.12 0.14
C ASN A 212 4.22 19.17 1.22
N ASP A 213 4.23 20.24 2.02
CA ASP A 213 3.25 20.41 3.09
C ASP A 213 1.90 20.82 2.53
N THR A 214 1.90 21.40 1.33
CA THR A 214 0.69 21.85 0.64
C THR A 214 0.76 21.33 -0.79
N PRO A 215 0.51 20.02 -1.00
CA PRO A 215 0.56 19.38 -2.31
C PRO A 215 -0.21 20.09 -3.43
N GLU A 216 -1.42 20.55 -3.13
CA GLU A 216 -2.24 21.21 -4.13
C GLU A 216 -1.70 22.56 -4.58
N LYS A 217 -0.66 23.06 -3.93
CA LYS A 217 -0.08 24.34 -4.30
C LYS A 217 1.30 24.18 -4.93
N ALA A 218 1.80 22.95 -4.97
CA ALA A 218 3.12 22.66 -5.54
C ALA A 218 3.23 23.02 -7.03
N SER A 219 2.24 22.60 -7.81
CA SER A 219 2.19 22.90 -9.25
C SER A 219 1.61 24.30 -9.45
N ARG A 220 2.47 25.26 -9.80
CA ARG A 220 2.05 26.64 -9.93
C ARG A 220 2.64 27.32 -11.17
N THR A 221 2.28 26.83 -12.35
CA THR A 221 2.78 27.40 -13.61
C THR A 221 2.62 28.92 -13.66
N TYR A 222 3.69 29.61 -14.05
CA TYR A 222 3.72 31.07 -14.18
C TYR A 222 3.83 31.83 -12.85
N ASP A 223 3.71 31.13 -11.73
CA ASP A 223 3.84 31.80 -10.44
C ASP A 223 5.31 32.13 -10.19
N ALA A 224 5.57 33.30 -9.65
CA ALA A 224 6.94 33.75 -9.38
C ALA A 224 7.73 32.78 -8.51
N HIS A 225 7.05 31.94 -7.73
CA HIS A 225 7.75 31.01 -6.87
C HIS A 225 7.62 29.53 -7.21
N ARG A 226 7.37 29.25 -8.48
CA ARG A 226 7.28 27.88 -8.96
C ARG A 226 8.69 27.30 -8.77
N ASP A 227 8.79 25.99 -8.58
CA ASP A 227 10.11 25.38 -8.39
C ASP A 227 10.25 23.97 -8.96
N GLY A 228 9.70 23.75 -10.15
CA GLY A 228 9.78 22.44 -10.77
C GLY A 228 8.41 21.82 -10.93
N PHE A 229 8.27 20.87 -11.84
CA PHE A 229 6.98 20.24 -12.08
C PHE A 229 6.65 19.13 -11.09
N VAL A 230 5.37 18.79 -11.03
CA VAL A 230 4.89 17.73 -10.16
C VAL A 230 4.60 16.52 -11.04
N ILE A 231 5.39 15.47 -10.88
CA ILE A 231 5.24 14.26 -11.67
C ILE A 231 3.86 13.62 -11.49
N ALA A 232 3.34 13.03 -12.56
CA ALA A 232 2.03 12.40 -12.53
C ALA A 232 1.97 11.19 -13.46
N GLY A 233 0.90 10.42 -13.32
CA GLY A 233 0.72 9.24 -14.15
C GLY A 233 -0.71 9.15 -14.67
N GLY A 234 -0.93 8.26 -15.63
CA GLY A 234 -2.27 8.12 -16.18
C GLY A 234 -2.24 7.82 -17.67
N GLY A 235 -3.40 7.92 -18.31
CA GLY A 235 -3.48 7.64 -19.72
C GLY A 235 -4.51 8.48 -20.47
N GLY A 236 -4.40 8.45 -21.79
CA GLY A 236 -5.32 9.20 -22.63
C GLY A 236 -5.39 8.52 -23.99
N MET A 237 -6.54 8.62 -24.65
CA MET A 237 -6.73 8.00 -25.95
C MET A 237 -7.84 8.68 -26.73
N VAL A 238 -7.59 8.97 -27.99
CA VAL A 238 -8.59 9.60 -28.84
C VAL A 238 -8.72 8.78 -30.14
N VAL A 239 -9.90 8.85 -30.76
CA VAL A 239 -10.14 8.15 -32.01
C VAL A 239 -9.95 9.16 -33.16
N VAL A 240 -8.87 8.98 -33.92
CA VAL A 240 -8.60 9.84 -35.07
C VAL A 240 -9.24 9.12 -36.25
N GLU A 241 -10.19 9.80 -36.90
CA GLU A 241 -10.93 9.21 -38.00
C GLU A 241 -10.97 10.08 -39.24
N GLU A 242 -11.02 9.45 -40.42
CA GLU A 242 -11.08 10.20 -41.65
C GLU A 242 -12.47 10.83 -41.67
N LEU A 243 -12.56 12.07 -42.12
CA LEU A 243 -13.82 12.81 -42.14
C LEU A 243 -15.04 12.12 -42.78
N GLU A 244 -14.90 11.71 -44.03
CA GLU A 244 -16.00 11.05 -44.75
C GLU A 244 -16.49 9.81 -44.03
N HIS A 245 -15.54 9.00 -43.58
CA HIS A 245 -15.87 7.76 -42.87
C HIS A 245 -16.75 8.06 -41.68
N ALA A 246 -16.34 9.09 -40.92
CA ALA A 246 -17.04 9.56 -39.73
C ALA A 246 -18.45 10.08 -40.06
N LEU A 247 -18.53 11.03 -41.00
CA LEU A 247 -19.83 11.57 -41.37
C LEU A 247 -20.79 10.44 -41.82
N ALA A 248 -20.28 9.52 -42.64
CA ALA A 248 -21.05 8.40 -43.15
C ALA A 248 -21.67 7.50 -42.11
N ARG A 249 -21.03 7.35 -40.95
CA ARG A 249 -21.57 6.51 -39.89
C ARG A 249 -22.34 7.29 -38.83
N GLY A 250 -22.49 8.59 -39.03
CA GLY A 250 -23.22 9.40 -38.07
C GLY A 250 -22.45 9.51 -36.77
N ALA A 251 -21.13 9.53 -36.88
CA ALA A 251 -20.26 9.66 -35.72
C ALA A 251 -20.36 11.04 -35.08
N HIS A 252 -20.09 11.11 -33.78
CA HIS A 252 -20.09 12.38 -33.09
C HIS A 252 -18.67 12.93 -33.28
N ILE A 253 -18.56 14.15 -33.79
CA ILE A 253 -17.26 14.75 -34.06
C ILE A 253 -16.98 15.94 -33.13
N TYR A 254 -15.95 15.80 -32.29
CA TYR A 254 -15.60 16.88 -31.37
C TYR A 254 -15.00 18.03 -32.18
N ALA A 255 -14.10 17.67 -33.08
CA ALA A 255 -13.44 18.67 -33.92
C ALA A 255 -12.54 18.00 -34.93
N GLU A 256 -11.95 18.83 -35.78
CA GLU A 256 -11.03 18.37 -36.80
C GLU A 256 -9.61 18.82 -36.39
N ILE A 257 -8.61 17.99 -36.67
CA ILE A 257 -7.24 18.39 -36.35
C ILE A 257 -6.73 19.13 -37.58
N VAL A 258 -6.84 20.45 -37.55
CA VAL A 258 -6.45 21.32 -38.66
C VAL A 258 -4.96 21.68 -38.71
N GLY A 259 -4.21 21.35 -37.66
CA GLY A 259 -2.79 21.67 -37.64
C GLY A 259 -1.98 20.74 -36.78
N TYR A 260 -0.78 20.41 -37.25
CA TYR A 260 0.11 19.54 -36.51
C TYR A 260 1.56 19.93 -36.79
N GLY A 261 2.23 20.41 -35.76
CA GLY A 261 3.62 20.80 -35.90
C GLY A 261 4.51 19.83 -35.14
N ALA A 262 5.67 19.55 -35.71
CA ALA A 262 6.64 18.65 -35.11
C ALA A 262 8.01 19.15 -35.55
N THR A 263 8.74 19.78 -34.64
CA THR A 263 10.05 20.31 -34.96
C THR A 263 11.12 19.86 -33.98
N SER A 264 12.33 20.34 -34.19
CA SER A 264 13.48 19.98 -33.38
C SER A 264 14.32 21.21 -33.06
N ASP A 265 14.80 21.31 -31.82
CA ASP A 265 15.61 22.44 -31.38
C ASP A 265 17.05 22.34 -31.90
N GLY A 266 17.61 21.14 -31.82
CA GLY A 266 18.98 20.91 -32.26
C GLY A 266 19.93 21.82 -31.49
N ALA A 267 19.67 21.97 -30.20
CA ALA A 267 20.49 22.81 -29.36
C ALA A 267 20.81 22.20 -28.02
N ASP A 268 19.78 22.04 -27.19
CA ASP A 268 19.95 21.54 -25.84
C ASP A 268 19.24 20.26 -25.43
N MET A 269 19.89 19.47 -24.58
CA MET A 269 19.29 18.26 -24.03
C MET A 269 18.67 18.84 -22.75
N VAL A 270 17.53 18.32 -22.31
CA VAL A 270 16.90 18.82 -21.08
C VAL A 270 16.57 20.33 -20.93
N ALA A 271 16.89 21.15 -21.92
CA ALA A 271 16.58 22.59 -21.86
C ALA A 271 16.00 23.10 -23.18
N PRO A 272 14.83 23.77 -23.13
CA PRO A 272 14.15 24.31 -24.32
C PRO A 272 14.73 25.58 -24.94
N SER A 273 14.83 25.59 -26.26
CA SER A 273 15.31 26.74 -27.01
C SER A 273 14.07 27.30 -27.70
N GLY A 274 13.55 28.39 -27.15
CA GLY A 274 12.34 28.99 -27.69
C GLY A 274 12.09 28.94 -29.18
N GLU A 275 13.15 29.00 -29.99
CA GLU A 275 13.03 29.01 -31.45
C GLU A 275 12.40 27.77 -32.06
N GLY A 276 12.69 26.60 -31.52
CA GLY A 276 12.12 25.38 -32.05
C GLY A 276 10.61 25.37 -31.89
N ALA A 277 10.16 25.89 -30.76
CA ALA A 277 8.74 25.96 -30.43
C ALA A 277 8.02 26.95 -31.34
N VAL A 278 8.69 28.04 -31.68
CA VAL A 278 8.11 29.05 -32.56
C VAL A 278 7.82 28.42 -33.92
N ARG A 279 8.78 27.67 -34.44
CA ARG A 279 8.60 27.02 -35.73
C ARG A 279 7.50 25.95 -35.63
N CYS A 280 7.47 25.24 -34.50
CA CYS A 280 6.47 24.18 -34.29
C CYS A 280 5.04 24.73 -34.33
N MET A 281 4.80 25.80 -33.58
CA MET A 281 3.49 26.43 -33.52
C MET A 281 3.12 27.01 -34.87
N LYS A 282 4.06 27.71 -35.50
CA LYS A 282 3.85 28.30 -36.81
C LYS A 282 3.47 27.22 -37.81
N MET A 283 4.16 26.08 -37.73
CA MET A 283 3.91 24.95 -38.61
C MET A 283 2.50 24.42 -38.45
N ALA A 284 2.01 24.39 -37.21
CA ALA A 284 0.67 23.91 -36.91
C ALA A 284 -0.41 24.90 -37.38
N MET A 285 -0.08 26.19 -37.40
CA MET A 285 -1.03 27.22 -37.81
C MET A 285 -1.08 27.46 -39.32
N HIS A 286 -0.18 26.82 -40.07
CA HIS A 286 -0.14 27.01 -41.50
C HIS A 286 -1.39 26.51 -42.17
N GLY A 287 -2.12 27.44 -42.79
CA GLY A 287 -3.34 27.07 -43.49
C GLY A 287 -4.60 27.25 -42.67
N VAL A 288 -4.45 27.47 -41.36
CA VAL A 288 -5.62 27.66 -40.50
C VAL A 288 -6.08 29.10 -40.67
N ASP A 289 -7.20 29.28 -41.34
CA ASP A 289 -7.73 30.61 -41.62
C ASP A 289 -8.53 31.25 -40.50
N THR A 290 -8.48 30.64 -39.31
CA THR A 290 -9.17 31.17 -38.14
C THR A 290 -8.18 31.38 -37.00
N PRO A 291 -8.40 32.40 -36.17
CA PRO A 291 -7.49 32.66 -35.05
C PRO A 291 -7.56 31.59 -33.96
N ILE A 292 -6.52 31.52 -33.14
CA ILE A 292 -6.45 30.58 -32.02
C ILE A 292 -7.16 31.25 -30.83
N ASP A 293 -8.25 30.64 -30.36
CA ASP A 293 -9.03 31.19 -29.26
C ASP A 293 -8.52 30.83 -27.87
N TYR A 294 -7.93 29.65 -27.75
CA TYR A 294 -7.40 29.22 -26.48
C TYR A 294 -6.16 28.37 -26.70
N LEU A 295 -5.14 28.61 -25.90
CA LEU A 295 -3.90 27.86 -26.00
C LEU A 295 -3.59 27.12 -24.69
N ASN A 296 -3.61 25.79 -24.75
CA ASN A 296 -3.28 24.95 -23.61
C ASN A 296 -1.77 24.79 -23.68
N SER A 297 -1.05 25.54 -22.85
CA SER A 297 0.41 25.50 -22.85
C SER A 297 1.02 24.25 -22.24
N HIS A 298 2.30 24.02 -22.53
CA HIS A 298 3.00 22.86 -21.97
C HIS A 298 3.26 23.19 -20.50
N GLY A 299 3.43 24.48 -20.21
CA GLY A 299 3.67 24.99 -18.87
C GLY A 299 3.71 23.98 -17.74
N THR A 300 4.89 23.43 -17.50
CA THR A 300 5.08 22.43 -16.46
C THR A 300 5.34 22.96 -15.03
N SER A 301 5.55 24.27 -14.90
CA SER A 301 5.81 24.91 -13.61
C SER A 301 7.29 24.92 -13.25
N THR A 302 8.13 25.03 -14.26
CA THR A 302 9.57 25.07 -14.06
C THR A 302 10.05 26.48 -14.38
N PRO A 303 11.05 26.97 -13.63
CA PRO A 303 11.61 28.32 -13.82
C PRO A 303 11.92 28.71 -15.29
N VAL A 304 12.78 27.93 -15.95
CA VAL A 304 13.14 28.21 -17.32
C VAL A 304 12.07 27.87 -18.36
N GLY A 305 11.53 26.66 -18.28
CA GLY A 305 10.53 26.20 -19.22
C GLY A 305 9.32 27.11 -19.43
N ASP A 306 8.63 27.42 -18.33
CA ASP A 306 7.45 28.27 -18.38
C ASP A 306 7.60 29.52 -19.24
N VAL A 307 8.59 30.35 -18.93
CA VAL A 307 8.76 31.61 -19.66
C VAL A 307 9.37 31.51 -21.06
N LYS A 308 10.03 30.40 -21.33
CA LYS A 308 10.63 30.18 -22.64
C LYS A 308 9.52 29.94 -23.66
N GLU A 309 8.52 29.16 -23.25
CA GLU A 309 7.39 28.90 -24.13
C GLU A 309 6.60 30.19 -24.32
N LEU A 310 6.53 31.01 -23.27
CA LEU A 310 5.82 32.27 -23.33
C LEU A 310 6.51 33.19 -24.34
N ALA A 311 7.84 33.27 -24.27
CA ALA A 311 8.59 34.10 -25.20
C ALA A 311 8.29 33.57 -26.60
N ALA A 312 8.20 32.24 -26.72
CA ALA A 312 7.91 31.61 -28.00
C ALA A 312 6.52 32.04 -28.48
N ILE A 313 5.56 32.01 -27.55
CA ILE A 313 4.19 32.38 -27.87
C ILE A 313 4.12 33.84 -28.27
N ARG A 314 4.70 34.73 -27.48
CA ARG A 314 4.69 36.15 -27.80
C ARG A 314 5.28 36.42 -29.18
N GLU A 315 6.33 35.68 -29.53
CA GLU A 315 6.99 35.83 -30.82
C GLU A 315 6.12 35.34 -31.98
N VAL A 316 5.32 34.32 -31.71
CA VAL A 316 4.45 33.77 -32.73
C VAL A 316 3.22 34.66 -32.94
N PHE A 317 2.44 34.88 -31.88
CA PHE A 317 1.22 35.69 -31.98
C PHE A 317 1.43 37.19 -31.82
N GLY A 318 2.60 37.58 -31.33
CA GLY A 318 2.87 39.00 -31.15
C GLY A 318 1.73 39.71 -30.44
N ASP A 319 1.32 40.84 -30.99
CA ASP A 319 0.23 41.62 -30.42
C ASP A 319 -0.91 40.70 -29.99
N LYS A 320 -1.78 40.33 -30.93
CA LYS A 320 -2.95 39.47 -30.66
C LYS A 320 -2.66 38.03 -30.26
N SER A 321 -2.47 37.81 -28.96
CA SER A 321 -2.20 36.47 -28.44
C SER A 321 -3.51 35.86 -27.94
N PRO A 322 -3.58 34.51 -27.85
CA PRO A 322 -4.79 33.84 -27.38
C PRO A 322 -4.87 33.72 -25.85
N ALA A 323 -6.03 33.29 -25.36
CA ALA A 323 -6.21 33.10 -23.93
C ALA A 323 -5.35 31.88 -23.61
N ILE A 324 -4.59 31.96 -22.51
CA ILE A 324 -3.72 30.85 -22.13
C ILE A 324 -3.96 30.35 -20.72
N SER A 325 -3.71 29.06 -20.52
CA SER A 325 -3.86 28.46 -19.21
C SER A 325 -3.09 27.14 -19.20
N ALA A 326 -2.33 26.92 -18.12
CA ALA A 326 -1.54 25.70 -17.97
C ALA A 326 -2.31 24.74 -17.05
N THR A 327 -3.00 23.77 -17.63
CA THR A 327 -3.77 22.83 -16.82
C THR A 327 -2.91 21.92 -15.94
N LYS A 328 -1.60 21.98 -16.10
CA LYS A 328 -0.69 21.17 -15.30
C LYS A 328 -0.68 21.65 -13.85
N ALA A 329 -1.06 22.91 -13.64
CA ALA A 329 -1.11 23.48 -12.30
C ALA A 329 -2.16 22.71 -11.48
N MET A 330 -3.07 22.06 -12.19
CA MET A 330 -4.15 21.27 -11.58
C MET A 330 -3.82 19.78 -11.58
N THR A 331 -3.43 19.29 -12.75
CA THR A 331 -3.16 17.88 -13.00
C THR A 331 -1.76 17.31 -12.75
N GLY A 332 -0.73 18.15 -12.81
CA GLY A 332 0.62 17.63 -12.65
C GLY A 332 1.12 17.27 -14.06
N HIS A 333 2.33 16.73 -14.15
CA HIS A 333 2.94 16.37 -15.43
C HIS A 333 3.00 14.86 -15.65
N SER A 334 2.09 14.31 -16.45
CA SER A 334 2.05 12.89 -16.72
C SER A 334 3.07 12.43 -17.78
N LEU A 335 4.03 13.32 -18.07
CA LEU A 335 5.09 13.04 -19.02
C LEU A 335 4.61 12.58 -20.40
N GLY A 336 4.82 11.31 -20.71
CA GLY A 336 4.41 10.77 -22.00
C GLY A 336 2.92 10.84 -22.27
N ALA A 337 2.10 10.87 -21.21
CA ALA A 337 0.65 10.92 -21.35
C ALA A 337 0.11 12.36 -21.37
N ALA A 338 0.99 13.32 -21.10
CA ALA A 338 0.61 14.72 -21.05
C ALA A 338 -0.04 15.23 -22.35
N GLY A 339 0.59 14.92 -23.48
CA GLY A 339 0.09 15.37 -24.77
C GLY A 339 -1.34 15.00 -25.11
N VAL A 340 -1.69 13.72 -24.97
CA VAL A 340 -3.04 13.24 -25.29
C VAL A 340 -4.09 13.68 -24.26
N GLN A 341 -3.70 13.74 -22.99
CA GLN A 341 -4.62 14.16 -21.93
C GLN A 341 -4.96 15.63 -22.10
N GLU A 342 -3.96 16.44 -22.40
CA GLU A 342 -4.15 17.88 -22.58
C GLU A 342 -4.90 18.19 -23.87
N ALA A 343 -4.79 17.31 -24.85
CA ALA A 343 -5.53 17.48 -26.10
C ALA A 343 -7.00 17.24 -25.74
N ILE A 344 -7.23 16.28 -24.83
CA ILE A 344 -8.56 15.95 -24.37
C ILE A 344 -9.16 17.09 -23.54
N TYR A 345 -8.35 17.74 -22.70
CA TYR A 345 -8.85 18.86 -21.91
C TYR A 345 -9.27 19.97 -22.86
N SER A 346 -8.49 20.16 -23.91
CA SER A 346 -8.75 21.18 -24.92
C SER A 346 -10.04 20.85 -25.68
N LEU A 347 -10.22 19.58 -26.02
CA LEU A 347 -11.42 19.13 -26.71
C LEU A 347 -12.66 19.34 -25.83
N LEU A 348 -12.50 19.10 -24.53
CA LEU A 348 -13.60 19.27 -23.59
C LEU A 348 -13.97 20.74 -23.45
N MET A 349 -12.98 21.61 -23.51
CA MET A 349 -13.22 23.04 -23.40
C MET A 349 -13.91 23.53 -24.68
N LEU A 350 -13.50 22.98 -25.83
CA LEU A 350 -14.08 23.33 -27.12
C LEU A 350 -15.52 22.84 -27.16
N GLU A 351 -15.70 21.60 -26.71
CA GLU A 351 -17.00 20.95 -26.68
C GLU A 351 -17.97 21.53 -25.66
N HIS A 352 -17.45 22.19 -24.63
CA HIS A 352 -18.34 22.75 -23.61
C HIS A 352 -18.27 24.26 -23.46
N GLY A 353 -17.57 24.91 -24.39
CA GLY A 353 -17.45 26.35 -24.38
C GLY A 353 -16.96 27.03 -23.11
N PHE A 354 -15.78 26.65 -22.63
CA PHE A 354 -15.21 27.26 -21.43
C PHE A 354 -13.70 27.13 -21.44
N ILE A 355 -13.04 28.00 -20.67
CA ILE A 355 -11.58 27.97 -20.55
C ILE A 355 -11.22 27.58 -19.12
N ALA A 356 -10.50 26.48 -18.97
CA ALA A 356 -10.07 26.01 -17.66
C ALA A 356 -9.09 27.03 -17.07
N PRO A 357 -9.12 27.20 -15.75
CA PRO A 357 -8.22 28.16 -15.08
C PRO A 357 -6.77 27.73 -14.94
N SER A 358 -5.89 28.71 -14.90
CA SER A 358 -4.48 28.45 -14.69
C SER A 358 -4.40 28.76 -13.20
N ILE A 359 -4.41 27.72 -12.38
CA ILE A 359 -4.40 27.88 -10.93
C ILE A 359 -3.04 28.03 -10.25
N ASN A 360 -3.10 28.46 -8.98
CA ASN A 360 -1.93 28.63 -8.13
C ASN A 360 -0.98 29.78 -8.44
N ILE A 361 -1.44 30.78 -9.18
CA ILE A 361 -0.59 31.93 -9.49
C ILE A 361 -0.81 33.04 -8.44
N GLU A 362 -0.07 33.00 -7.33
CA GLU A 362 -0.20 34.02 -6.29
C GLU A 362 0.50 35.31 -6.71
N GLU A 363 1.56 35.15 -7.49
CA GLU A 363 2.34 36.28 -8.01
C GLU A 363 2.77 35.94 -9.42
N LEU A 364 2.14 36.58 -10.40
CA LEU A 364 2.44 36.35 -11.81
C LEU A 364 3.89 36.70 -12.17
N ASP A 365 4.58 35.78 -12.84
CA ASP A 365 5.95 36.02 -13.26
C ASP A 365 5.94 37.29 -14.11
N GLU A 366 6.95 38.12 -13.97
CA GLU A 366 6.99 39.36 -14.76
C GLU A 366 7.35 39.10 -16.22
N GLN A 367 7.64 37.84 -16.55
CA GLN A 367 7.96 37.46 -17.92
C GLN A 367 6.67 37.24 -18.72
N ALA A 368 5.60 36.86 -18.03
CA ALA A 368 4.31 36.63 -18.67
C ALA A 368 3.54 37.94 -18.62
N ALA A 369 4.03 38.93 -19.36
CA ALA A 369 3.43 40.26 -19.38
C ALA A 369 2.16 40.41 -20.21
N GLY A 370 2.27 41.11 -21.34
CA GLY A 370 1.13 41.36 -22.21
C GLY A 370 0.40 40.13 -22.75
N LEU A 371 0.34 39.09 -21.94
CA LEU A 371 -0.33 37.86 -22.34
C LEU A 371 -1.72 37.80 -21.70
N ASN A 372 -2.42 36.70 -21.95
CA ASN A 372 -3.77 36.52 -21.41
C ASN A 372 -3.85 35.18 -20.68
N ILE A 373 -3.21 35.08 -19.52
CA ILE A 373 -3.24 33.86 -18.73
C ILE A 373 -4.53 33.86 -17.90
N VAL A 374 -5.51 33.09 -18.37
CA VAL A 374 -6.78 32.99 -17.70
C VAL A 374 -6.59 32.26 -16.39
N THR A 375 -7.07 32.83 -15.30
CA THR A 375 -6.93 32.23 -13.98
C THR A 375 -8.28 31.96 -13.31
N GLU A 376 -9.34 32.03 -14.12
CA GLU A 376 -10.70 31.78 -13.64
C GLU A 376 -11.47 31.09 -14.76
N THR A 377 -12.22 30.05 -14.40
CA THR A 377 -13.02 29.32 -15.37
C THR A 377 -13.82 30.35 -16.12
N THR A 378 -13.64 30.42 -17.43
CA THR A 378 -14.33 31.43 -18.21
C THR A 378 -15.18 30.85 -19.34
N ASP A 379 -16.50 31.01 -19.21
CA ASP A 379 -17.45 30.55 -20.20
C ASP A 379 -17.24 31.34 -21.48
N ARG A 380 -16.89 30.65 -22.56
CA ARG A 380 -16.66 31.31 -23.83
C ARG A 380 -16.91 30.33 -24.96
N GLU A 381 -17.37 30.85 -26.08
CA GLU A 381 -17.65 30.07 -27.26
C GLU A 381 -16.33 29.94 -28.02
N LEU A 382 -15.68 28.79 -27.91
CA LEU A 382 -14.40 28.58 -28.58
C LEU A 382 -14.60 27.92 -29.94
N THR A 383 -13.66 28.13 -30.86
CA THR A 383 -13.75 27.54 -32.18
C THR A 383 -12.46 26.82 -32.56
N THR A 384 -11.33 27.47 -32.29
CA THR A 384 -10.03 26.90 -32.61
C THR A 384 -9.12 26.92 -31.37
N VAL A 385 -8.58 25.76 -31.02
CA VAL A 385 -7.70 25.62 -29.86
C VAL A 385 -6.33 25.02 -30.24
N MET A 386 -5.29 25.41 -29.50
CA MET A 386 -3.94 24.92 -29.74
C MET A 386 -3.35 24.29 -28.47
N SER A 387 -2.55 23.24 -28.63
CA SER A 387 -1.95 22.55 -27.49
C SER A 387 -0.47 22.25 -27.76
N ASN A 388 0.40 22.66 -26.84
CA ASN A 388 1.84 22.45 -26.99
C ASN A 388 2.41 21.36 -26.08
N SER A 389 3.37 20.61 -26.63
CA SER A 389 4.05 19.55 -25.90
C SER A 389 5.53 19.57 -26.25
N PHE A 390 6.38 19.65 -25.23
CA PHE A 390 7.83 19.67 -25.44
C PHE A 390 8.52 18.62 -24.58
N GLY A 391 9.64 18.09 -25.08
CA GLY A 391 10.36 17.08 -24.33
C GLY A 391 11.87 17.21 -24.43
N PHE A 392 12.58 16.50 -23.56
CA PHE A 392 14.05 16.52 -23.55
C PHE A 392 14.54 16.12 -24.94
N GLY A 393 15.74 16.58 -25.28
CA GLY A 393 16.28 16.28 -26.59
C GLY A 393 15.78 17.30 -27.61
N GLY A 394 15.15 18.36 -27.13
CA GLY A 394 14.63 19.40 -28.00
C GLY A 394 13.57 18.94 -28.99
N THR A 395 12.60 18.16 -28.51
CA THR A 395 11.53 17.66 -29.36
C THR A 395 10.24 18.43 -29.10
N ASN A 396 9.69 19.03 -30.15
CA ASN A 396 8.48 19.83 -30.04
C ASN A 396 7.31 19.32 -30.84
N ALA A 397 6.11 19.56 -30.31
CA ALA A 397 4.88 19.18 -30.97
C ALA A 397 3.74 20.12 -30.56
N THR A 398 2.90 20.48 -31.51
CA THR A 398 1.72 21.28 -31.20
C THR A 398 0.58 20.82 -32.10
N LEU A 399 -0.62 20.78 -31.54
CA LEU A 399 -1.80 20.35 -32.26
C LEU A 399 -2.82 21.49 -32.25
N VAL A 400 -3.48 21.69 -33.38
CA VAL A 400 -4.52 22.71 -33.50
C VAL A 400 -5.80 21.98 -33.88
N MET A 401 -6.81 22.12 -33.03
CA MET A 401 -8.09 21.46 -33.26
C MET A 401 -9.17 22.51 -33.47
N ARG A 402 -10.06 22.26 -34.42
CA ARG A 402 -11.13 23.22 -34.72
C ARG A 402 -12.48 22.55 -34.88
N LYS A 403 -13.53 23.27 -34.50
CA LYS A 403 -14.87 22.74 -34.66
C LYS A 403 -15.12 22.56 -36.15
N LEU A 404 -15.92 21.56 -36.52
CA LEU A 404 -16.24 21.30 -37.93
C LEU A 404 -17.42 22.18 -38.33
N LYS B 2 7.99 13.00 -53.33
CA LYS B 2 7.20 11.74 -53.36
C LYS B 2 8.03 10.45 -53.40
N ARG B 3 9.17 10.48 -54.06
CA ARG B 3 10.02 9.29 -54.12
C ARG B 3 11.16 9.42 -53.10
N ALA B 4 11.46 8.33 -52.39
CA ALA B 4 12.49 8.32 -51.35
C ALA B 4 13.60 7.34 -51.63
N VAL B 5 14.85 7.81 -51.53
CA VAL B 5 16.02 6.98 -51.78
C VAL B 5 17.02 7.02 -50.61
N ILE B 6 17.90 6.02 -50.56
CA ILE B 6 18.92 5.95 -49.51
C ILE B 6 20.22 6.48 -50.13
N THR B 7 20.80 7.49 -49.50
CA THR B 7 22.02 8.12 -50.00
C THR B 7 23.21 8.03 -49.05
N GLY B 8 23.09 7.22 -48.01
CA GLY B 8 24.18 7.05 -47.07
C GLY B 8 23.81 6.08 -45.98
N LEU B 9 24.81 5.39 -45.42
CA LEU B 9 24.55 4.45 -44.35
C LEU B 9 25.70 4.37 -43.34
N GLY B 10 25.35 4.05 -42.11
CA GLY B 10 26.33 3.93 -41.03
C GLY B 10 25.97 2.72 -40.21
N ILE B 11 26.96 2.03 -39.64
CA ILE B 11 26.66 0.84 -38.87
C ILE B 11 27.78 0.41 -37.90
N VAL B 12 27.36 0.03 -36.70
CA VAL B 12 28.25 -0.47 -35.65
C VAL B 12 27.57 -1.77 -35.24
N SER B 13 28.11 -2.90 -35.67
CA SER B 13 27.48 -4.18 -35.36
C SER B 13 28.44 -5.26 -34.90
N SER B 14 27.87 -6.42 -34.55
CA SER B 14 28.64 -7.56 -34.08
C SER B 14 29.57 -8.10 -35.15
N ILE B 15 29.27 -7.81 -36.43
CA ILE B 15 30.11 -8.29 -37.52
C ILE B 15 30.87 -7.16 -38.23
N GLY B 16 30.91 -5.97 -37.63
CA GLY B 16 31.63 -4.86 -38.25
C GLY B 16 31.37 -3.47 -37.70
N ASN B 17 32.41 -2.65 -37.64
CA ASN B 17 32.28 -1.29 -37.11
C ASN B 17 32.04 -0.24 -38.18
N ASN B 18 31.95 -0.70 -39.42
CA ASN B 18 31.68 0.16 -40.56
C ASN B 18 31.25 -0.76 -41.70
N GLN B 19 30.72 -0.17 -42.77
CA GLN B 19 30.23 -0.94 -43.92
C GLN B 19 31.25 -1.80 -44.66
N GLN B 20 32.52 -1.41 -44.63
CA GLN B 20 33.54 -2.23 -45.30
C GLN B 20 33.78 -3.51 -44.51
N GLU B 21 33.82 -3.40 -43.20
CA GLU B 21 34.03 -4.56 -42.34
C GLU B 21 32.82 -5.50 -42.42
N VAL B 22 31.63 -4.91 -42.42
CA VAL B 22 30.40 -5.67 -42.52
C VAL B 22 30.38 -6.43 -43.84
N LEU B 23 30.73 -5.73 -44.93
CA LEU B 23 30.78 -6.33 -46.26
C LEU B 23 31.58 -7.63 -46.24
N ALA B 24 32.82 -7.53 -45.76
CA ALA B 24 33.71 -8.69 -45.68
C ALA B 24 33.10 -9.80 -44.83
N SER B 25 32.56 -9.44 -43.66
CA SER B 25 31.96 -10.43 -42.77
C SER B 25 30.84 -11.17 -43.46
N LEU B 26 30.02 -10.42 -44.19
CA LEU B 26 28.88 -10.96 -44.90
C LEU B 26 29.28 -11.96 -46.00
N ARG B 27 30.26 -11.59 -46.82
CA ARG B 27 30.72 -12.47 -47.89
C ARG B 27 31.39 -13.71 -47.36
N GLU B 28 32.02 -13.60 -46.20
CA GLU B 28 32.72 -14.73 -45.60
C GLU B 28 31.84 -15.56 -44.67
N GLY B 29 30.60 -15.12 -44.46
CA GLY B 29 29.72 -15.85 -43.56
C GLY B 29 30.33 -15.92 -42.18
N ARG B 30 31.03 -14.85 -41.80
CA ARG B 30 31.71 -14.72 -40.52
C ARG B 30 30.76 -14.36 -39.37
N SER B 31 30.88 -15.14 -38.29
CA SER B 31 30.07 -14.98 -37.08
C SER B 31 30.49 -13.81 -36.18
N GLY B 32 29.52 -13.14 -35.57
CA GLY B 32 29.84 -12.04 -34.67
C GLY B 32 29.52 -12.43 -33.23
N ILE B 33 29.16 -13.70 -33.03
CA ILE B 33 28.80 -14.21 -31.72
C ILE B 33 29.97 -14.71 -30.89
N THR B 34 29.98 -14.33 -29.61
CA THR B 34 31.05 -14.72 -28.71
C THR B 34 30.49 -15.21 -27.37
N PHE B 35 31.36 -15.73 -26.51
CA PHE B 35 30.94 -16.17 -25.19
C PHE B 35 30.86 -14.92 -24.32
N SER B 36 29.84 -14.84 -23.48
CA SER B 36 29.69 -13.68 -22.60
C SER B 36 29.82 -14.08 -21.13
N GLN B 37 30.91 -13.66 -20.50
CA GLN B 37 31.13 -13.96 -19.09
C GLN B 37 30.10 -13.20 -18.25
N GLU B 38 29.75 -11.99 -18.69
CA GLU B 38 28.77 -11.18 -17.98
C GLU B 38 27.44 -11.90 -17.91
N LEU B 39 26.99 -12.48 -19.02
CA LEU B 39 25.72 -13.18 -19.05
C LEU B 39 25.78 -14.41 -18.15
N LYS B 40 26.93 -15.08 -18.09
CA LYS B 40 27.04 -16.26 -17.23
C LYS B 40 27.00 -15.85 -15.75
N ASP B 41 27.75 -14.83 -15.40
CA ASP B 41 27.82 -14.36 -14.02
C ASP B 41 26.48 -13.88 -13.51
N SER B 42 25.62 -13.45 -14.42
CA SER B 42 24.30 -12.94 -14.07
C SER B 42 23.33 -14.05 -13.66
N GLY B 43 23.66 -15.30 -13.99
CA GLY B 43 22.80 -16.43 -13.62
C GLY B 43 21.90 -16.92 -14.75
N MET B 44 22.14 -16.41 -15.97
CA MET B 44 21.34 -16.79 -17.13
C MET B 44 21.78 -18.15 -17.67
N ARG B 45 20.93 -18.73 -18.52
CA ARG B 45 21.23 -20.03 -19.14
C ARG B 45 21.85 -19.80 -20.52
N SER B 46 21.73 -18.59 -21.02
CA SER B 46 22.30 -18.21 -22.30
C SER B 46 23.58 -17.40 -22.04
N HIS B 47 24.72 -17.87 -22.54
CA HIS B 47 26.00 -17.18 -22.34
C HIS B 47 26.64 -16.72 -23.65
N VAL B 48 25.83 -16.60 -24.70
CA VAL B 48 26.33 -16.17 -26.01
C VAL B 48 25.89 -14.77 -26.38
N TRP B 49 26.82 -14.01 -26.96
CA TRP B 49 26.64 -12.59 -27.30
C TRP B 49 26.87 -12.21 -28.75
N GLY B 50 26.18 -11.16 -29.16
CA GLY B 50 26.35 -10.58 -30.48
C GLY B 50 26.84 -9.19 -30.07
N ASN B 51 28.08 -9.14 -29.60
CA ASN B 51 28.68 -7.90 -29.11
C ASN B 51 29.43 -7.03 -30.11
N VAL B 52 29.43 -5.73 -29.82
CA VAL B 52 30.12 -4.77 -30.65
C VAL B 52 31.55 -4.73 -30.12
N LYS B 53 32.50 -5.09 -30.97
CA LYS B 53 33.90 -5.12 -30.61
C LYS B 53 34.55 -3.80 -30.90
N LEU B 54 34.33 -2.85 -30.01
CA LEU B 54 34.88 -1.52 -30.14
C LEU B 54 34.70 -0.81 -28.80
N ASP B 55 35.77 -0.25 -28.27
CA ASP B 55 35.73 0.49 -27.01
C ASP B 55 35.32 1.90 -27.42
N THR B 56 34.10 2.29 -27.05
CA THR B 56 33.58 3.59 -27.43
C THR B 56 34.07 4.77 -26.61
N THR B 57 34.91 4.50 -25.63
CA THR B 57 35.45 5.53 -24.75
C THR B 57 36.17 6.62 -25.53
N GLY B 58 35.85 7.87 -25.23
CA GLY B 58 36.48 8.98 -25.93
C GLY B 58 36.08 9.11 -27.39
N LEU B 59 35.17 8.27 -27.87
CA LEU B 59 34.75 8.34 -29.27
C LEU B 59 33.76 9.49 -29.52
N ILE B 60 33.17 10.01 -28.44
CA ILE B 60 32.22 11.13 -28.53
C ILE B 60 32.62 12.21 -27.52
N ASP B 61 32.26 13.46 -27.83
CA ASP B 61 32.56 14.59 -26.97
C ASP B 61 32.08 14.28 -25.55
N ARG B 62 33.00 14.39 -24.59
CA ARG B 62 32.70 14.11 -23.19
C ARG B 62 31.45 14.84 -22.72
N LYS B 63 31.29 16.11 -23.13
CA LYS B 63 30.15 16.92 -22.77
C LYS B 63 28.87 16.38 -23.41
N VAL B 64 29.01 15.83 -24.60
CA VAL B 64 27.88 15.27 -25.34
C VAL B 64 27.50 13.88 -24.85
N VAL B 65 28.50 13.01 -24.73
CA VAL B 65 28.26 11.64 -24.31
C VAL B 65 27.71 11.50 -22.88
N ARG B 66 27.81 12.54 -22.08
CA ARG B 66 27.32 12.47 -20.70
C ARG B 66 25.82 12.23 -20.63
N PHE B 67 25.10 12.59 -21.69
CA PHE B 67 23.64 12.42 -21.72
C PHE B 67 23.21 11.10 -22.36
N MET B 68 24.17 10.38 -22.94
CA MET B 68 23.87 9.15 -23.65
C MET B 68 24.11 7.80 -23.00
N SER B 69 23.34 6.83 -23.48
CA SER B 69 23.47 5.45 -23.06
C SER B 69 24.04 4.73 -24.29
N ASP B 70 24.35 3.44 -24.15
CA ASP B 70 24.91 2.67 -25.25
C ASP B 70 24.12 2.68 -26.56
N ALA B 71 22.80 2.54 -26.47
CA ALA B 71 21.96 2.54 -27.66
C ALA B 71 22.17 3.84 -28.43
N SER B 72 22.21 4.96 -27.70
CA SER B 72 22.41 6.28 -28.30
C SER B 72 23.82 6.43 -28.86
N ILE B 73 24.81 5.90 -28.14
CA ILE B 73 26.19 5.97 -28.58
C ILE B 73 26.35 5.22 -29.89
N TYR B 74 25.77 4.03 -29.98
CA TYR B 74 25.85 3.21 -31.20
C TYR B 74 25.16 3.88 -32.39
N ALA B 75 24.01 4.50 -32.15
CA ALA B 75 23.27 5.17 -33.20
C ALA B 75 24.04 6.42 -33.64
N PHE B 76 24.61 7.12 -32.67
CA PHE B 76 25.36 8.35 -32.93
C PHE B 76 26.57 8.10 -33.85
N LEU B 77 27.35 7.08 -33.52
CA LEU B 77 28.52 6.75 -34.31
C LEU B 77 28.07 6.31 -35.71
N SER B 78 26.91 5.64 -35.79
CA SER B 78 26.35 5.17 -37.06
C SER B 78 25.89 6.34 -37.92
N MET B 79 25.29 7.34 -37.28
CA MET B 79 24.83 8.52 -37.99
C MET B 79 26.03 9.34 -38.44
N GLU B 80 27.16 9.21 -37.73
CA GLU B 80 28.37 9.94 -38.11
C GLU B 80 28.87 9.37 -39.43
N GLN B 81 28.84 8.05 -39.55
CA GLN B 81 29.27 7.37 -40.76
C GLN B 81 28.32 7.69 -41.93
N ALA B 82 27.02 7.67 -41.65
CA ALA B 82 26.00 7.94 -42.66
C ALA B 82 26.10 9.36 -43.25
N ILE B 83 26.44 10.33 -42.39
CA ILE B 83 26.58 11.72 -42.80
C ILE B 83 27.71 11.85 -43.78
N ALA B 84 28.86 11.29 -43.42
CA ALA B 84 30.05 11.32 -44.25
C ALA B 84 29.82 10.54 -45.54
N ASP B 85 29.28 9.34 -45.40
CA ASP B 85 28.98 8.48 -46.54
C ASP B 85 28.09 9.20 -47.56
N ALA B 86 27.06 9.88 -47.07
CA ALA B 86 26.13 10.62 -47.91
C ALA B 86 26.75 11.90 -48.49
N GLY B 87 27.98 12.21 -48.10
CA GLY B 87 28.63 13.42 -48.60
C GLY B 87 27.91 14.67 -48.15
N LEU B 88 27.28 14.62 -46.98
CA LEU B 88 26.54 15.78 -46.47
C LEU B 88 27.44 16.70 -45.63
N SER B 89 27.48 17.99 -45.97
CA SER B 89 28.30 18.94 -45.22
C SER B 89 27.42 19.55 -44.11
N PRO B 90 28.04 20.05 -43.03
CA PRO B 90 27.25 20.64 -41.94
C PRO B 90 26.22 21.66 -42.42
N GLU B 91 26.62 22.52 -43.34
CA GLU B 91 25.73 23.53 -43.89
C GLU B 91 24.59 22.93 -44.70
N ALA B 92 24.67 21.64 -45.00
CA ALA B 92 23.63 20.98 -45.79
C ALA B 92 22.52 20.33 -44.95
N TYR B 93 22.84 19.84 -43.76
CA TYR B 93 21.83 19.18 -42.92
C TYR B 93 21.54 19.82 -41.55
N GLN B 94 22.43 20.71 -41.11
CA GLN B 94 22.23 21.34 -39.81
C GLN B 94 21.38 22.60 -39.88
N ASN B 95 20.70 22.89 -38.77
CA ASN B 95 19.82 24.06 -38.66
C ASN B 95 18.98 24.21 -39.91
N ASN B 96 18.46 23.08 -40.35
CA ASN B 96 17.64 23.04 -41.55
C ASN B 96 16.28 22.41 -41.23
N PRO B 97 15.21 23.21 -41.26
CA PRO B 97 13.86 22.71 -40.98
C PRO B 97 13.38 21.52 -41.84
N ARG B 98 14.03 21.31 -42.98
CA ARG B 98 13.64 20.22 -43.88
C ARG B 98 14.46 18.95 -43.69
N VAL B 99 15.30 18.95 -42.66
CA VAL B 99 16.13 17.79 -42.34
C VAL B 99 15.67 17.28 -40.97
N GLY B 100 15.30 16.00 -40.92
CA GLY B 100 14.83 15.40 -39.68
C GLY B 100 15.57 14.16 -39.21
N LEU B 101 15.10 13.62 -38.08
CA LEU B 101 15.70 12.45 -37.45
C LEU B 101 14.64 11.55 -36.80
N ILE B 102 14.57 10.30 -37.22
CA ILE B 102 13.62 9.36 -36.65
C ILE B 102 14.38 8.07 -36.36
N ALA B 103 14.75 7.87 -35.11
CA ALA B 103 15.51 6.69 -34.70
C ALA B 103 15.09 6.26 -33.29
N GLY B 104 15.14 4.95 -33.03
CA GLY B 104 14.74 4.46 -31.73
C GLY B 104 15.39 3.15 -31.32
N SER B 105 14.95 2.63 -30.17
CA SER B 105 15.45 1.37 -29.64
C SER B 105 14.25 0.59 -29.14
N GLY B 106 14.44 -0.70 -28.91
CA GLY B 106 13.35 -1.52 -28.42
C GLY B 106 13.17 -1.41 -26.91
N GLY B 107 14.27 -1.21 -26.18
CA GLY B 107 14.17 -1.13 -24.74
C GLY B 107 14.74 0.09 -24.04
N GLY B 108 15.19 1.08 -24.80
CA GLY B 108 15.74 2.28 -24.17
C GLY B 108 17.03 1.96 -23.46
N SER B 109 17.02 2.03 -22.12
CA SER B 109 18.20 1.71 -21.35
C SER B 109 17.93 1.03 -20.02
N PRO B 110 17.65 -0.29 -20.04
CA PRO B 110 17.40 -1.00 -18.78
C PRO B 110 18.58 -0.88 -17.80
N ARG B 111 19.80 -0.84 -18.34
CA ARG B 111 20.99 -0.74 -17.50
C ARG B 111 20.98 0.52 -16.64
N PHE B 112 20.57 1.66 -17.22
CA PHE B 112 20.54 2.89 -16.46
C PHE B 112 19.26 3.04 -15.65
N GLN B 113 18.22 2.33 -16.06
CA GLN B 113 16.97 2.39 -15.31
C GLN B 113 17.32 1.69 -13.98
N VAL B 114 18.07 0.60 -14.11
CA VAL B 114 18.48 -0.20 -12.98
C VAL B 114 19.55 0.54 -12.18
N PHE B 115 20.44 1.26 -12.87
CA PHE B 115 21.49 2.01 -12.19
C PHE B 115 20.85 3.09 -11.33
N GLY B 116 19.88 3.80 -11.90
CA GLY B 116 19.20 4.85 -11.15
C GLY B 116 18.52 4.31 -9.89
N ALA B 117 17.77 3.21 -10.04
CA ALA B 117 17.06 2.60 -8.91
C ALA B 117 18.05 2.11 -7.87
N ASP B 118 19.10 1.43 -8.32
CA ASP B 118 20.11 0.92 -7.40
C ASP B 118 20.80 2.02 -6.62
N ALA B 119 21.14 3.11 -7.31
CA ALA B 119 21.79 4.26 -6.70
C ALA B 119 20.88 4.95 -5.68
N MET B 120 19.62 5.12 -6.03
CA MET B 120 18.67 5.80 -5.15
C MET B 120 18.59 5.15 -3.80
N ARG B 121 18.72 3.82 -3.80
CA ARG B 121 18.64 3.04 -2.58
C ARG B 121 19.93 2.84 -1.81
N GLY B 122 20.97 3.57 -2.19
CA GLY B 122 22.24 3.47 -1.50
C GLY B 122 22.39 4.57 -0.48
N PRO B 123 23.55 4.68 0.18
CA PRO B 123 23.75 5.73 1.18
C PRO B 123 23.87 7.16 0.62
N ARG B 124 24.01 7.29 -0.69
CA ARG B 124 24.13 8.62 -1.32
C ARG B 124 22.83 9.14 -1.95
N GLY B 125 21.89 8.25 -2.22
CA GLY B 125 20.61 8.67 -2.79
C GLY B 125 20.65 9.45 -4.09
N LEU B 126 19.99 10.61 -4.09
CA LEU B 126 19.91 11.44 -5.28
C LEU B 126 21.27 11.80 -5.85
N LYS B 127 22.23 12.09 -4.99
CA LYS B 127 23.57 12.45 -5.43
C LYS B 127 24.30 11.32 -6.14
N ALA B 128 23.92 10.07 -5.86
CA ALA B 128 24.54 8.91 -6.50
C ALA B 128 23.82 8.69 -7.83
N VAL B 129 22.56 9.06 -7.89
CA VAL B 129 21.78 8.94 -9.11
C VAL B 129 22.38 9.87 -10.17
N GLY B 130 22.51 11.16 -9.84
CA GLY B 130 23.07 12.11 -10.79
C GLY B 130 22.00 12.73 -11.68
N PRO B 131 22.34 13.75 -12.47
CA PRO B 131 21.38 14.42 -13.35
C PRO B 131 21.35 13.97 -14.83
N TYR B 132 21.84 12.77 -15.14
CA TYR B 132 21.84 12.33 -16.54
C TYR B 132 21.10 11.04 -16.83
N VAL B 133 20.41 10.49 -15.84
CA VAL B 133 19.71 9.23 -16.06
C VAL B 133 18.44 9.31 -16.91
N VAL B 134 17.73 10.44 -16.87
CA VAL B 134 16.52 10.56 -17.65
C VAL B 134 16.80 10.45 -19.15
N THR B 135 17.72 11.24 -19.66
CA THR B 135 18.03 11.21 -21.09
C THR B 135 18.65 9.87 -21.50
N LYS B 136 19.30 9.20 -20.56
CA LYS B 136 19.92 7.90 -20.84
C LYS B 136 18.90 6.79 -20.80
N ALA B 137 17.97 6.89 -19.86
CA ALA B 137 16.96 5.85 -19.68
C ALA B 137 15.63 6.06 -20.41
N MET B 138 15.29 7.29 -20.78
CA MET B 138 14.01 7.55 -21.46
C MET B 138 13.97 6.81 -22.80
N ALA B 139 12.79 6.33 -23.17
CA ALA B 139 12.65 5.57 -24.39
C ALA B 139 13.09 6.29 -25.66
N SER B 140 12.98 7.62 -25.68
CA SER B 140 13.36 8.39 -26.86
C SER B 140 14.82 8.79 -26.88
N GLY B 141 15.60 8.23 -25.96
CA GLY B 141 17.01 8.55 -25.89
C GLY B 141 17.78 8.54 -27.20
N VAL B 142 17.57 7.52 -28.01
CA VAL B 142 18.27 7.39 -29.29
C VAL B 142 18.04 8.56 -30.24
N SER B 143 16.80 9.06 -30.30
CA SER B 143 16.52 10.20 -31.17
C SER B 143 16.91 11.52 -30.50
N ALA B 144 16.63 11.66 -29.21
CA ALA B 144 16.95 12.87 -28.47
C ALA B 144 18.45 13.17 -28.46
N CYS B 145 19.24 12.13 -28.24
CA CYS B 145 20.70 12.24 -28.17
C CYS B 145 21.42 12.44 -29.48
N LEU B 146 20.69 12.30 -30.59
CA LEU B 146 21.27 12.47 -31.92
C LEU B 146 20.83 13.80 -32.53
N ALA B 147 19.54 14.10 -32.39
CA ALA B 147 18.96 15.32 -32.95
C ALA B 147 19.52 16.60 -32.35
N THR B 148 19.90 16.55 -31.07
CA THR B 148 20.44 17.72 -30.39
C THR B 148 21.87 18.06 -30.83
N PRO B 149 22.80 17.11 -30.71
CA PRO B 149 24.19 17.41 -31.12
C PRO B 149 24.38 17.63 -32.63
N PHE B 150 23.63 16.89 -33.44
CA PHE B 150 23.75 17.02 -34.88
C PHE B 150 23.01 18.20 -35.47
N LYS B 151 22.48 19.04 -34.59
CA LYS B 151 21.77 20.25 -34.94
C LYS B 151 20.58 20.11 -35.89
N ILE B 152 19.74 19.10 -35.63
CA ILE B 152 18.54 18.82 -36.43
C ILE B 152 17.37 19.75 -36.07
N HIS B 153 16.69 20.29 -37.08
CA HIS B 153 15.55 21.19 -36.89
C HIS B 153 14.21 20.66 -37.37
N GLY B 154 14.23 19.56 -38.12
CA GLY B 154 13.00 18.98 -38.64
C GLY B 154 12.32 18.07 -37.65
N VAL B 155 11.82 16.92 -38.11
CA VAL B 155 11.16 15.99 -37.21
C VAL B 155 12.20 15.42 -36.24
N ASN B 156 11.74 15.12 -35.03
CA ASN B 156 12.62 14.59 -34.02
C ASN B 156 11.82 13.76 -33.00
N TYR B 157 11.86 12.44 -33.16
CA TYR B 157 11.17 11.54 -32.26
C TYR B 157 11.58 10.11 -32.58
N SER B 158 11.15 9.17 -31.75
CA SER B 158 11.51 7.77 -31.93
C SER B 158 10.28 6.91 -32.20
N ILE B 159 10.45 5.91 -33.05
CA ILE B 159 9.37 4.98 -33.28
C ILE B 159 9.89 3.76 -32.53
N SER B 160 9.02 3.14 -31.75
CA SER B 160 9.43 1.97 -31.01
C SER B 160 8.36 0.89 -31.22
N SER B 161 8.81 -0.28 -31.66
CA SER B 161 7.91 -1.39 -31.92
C SER B 161 8.65 -2.71 -31.70
N ALA B 162 9.29 -2.82 -30.53
CA ALA B 162 10.02 -4.01 -30.17
C ALA B 162 11.06 -4.38 -31.21
N CYS B 163 11.02 -5.61 -31.72
CA CYS B 163 12.01 -6.04 -32.69
C CYS B 163 11.78 -5.58 -34.12
N ALA B 164 10.97 -4.54 -34.27
CA ALA B 164 10.68 -3.99 -35.58
C ALA B 164 10.88 -2.49 -35.55
N THR B 165 11.30 -1.94 -34.40
CA THR B 165 11.45 -0.50 -34.27
C THR B 165 12.22 0.27 -35.35
N SER B 166 13.47 -0.10 -35.63
CA SER B 166 14.23 0.65 -36.64
C SER B 166 13.70 0.47 -38.05
N ALA B 167 12.91 -0.58 -38.29
CA ALA B 167 12.33 -0.80 -39.61
C ALA B 167 11.18 0.19 -39.78
N HIS B 168 10.36 0.33 -38.73
CA HIS B 168 9.23 1.27 -38.74
C HIS B 168 9.77 2.69 -38.80
N CYS B 169 10.97 2.87 -38.27
CA CYS B 169 11.63 4.17 -38.23
C CYS B 169 11.96 4.61 -39.65
N ILE B 170 12.48 3.69 -40.44
CA ILE B 170 12.83 3.99 -41.81
C ILE B 170 11.57 4.24 -42.64
N GLY B 171 10.55 3.40 -42.43
CA GLY B 171 9.29 3.55 -43.15
C GLY B 171 8.64 4.90 -42.90
N ASN B 172 8.69 5.34 -41.64
CA ASN B 172 8.12 6.63 -41.24
C ASN B 172 8.87 7.78 -41.87
N ALA B 173 10.19 7.60 -42.03
CA ALA B 173 11.06 8.61 -42.64
C ALA B 173 10.63 8.78 -44.09
N VAL B 174 10.35 7.65 -44.75
CA VAL B 174 9.90 7.65 -46.14
C VAL B 174 8.60 8.46 -46.27
N GLU B 175 7.67 8.22 -45.35
CA GLU B 175 6.39 8.91 -45.37
C GLU B 175 6.55 10.41 -45.20
N GLN B 176 7.59 10.84 -44.49
CA GLN B 176 7.85 12.26 -44.28
C GLN B 176 8.22 12.87 -45.63
N ILE B 177 8.99 12.12 -46.41
CA ILE B 177 9.43 12.58 -47.73
C ILE B 177 8.21 12.60 -48.67
N GLN B 178 7.40 11.54 -48.60
CA GLN B 178 6.21 11.44 -49.44
C GLN B 178 5.20 12.55 -49.15
N LEU B 179 5.07 12.92 -47.87
CA LEU B 179 4.14 13.99 -47.48
C LEU B 179 4.77 15.35 -47.80
N GLY B 180 5.96 15.32 -48.40
CA GLY B 180 6.64 16.54 -48.76
C GLY B 180 7.05 17.42 -47.59
N LYS B 181 7.10 16.83 -46.39
CA LYS B 181 7.45 17.57 -45.17
C LYS B 181 8.96 17.69 -44.96
N GLN B 182 9.72 16.70 -45.43
CA GLN B 182 11.17 16.69 -45.27
C GLN B 182 11.91 16.32 -46.56
N ASP B 183 13.12 16.86 -46.71
CA ASP B 183 13.97 16.57 -47.87
C ASP B 183 14.87 15.42 -47.47
N ILE B 184 15.30 15.44 -46.21
CA ILE B 184 16.18 14.41 -45.65
C ILE B 184 15.77 14.03 -44.24
N VAL B 185 15.82 12.73 -43.96
CA VAL B 185 15.51 12.24 -42.63
C VAL B 185 16.48 11.10 -42.32
N PHE B 186 17.25 11.27 -41.24
CA PHE B 186 18.18 10.23 -40.82
C PHE B 186 17.34 9.20 -40.06
N ALA B 187 17.34 7.96 -40.51
CA ALA B 187 16.54 6.92 -39.87
C ALA B 187 17.36 5.72 -39.45
N GLY B 188 16.92 5.07 -38.39
CA GLY B 188 17.61 3.90 -37.87
C GLY B 188 17.35 3.67 -36.40
N GLY B 189 18.37 3.20 -35.69
CA GLY B 189 18.20 2.95 -34.27
C GLY B 189 19.41 2.34 -33.61
N GLY B 190 19.24 1.95 -32.35
CA GLY B 190 20.31 1.34 -31.60
C GLY B 190 19.76 0.56 -30.42
N GLU B 191 20.60 -0.30 -29.86
CA GLU B 191 20.22 -1.13 -28.73
C GLU B 191 21.47 -1.48 -27.93
N GLU B 192 21.37 -1.35 -26.62
CA GLU B 192 22.49 -1.69 -25.75
C GLU B 192 22.46 -3.20 -25.52
N LEU B 193 23.58 -3.72 -25.03
CA LEU B 193 23.70 -5.15 -24.74
C LEU B 193 24.01 -5.26 -23.24
N CYS B 194 23.12 -5.92 -22.49
CA CYS B 194 23.30 -6.05 -21.05
C CYS B 194 22.48 -7.20 -20.46
N TRP B 195 22.98 -7.81 -19.39
CA TRP B 195 22.26 -8.91 -18.73
C TRP B 195 20.94 -8.38 -18.20
N GLU B 196 20.90 -7.12 -17.78
CA GLU B 196 19.68 -6.51 -17.23
C GLU B 196 18.47 -6.79 -18.12
N MET B 197 18.66 -6.63 -19.42
CA MET B 197 17.61 -6.83 -20.41
C MET B 197 17.55 -8.25 -20.95
N ALA B 198 18.71 -8.82 -21.28
CA ALA B 198 18.79 -10.17 -21.83
C ALA B 198 18.27 -11.21 -20.87
N CYS B 199 18.39 -10.95 -19.58
CA CYS B 199 17.93 -11.92 -18.59
C CYS B 199 16.40 -12.04 -18.64
N GLU B 200 15.75 -10.98 -19.10
CA GLU B 200 14.31 -10.98 -19.22
C GLU B 200 13.81 -11.82 -20.41
N PHE B 201 14.67 -11.99 -21.42
CA PHE B 201 14.35 -12.80 -22.60
C PHE B 201 14.62 -14.26 -22.26
N ASP B 202 15.69 -14.48 -21.50
CA ASP B 202 16.08 -15.80 -21.05
C ASP B 202 14.95 -16.31 -20.15
N ALA B 203 14.44 -15.43 -19.28
CA ALA B 203 13.36 -15.76 -18.35
C ALA B 203 12.10 -16.24 -19.07
N MET B 204 11.92 -15.82 -20.33
CA MET B 204 10.75 -16.25 -21.08
C MET B 204 11.15 -17.32 -22.10
N GLY B 205 12.36 -17.85 -21.96
CA GLY B 205 12.86 -18.90 -22.84
C GLY B 205 13.10 -18.53 -24.29
N ALA B 206 13.28 -17.25 -24.57
CA ALA B 206 13.48 -16.79 -25.95
C ALA B 206 14.92 -16.92 -26.47
N LEU B 207 15.89 -17.03 -25.58
CA LEU B 207 17.30 -17.11 -25.96
C LEU B 207 17.86 -18.52 -26.05
N SER B 208 18.88 -18.69 -26.90
CA SER B 208 19.56 -19.96 -27.10
C SER B 208 20.39 -20.31 -25.84
N THR B 209 20.34 -21.58 -25.41
CA THR B 209 21.07 -22.00 -24.24
C THR B 209 21.86 -23.30 -24.39
N LYS B 210 21.67 -24.01 -25.51
CA LYS B 210 22.38 -25.27 -25.73
C LYS B 210 23.71 -25.25 -26.50
N TYR B 211 24.19 -24.07 -26.87
CA TYR B 211 25.43 -23.99 -27.63
C TYR B 211 26.45 -23.04 -27.04
N ASN B 212 26.41 -22.86 -25.73
CA ASN B 212 27.33 -21.95 -25.06
C ASN B 212 28.80 -22.34 -25.25
N ASP B 213 29.05 -23.64 -25.46
CA ASP B 213 30.41 -24.14 -25.66
C ASP B 213 30.90 -23.81 -27.06
N THR B 214 29.96 -23.58 -27.97
CA THR B 214 30.26 -23.23 -29.35
C THR B 214 29.40 -22.03 -29.74
N PRO B 215 29.77 -20.83 -29.26
CA PRO B 215 29.05 -19.57 -29.53
C PRO B 215 28.68 -19.31 -30.98
N GLU B 216 29.64 -19.52 -31.88
CA GLU B 216 29.40 -19.29 -33.30
C GLU B 216 28.38 -20.21 -33.93
N LYS B 217 27.96 -21.25 -33.22
CA LYS B 217 26.98 -22.19 -33.75
C LYS B 217 25.62 -22.04 -33.08
N ALA B 218 25.53 -21.18 -32.07
CA ALA B 218 24.29 -20.96 -31.33
C ALA B 218 23.15 -20.43 -32.21
N SER B 219 23.44 -19.41 -33.01
CA SER B 219 22.45 -18.81 -33.92
C SER B 219 22.41 -19.66 -35.19
N ARG B 220 21.33 -20.41 -35.35
CA ARG B 220 21.19 -21.33 -36.47
C ARG B 220 19.80 -21.31 -37.10
N THR B 221 19.41 -20.17 -37.66
CA THR B 221 18.08 -20.05 -38.28
C THR B 221 17.79 -21.16 -39.28
N TYR B 222 16.60 -21.75 -39.17
CA TYR B 222 16.14 -22.83 -40.05
C TYR B 222 16.75 -24.21 -39.75
N ASP B 223 17.75 -24.26 -38.87
CA ASP B 223 18.33 -25.55 -38.52
C ASP B 223 17.36 -26.30 -37.62
N ALA B 224 17.26 -27.61 -37.84
CA ALA B 224 16.36 -28.45 -37.07
C ALA B 224 16.57 -28.39 -35.56
N HIS B 225 17.77 -27.99 -35.14
CA HIS B 225 18.06 -27.94 -33.72
C HIS B 225 18.28 -26.56 -33.13
N ARG B 226 17.70 -25.55 -33.77
CA ARG B 226 17.80 -24.19 -33.29
C ARG B 226 17.06 -24.19 -31.95
N ASP B 227 17.44 -23.29 -31.05
CA ASP B 227 16.77 -23.24 -29.74
C ASP B 227 16.64 -21.85 -29.13
N GLY B 228 16.33 -20.85 -29.96
CA GLY B 228 16.17 -19.50 -29.48
C GLY B 228 17.19 -18.59 -30.11
N PHE B 229 16.91 -17.28 -30.11
CA PHE B 229 17.83 -16.34 -30.71
C PHE B 229 19.00 -15.94 -29.79
N VAL B 230 20.04 -15.37 -30.41
CA VAL B 230 21.22 -14.92 -29.68
C VAL B 230 21.14 -13.40 -29.61
N ILE B 231 20.93 -12.88 -28.41
CA ILE B 231 20.81 -11.43 -28.22
C ILE B 231 22.08 -10.71 -28.67
N ALA B 232 21.89 -9.49 -29.19
CA ALA B 232 23.01 -8.69 -29.66
C ALA B 232 22.74 -7.21 -29.49
N GLY B 233 23.76 -6.39 -29.70
CA GLY B 233 23.61 -4.96 -29.57
C GLY B 233 24.31 -4.24 -30.70
N GLY B 234 24.07 -2.94 -30.83
CA GLY B 234 24.71 -2.19 -31.89
C GLY B 234 23.80 -1.10 -32.44
N GLY B 235 24.19 -0.52 -33.57
CA GLY B 235 23.40 0.52 -34.15
C GLY B 235 23.45 0.55 -35.67
N GLY B 236 22.50 1.28 -36.26
CA GLY B 236 22.44 1.41 -37.70
C GLY B 236 21.77 2.72 -38.03
N MET B 237 22.14 3.31 -39.17
CA MET B 237 21.57 4.59 -39.59
C MET B 237 21.67 4.78 -41.10
N VAL B 238 20.58 5.21 -41.72
CA VAL B 238 20.59 5.45 -43.16
C VAL B 238 20.03 6.84 -43.44
N VAL B 239 20.45 7.43 -44.54
CA VAL B 239 19.96 8.75 -44.94
C VAL B 239 18.82 8.56 -45.94
N VAL B 240 17.60 8.86 -45.52
CA VAL B 240 16.44 8.77 -46.41
C VAL B 240 16.30 10.16 -47.01
N GLU B 241 16.37 10.23 -48.33
CA GLU B 241 16.32 11.51 -49.04
C GLU B 241 15.32 11.54 -50.21
N GLU B 242 14.70 12.69 -50.44
CA GLU B 242 13.76 12.85 -51.55
C GLU B 242 14.61 12.70 -52.81
N LEU B 243 14.06 12.03 -53.82
CA LEU B 243 14.79 11.80 -55.07
C LEU B 243 15.38 13.02 -55.78
N GLU B 244 14.55 14.02 -56.08
CA GLU B 244 15.05 15.19 -56.77
C GLU B 244 16.18 15.87 -55.99
N HIS B 245 15.99 15.98 -54.68
CA HIS B 245 16.98 16.59 -53.79
C HIS B 245 18.31 15.83 -53.89
N ALA B 246 18.23 14.50 -53.91
CA ALA B 246 19.41 13.66 -54.03
C ALA B 246 20.11 13.90 -55.37
N LEU B 247 19.37 13.72 -56.46
CA LEU B 247 19.91 13.91 -57.81
C LEU B 247 20.49 15.32 -58.00
N ALA B 248 19.83 16.33 -57.44
CA ALA B 248 20.28 17.70 -57.58
C ALA B 248 21.67 17.95 -56.99
N ARG B 249 21.96 17.34 -55.84
CA ARG B 249 23.26 17.54 -55.23
C ARG B 249 24.33 16.54 -55.71
N GLY B 250 23.94 15.57 -56.52
CA GLY B 250 24.93 14.61 -56.99
C GLY B 250 25.18 13.47 -56.02
N ALA B 251 24.25 13.30 -55.09
CA ALA B 251 24.30 12.24 -54.09
C ALA B 251 24.45 10.87 -54.72
N HIS B 252 25.08 9.95 -54.02
CA HIS B 252 25.22 8.58 -54.50
C HIS B 252 24.04 7.83 -53.88
N ILE B 253 23.17 7.28 -54.72
CA ILE B 253 21.99 6.56 -54.27
C ILE B 253 22.22 5.07 -54.22
N TYR B 254 21.91 4.44 -53.09
CA TYR B 254 22.07 3.00 -52.96
C TYR B 254 20.86 2.33 -53.65
N ALA B 255 19.66 2.73 -53.24
CA ALA B 255 18.45 2.18 -53.81
C ALA B 255 17.34 3.12 -53.44
N GLU B 256 16.15 2.85 -54.00
CA GLU B 256 14.97 3.64 -53.69
C GLU B 256 14.10 2.75 -52.85
N ILE B 257 13.35 3.35 -51.92
CA ILE B 257 12.46 2.55 -51.08
C ILE B 257 11.15 2.49 -51.87
N VAL B 258 10.94 1.38 -52.54
CA VAL B 258 9.74 1.24 -53.35
C VAL B 258 8.56 0.61 -52.62
N GLY B 259 8.80 0.09 -51.42
CA GLY B 259 7.70 -0.51 -50.67
C GLY B 259 7.92 -0.50 -49.17
N TYR B 260 6.84 -0.23 -48.43
CA TYR B 260 6.91 -0.21 -46.98
C TYR B 260 5.59 -0.73 -46.40
N GLY B 261 5.67 -1.86 -45.72
CA GLY B 261 4.48 -2.42 -45.11
C GLY B 261 4.56 -2.32 -43.60
N ALA B 262 3.42 -2.03 -42.97
CA ALA B 262 3.34 -1.94 -41.51
C ALA B 262 1.97 -2.44 -41.11
N THR B 263 1.90 -3.64 -40.55
CA THR B 263 0.62 -4.20 -40.15
C THR B 263 0.61 -4.69 -38.70
N SER B 264 -0.52 -5.22 -38.30
CA SER B 264 -0.71 -5.69 -36.93
C SER B 264 -1.40 -7.06 -36.92
N ASP B 265 -0.94 -7.97 -36.07
CA ASP B 265 -1.53 -9.30 -35.95
C ASP B 265 -2.87 -9.29 -35.20
N GLY B 266 -2.92 -8.53 -34.11
CA GLY B 266 -4.12 -8.45 -33.30
C GLY B 266 -4.48 -9.83 -32.81
N ALA B 267 -3.48 -10.59 -32.42
CA ALA B 267 -3.68 -11.97 -31.95
C ALA B 267 -2.93 -12.36 -30.69
N ASP B 268 -1.64 -12.65 -30.81
CA ASP B 268 -0.84 -13.07 -29.67
C ASP B 268 0.32 -12.14 -29.31
N MET B 269 0.55 -11.94 -28.01
CA MET B 269 1.70 -11.15 -27.58
C MET B 269 2.80 -12.18 -27.70
N VAL B 270 4.06 -11.75 -27.75
CA VAL B 270 5.18 -12.70 -27.84
C VAL B 270 5.28 -13.70 -29.01
N ALA B 271 4.17 -14.18 -29.57
CA ALA B 271 4.25 -15.13 -30.68
C ALA B 271 3.62 -14.61 -31.98
N PRO B 272 4.27 -14.86 -33.14
CA PRO B 272 3.75 -14.40 -34.42
C PRO B 272 2.57 -15.24 -34.94
N SER B 273 1.66 -14.59 -35.66
CA SER B 273 0.50 -15.25 -36.23
C SER B 273 0.67 -15.65 -37.70
N GLY B 274 1.59 -14.98 -38.40
CA GLY B 274 1.82 -15.30 -39.79
C GLY B 274 0.89 -14.53 -40.71
N GLU B 275 -0.38 -14.48 -40.32
CA GLU B 275 -1.43 -13.80 -41.07
C GLU B 275 -1.09 -12.31 -41.26
N GLY B 276 -0.58 -11.68 -40.21
CA GLY B 276 -0.23 -10.27 -40.30
C GLY B 276 0.99 -10.04 -41.16
N ALA B 277 1.93 -10.99 -41.16
CA ALA B 277 3.15 -10.88 -41.96
C ALA B 277 2.83 -10.96 -43.45
N VAL B 278 1.85 -11.79 -43.80
CA VAL B 278 1.44 -11.94 -45.20
C VAL B 278 0.92 -10.60 -45.72
N ARG B 279 0.09 -9.95 -44.91
CA ARG B 279 -0.47 -8.65 -45.28
C ARG B 279 0.62 -7.59 -45.34
N CYS B 280 1.56 -7.67 -44.40
CA CYS B 280 2.67 -6.72 -44.34
C CYS B 280 3.54 -6.77 -45.61
N MET B 281 3.93 -7.98 -46.01
CA MET B 281 4.75 -8.18 -47.19
C MET B 281 3.98 -7.78 -48.45
N LYS B 282 2.72 -8.19 -48.52
CA LYS B 282 1.88 -7.86 -49.65
C LYS B 282 1.76 -6.34 -49.78
N MET B 283 1.62 -5.68 -48.65
CA MET B 283 1.48 -4.24 -48.63
C MET B 283 2.73 -3.55 -49.16
N ALA B 284 3.89 -4.11 -48.86
CA ALA B 284 5.16 -3.54 -49.29
C ALA B 284 5.32 -3.76 -50.79
N MET B 285 4.59 -4.75 -51.29
CA MET B 285 4.64 -5.12 -52.70
C MET B 285 3.65 -4.37 -53.61
N HIS B 286 2.68 -3.67 -53.01
CA HIS B 286 1.72 -2.91 -53.79
C HIS B 286 2.50 -1.98 -54.71
N GLY B 287 2.22 -2.04 -56.01
CA GLY B 287 2.93 -1.16 -56.94
C GLY B 287 4.30 -1.63 -57.41
N VAL B 288 4.94 -2.55 -56.69
CA VAL B 288 6.24 -3.03 -57.12
C VAL B 288 6.06 -4.14 -58.15
N ASP B 289 6.40 -3.86 -59.41
CA ASP B 289 6.21 -4.87 -60.45
C ASP B 289 7.47 -5.64 -60.86
N THR B 290 8.58 -5.42 -60.17
CA THR B 290 9.81 -6.16 -60.44
C THR B 290 9.79 -7.29 -59.42
N PRO B 291 10.48 -8.41 -59.70
CA PRO B 291 10.49 -9.52 -58.74
C PRO B 291 11.35 -9.25 -57.51
N ILE B 292 11.09 -9.99 -56.44
CA ILE B 292 11.89 -9.85 -55.24
C ILE B 292 13.01 -10.85 -55.47
N ASP B 293 14.20 -10.33 -55.71
CA ASP B 293 15.36 -11.18 -55.98
C ASP B 293 15.98 -11.80 -54.73
N TYR B 294 15.91 -11.09 -53.61
CA TYR B 294 16.48 -11.61 -52.38
C TYR B 294 15.65 -11.12 -51.21
N LEU B 295 15.39 -12.03 -50.28
CA LEU B 295 14.61 -11.69 -49.10
C LEU B 295 15.43 -11.92 -47.83
N ASN B 296 15.71 -10.84 -47.10
CA ASN B 296 16.45 -10.91 -45.85
C ASN B 296 15.38 -11.13 -44.79
N SER B 297 15.23 -12.37 -44.35
CA SER B 297 14.21 -12.71 -43.35
C SER B 297 14.48 -12.22 -41.93
N HIS B 298 13.43 -12.19 -41.12
CA HIS B 298 13.56 -11.79 -39.73
C HIS B 298 14.26 -12.95 -39.01
N GLY B 299 14.00 -14.17 -39.47
CA GLY B 299 14.58 -15.40 -38.94
C GLY B 299 15.56 -15.25 -37.78
N THR B 300 15.02 -15.27 -36.58
CA THR B 300 15.79 -15.09 -35.36
C THR B 300 16.43 -16.36 -34.79
N SER B 301 16.04 -17.53 -35.32
CA SER B 301 16.55 -18.84 -34.89
C SER B 301 15.70 -19.50 -33.82
N THR B 302 14.44 -19.10 -33.73
CA THR B 302 13.51 -19.64 -32.75
C THR B 302 12.62 -20.70 -33.39
N PRO B 303 12.27 -21.75 -32.65
CA PRO B 303 11.41 -22.84 -33.14
C PRO B 303 10.15 -22.40 -33.88
N VAL B 304 9.31 -21.61 -33.22
CA VAL B 304 8.06 -21.15 -33.81
C VAL B 304 8.23 -20.02 -34.84
N GLY B 305 8.96 -18.99 -34.48
CA GLY B 305 9.16 -17.86 -35.36
C GLY B 305 9.68 -18.15 -36.74
N ASP B 306 10.80 -18.85 -36.83
CA ASP B 306 11.41 -19.18 -38.11
C ASP B 306 10.42 -19.74 -39.16
N VAL B 307 9.71 -20.82 -38.81
CA VAL B 307 8.77 -21.43 -39.75
C VAL B 307 7.48 -20.64 -39.95
N LYS B 308 7.14 -19.82 -38.97
CA LYS B 308 5.93 -19.01 -39.09
C LYS B 308 6.13 -17.97 -40.19
N GLU B 309 7.35 -17.43 -40.28
CA GLU B 309 7.66 -16.44 -41.30
C GLU B 309 7.86 -17.10 -42.67
N LEU B 310 8.33 -18.33 -42.66
CA LEU B 310 8.53 -19.03 -43.92
C LEU B 310 7.17 -19.36 -44.49
N ALA B 311 6.21 -19.63 -43.61
CA ALA B 311 4.85 -19.94 -44.02
C ALA B 311 4.23 -18.70 -44.64
N ALA B 312 4.51 -17.55 -44.04
CA ALA B 312 4.01 -16.27 -44.54
C ALA B 312 4.56 -16.03 -45.95
N ILE B 313 5.86 -16.26 -46.11
CA ILE B 313 6.54 -16.06 -47.38
C ILE B 313 5.97 -17.00 -48.46
N ARG B 314 5.72 -18.25 -48.10
CA ARG B 314 5.15 -19.23 -49.03
C ARG B 314 3.83 -18.72 -49.58
N GLU B 315 3.03 -18.14 -48.69
CA GLU B 315 1.72 -17.58 -49.00
C GLU B 315 1.77 -16.34 -49.90
N VAL B 316 2.72 -15.45 -49.63
CA VAL B 316 2.87 -14.23 -50.42
C VAL B 316 3.45 -14.48 -51.82
N PHE B 317 4.41 -15.40 -51.92
CA PHE B 317 5.04 -15.67 -53.21
C PHE B 317 4.56 -16.91 -53.95
N GLY B 318 3.95 -17.85 -53.24
CA GLY B 318 3.49 -19.05 -53.90
C GLY B 318 4.63 -19.84 -54.50
N ASP B 319 4.45 -20.31 -55.72
CA ASP B 319 5.46 -21.11 -56.41
C ASP B 319 6.62 -20.32 -57.00
N LYS B 320 6.82 -19.08 -56.56
CA LYS B 320 7.94 -18.31 -57.09
C LYS B 320 8.62 -17.49 -56.00
N SER B 321 8.96 -18.15 -54.89
CA SER B 321 9.63 -17.47 -53.78
C SER B 321 11.05 -17.06 -54.15
N PRO B 322 11.54 -15.98 -53.55
CA PRO B 322 12.89 -15.41 -53.76
C PRO B 322 13.98 -16.15 -53.00
N ALA B 323 15.24 -15.80 -53.27
CA ALA B 323 16.36 -16.41 -52.55
C ALA B 323 16.24 -15.85 -51.14
N ILE B 324 16.39 -16.71 -50.13
CA ILE B 324 16.29 -16.27 -48.75
C ILE B 324 17.51 -16.60 -47.91
N SER B 325 17.79 -15.76 -46.93
CA SER B 325 18.91 -16.00 -46.02
C SER B 325 18.67 -15.18 -44.77
N ALA B 326 18.91 -15.78 -43.61
CA ALA B 326 18.73 -15.13 -42.32
C ALA B 326 20.11 -14.72 -41.81
N THR B 327 20.47 -13.45 -42.01
CA THR B 327 21.77 -12.99 -41.57
C THR B 327 21.98 -13.00 -40.04
N LYS B 328 20.92 -13.28 -39.29
CA LYS B 328 21.00 -13.31 -37.83
C LYS B 328 21.81 -14.52 -37.37
N ALA B 329 21.92 -15.53 -38.24
CA ALA B 329 22.69 -16.73 -37.91
C ALA B 329 24.16 -16.32 -37.77
N MET B 330 24.50 -15.18 -38.36
CA MET B 330 25.85 -14.64 -38.33
C MET B 330 25.97 -13.55 -37.26
N THR B 331 25.06 -12.59 -37.31
CA THR B 331 25.05 -11.42 -36.43
C THR B 331 24.35 -11.46 -35.07
N GLY B 332 23.37 -12.34 -34.91
CA GLY B 332 22.64 -12.37 -33.66
C GLY B 332 21.47 -11.41 -33.82
N HIS B 333 20.65 -11.26 -32.78
CA HIS B 333 19.47 -10.39 -32.82
C HIS B 333 19.66 -9.10 -32.01
N SER B 334 19.90 -7.98 -32.70
CA SER B 334 20.12 -6.70 -32.05
C SER B 334 18.83 -5.98 -31.67
N LEU B 335 17.74 -6.75 -31.65
CA LEU B 335 16.41 -6.27 -31.29
C LEU B 335 15.95 -5.01 -32.04
N GLY B 336 15.92 -3.88 -31.33
CA GLY B 336 15.49 -2.62 -31.94
C GLY B 336 16.37 -2.15 -33.09
N ALA B 337 17.63 -2.58 -33.11
CA ALA B 337 18.57 -2.18 -34.15
C ALA B 337 18.60 -3.16 -35.32
N ALA B 338 17.92 -4.28 -35.16
CA ALA B 338 17.87 -5.31 -36.19
C ALA B 338 17.37 -4.81 -37.54
N GLY B 339 16.26 -4.07 -37.53
CA GLY B 339 15.66 -3.58 -38.76
C GLY B 339 16.55 -2.73 -39.66
N VAL B 340 17.21 -1.74 -39.08
CA VAL B 340 18.07 -0.85 -39.85
C VAL B 340 19.37 -1.52 -40.26
N GLN B 341 19.90 -2.39 -39.41
CA GLN B 341 21.14 -3.08 -39.72
C GLN B 341 20.94 -4.06 -40.88
N GLU B 342 19.82 -4.77 -40.83
CA GLU B 342 19.50 -5.75 -41.88
C GLU B 342 19.11 -5.05 -43.19
N ALA B 343 18.59 -3.83 -43.10
CA ALA B 343 18.25 -3.08 -44.29
C ALA B 343 19.61 -2.73 -44.93
N ILE B 344 20.59 -2.42 -44.09
CA ILE B 344 21.94 -2.09 -44.54
C ILE B 344 22.63 -3.29 -45.18
N TYR B 345 22.47 -4.48 -44.59
CA TYR B 345 23.07 -5.69 -45.16
C TYR B 345 22.46 -5.93 -46.55
N SER B 346 21.17 -5.67 -46.65
CA SER B 346 20.42 -5.83 -47.90
C SER B 346 20.93 -4.82 -48.93
N LEU B 347 21.18 -3.59 -48.50
CA LEU B 347 21.68 -2.55 -49.38
C LEU B 347 23.08 -2.90 -49.86
N LEU B 348 23.89 -3.50 -48.99
CA LEU B 348 25.26 -3.87 -49.34
C LEU B 348 25.24 -5.01 -50.34
N MET B 349 24.27 -5.91 -50.22
CA MET B 349 24.16 -7.04 -51.14
C MET B 349 23.70 -6.53 -52.51
N LEU B 350 22.81 -5.54 -52.49
CA LEU B 350 22.28 -4.93 -53.70
C LEU B 350 23.42 -4.17 -54.40
N GLU B 351 24.18 -3.44 -53.60
CA GLU B 351 25.29 -2.64 -54.10
C GLU B 351 26.47 -3.45 -54.64
N HIS B 352 26.80 -4.55 -53.98
CA HIS B 352 27.94 -5.34 -54.39
C HIS B 352 27.58 -6.61 -55.13
N GLY B 353 26.30 -6.79 -55.41
CA GLY B 353 25.84 -7.93 -56.15
C GLY B 353 26.20 -9.31 -55.59
N PHE B 354 25.60 -9.66 -54.46
CA PHE B 354 25.84 -10.96 -53.84
C PHE B 354 24.79 -11.23 -52.78
N ILE B 355 24.63 -12.51 -52.45
CA ILE B 355 23.67 -12.92 -51.45
C ILE B 355 24.43 -13.52 -50.27
N ALA B 356 24.28 -12.94 -49.08
CA ALA B 356 24.94 -13.43 -47.88
C ALA B 356 24.38 -14.80 -47.53
N PRO B 357 25.22 -15.69 -47.01
CA PRO B 357 24.79 -17.03 -46.64
C PRO B 357 23.95 -17.12 -45.37
N SER B 358 23.11 -18.14 -45.32
CA SER B 358 22.29 -18.42 -44.15
C SER B 358 23.15 -19.53 -43.53
N ILE B 359 23.95 -19.17 -42.55
CA ILE B 359 24.87 -20.12 -41.91
C ILE B 359 24.30 -20.96 -40.76
N ASN B 360 25.06 -22.00 -40.41
CA ASN B 360 24.74 -22.91 -39.32
C ASN B 360 23.58 -23.89 -39.50
N ILE B 361 23.15 -24.13 -40.74
CA ILE B 361 22.06 -25.07 -40.98
C ILE B 361 22.63 -26.46 -41.20
N GLU B 362 22.75 -27.22 -40.12
CA GLU B 362 23.29 -28.57 -40.17
C GLU B 362 22.20 -29.52 -40.65
N GLU B 363 20.97 -29.18 -40.33
CA GLU B 363 19.86 -29.99 -40.77
C GLU B 363 18.69 -29.07 -41.04
N LEU B 364 18.45 -28.79 -42.32
CA LEU B 364 17.37 -27.90 -42.71
C LEU B 364 16.06 -28.42 -42.15
N ASP B 365 15.29 -27.52 -41.53
CA ASP B 365 14.00 -27.88 -40.95
C ASP B 365 13.10 -28.49 -42.03
N GLU B 366 12.33 -29.49 -41.64
CA GLU B 366 11.42 -30.18 -42.54
C GLU B 366 10.42 -29.26 -43.22
N GLN B 367 10.01 -28.23 -42.50
CA GLN B 367 9.03 -27.27 -43.00
C GLN B 367 9.68 -26.30 -43.98
N ALA B 368 11.00 -26.23 -43.96
CA ALA B 368 11.74 -25.34 -44.86
C ALA B 368 11.96 -26.04 -46.19
N ALA B 369 11.45 -27.26 -46.31
CA ALA B 369 11.60 -28.05 -47.52
C ALA B 369 11.08 -27.28 -48.73
N GLY B 370 11.79 -27.42 -49.84
CA GLY B 370 11.39 -26.74 -51.05
C GLY B 370 12.02 -25.38 -51.25
N LEU B 371 11.79 -24.47 -50.30
CA LEU B 371 12.32 -23.12 -50.38
C LEU B 371 13.78 -22.96 -50.76
N ASN B 372 14.09 -21.78 -51.28
CA ASN B 372 15.43 -21.42 -51.72
C ASN B 372 16.22 -20.57 -50.72
N ILE B 373 16.63 -21.18 -49.62
CA ILE B 373 17.42 -20.49 -48.62
C ILE B 373 18.88 -20.71 -49.02
N VAL B 374 19.59 -19.65 -49.40
CA VAL B 374 20.97 -19.81 -49.82
C VAL B 374 21.93 -19.90 -48.64
N THR B 375 22.67 -20.99 -48.63
CA THR B 375 23.61 -21.31 -47.57
C THR B 375 25.08 -21.11 -47.94
N GLU B 376 25.33 -20.50 -49.10
CA GLU B 376 26.68 -20.23 -49.56
C GLU B 376 26.67 -18.82 -50.10
N THR B 377 27.76 -18.08 -49.92
CA THR B 377 27.81 -16.73 -50.44
C THR B 377 27.69 -16.84 -51.96
N THR B 378 26.62 -16.32 -52.55
CA THR B 378 26.52 -16.44 -54.00
C THR B 378 26.45 -15.12 -54.74
N ASP B 379 27.34 -14.98 -55.72
CA ASP B 379 27.40 -13.79 -56.55
C ASP B 379 26.20 -13.77 -57.46
N ARG B 380 25.56 -12.61 -57.55
CA ARG B 380 24.38 -12.48 -58.37
C ARG B 380 24.07 -11.00 -58.53
N GLU B 381 23.49 -10.65 -59.66
CA GLU B 381 23.11 -9.27 -59.91
C GLU B 381 21.70 -9.14 -59.33
N LEU B 382 21.56 -8.34 -58.28
CA LEU B 382 20.25 -8.15 -57.65
C LEU B 382 19.67 -6.81 -58.08
N THR B 383 18.35 -6.70 -58.04
CA THR B 383 17.69 -5.44 -58.41
C THR B 383 16.71 -4.99 -57.34
N THR B 384 15.91 -5.94 -56.84
CA THR B 384 14.90 -5.64 -55.82
C THR B 384 15.06 -6.58 -54.64
N VAL B 385 15.15 -6.00 -53.44
CA VAL B 385 15.33 -6.79 -52.22
C VAL B 385 14.27 -6.45 -51.18
N MET B 386 13.91 -7.44 -50.36
CA MET B 386 12.90 -7.27 -49.31
C MET B 386 13.49 -7.64 -47.93
N SER B 387 13.04 -6.93 -46.90
CA SER B 387 13.54 -7.16 -45.53
C SER B 387 12.39 -7.14 -44.52
N ASN B 388 12.26 -8.22 -43.74
CA ASN B 388 11.19 -8.34 -42.74
C ASN B 388 11.65 -8.12 -41.30
N SER B 389 10.78 -7.50 -40.50
CA SER B 389 11.06 -7.24 -39.10
C SER B 389 9.76 -7.42 -38.34
N PHE B 390 9.78 -8.26 -37.31
CA PHE B 390 8.61 -8.52 -36.49
C PHE B 390 8.94 -8.37 -35.01
N GLY B 391 7.94 -7.96 -34.22
CA GLY B 391 8.16 -7.80 -32.80
C GLY B 391 6.98 -8.21 -31.93
N PHE B 392 7.23 -8.33 -30.63
CA PHE B 392 6.18 -8.70 -29.69
C PHE B 392 5.01 -7.72 -29.84
N GLY B 393 3.82 -8.17 -29.47
CA GLY B 393 2.63 -7.34 -29.60
C GLY B 393 2.08 -7.44 -31.02
N GLY B 394 2.60 -8.39 -31.79
CA GLY B 394 2.17 -8.59 -33.17
C GLY B 394 2.39 -7.41 -34.09
N THR B 395 3.58 -6.82 -34.02
CA THR B 395 3.89 -5.67 -34.86
C THR B 395 4.80 -6.10 -36.02
N ASN B 396 4.35 -5.83 -37.24
CA ASN B 396 5.10 -6.22 -38.43
C ASN B 396 5.52 -5.07 -39.33
N ALA B 397 6.68 -5.23 -39.95
CA ALA B 397 7.20 -4.25 -40.87
C ALA B 397 8.05 -4.93 -41.96
N THR B 398 7.95 -4.46 -43.19
CA THR B 398 8.81 -4.99 -44.25
C THR B 398 9.15 -3.84 -45.19
N LEU B 399 10.38 -3.83 -45.65
CA LEU B 399 10.86 -2.79 -46.57
C LEU B 399 11.32 -3.42 -47.87
N VAL B 400 10.99 -2.78 -48.99
CA VAL B 400 11.40 -3.25 -50.30
C VAL B 400 12.26 -2.15 -50.90
N MET B 401 13.50 -2.48 -51.22
CA MET B 401 14.42 -1.51 -51.80
C MET B 401 14.79 -1.95 -53.21
N ARG B 402 14.85 -0.98 -54.13
CA ARG B 402 15.20 -1.29 -55.51
C ARG B 402 16.28 -0.36 -56.07
N LYS B 403 17.18 -0.98 -56.85
CA LYS B 403 18.31 -0.32 -57.50
C LYS B 403 17.82 0.57 -58.64
N LEU B 404 18.37 1.77 -58.76
CA LEU B 404 17.99 2.69 -59.82
C LEU B 404 18.87 2.52 -61.06
N LYS C 2 15.78 -8.21 33.85
CA LYS C 2 15.23 -7.33 34.93
C LYS C 2 15.02 -5.89 34.51
N ARG C 3 15.81 -5.40 33.54
CA ARG C 3 15.67 -4.02 33.07
C ARG C 3 15.00 -3.95 31.69
N ALA C 4 14.05 -3.03 31.56
CA ALA C 4 13.27 -2.86 30.34
C ALA C 4 13.58 -1.58 29.57
N VAL C 5 13.66 -1.70 28.24
CA VAL C 5 13.94 -0.55 27.38
C VAL C 5 13.02 -0.53 26.15
N ILE C 6 12.83 0.65 25.56
CA ILE C 6 12.00 0.77 24.37
C ILE C 6 12.93 0.74 23.15
N THR C 7 12.67 -0.19 22.23
CA THR C 7 13.52 -0.33 21.05
C THR C 7 12.80 -0.10 19.72
N GLY C 8 11.59 0.44 19.79
CA GLY C 8 10.84 0.70 18.58
C GLY C 8 9.48 1.28 18.90
N LEU C 9 8.96 2.10 17.99
CA LEU C 9 7.65 2.70 18.20
C LEU C 9 6.87 2.88 16.90
N GLY C 10 5.54 2.86 17.02
CA GLY C 10 4.67 3.02 15.88
C GLY C 10 3.52 3.90 16.31
N ILE C 11 2.96 4.69 15.40
CA ILE C 11 1.87 5.57 15.78
C ILE C 11 1.03 6.08 14.62
N VAL C 12 -0.28 6.10 14.84
CA VAL C 12 -1.25 6.59 13.87
C VAL C 12 -2.08 7.55 14.71
N SER C 13 -1.86 8.85 14.54
CA SER C 13 -2.59 9.82 15.35
C SER C 13 -3.12 11.03 14.58
N SER C 14 -3.84 11.88 15.29
CA SER C 14 -4.45 13.07 14.72
C SER C 14 -3.42 14.05 14.21
N ILE C 15 -2.19 13.93 14.72
CA ILE C 15 -1.12 14.83 14.29
C ILE C 15 -0.02 14.16 13.47
N GLY C 16 -0.27 12.94 13.00
CA GLY C 16 0.73 12.25 12.23
C GLY C 16 0.41 10.78 12.08
N ASN C 17 0.67 10.24 10.89
CA ASN C 17 0.39 8.84 10.60
C ASN C 17 1.61 7.95 10.77
N ASN C 18 2.73 8.58 11.09
CA ASN C 18 3.98 7.89 11.35
C ASN C 18 4.76 8.75 12.36
N GLN C 19 5.93 8.28 12.78
CA GLN C 19 6.70 9.04 13.76
C GLN C 19 7.28 10.34 13.22
N GLN C 20 7.57 10.37 11.91
CA GLN C 20 8.16 11.56 11.31
C GLN C 20 7.16 12.68 11.31
N GLU C 21 5.92 12.37 10.97
CA GLU C 21 4.88 13.38 10.94
C GLU C 21 4.62 13.94 12.33
N VAL C 22 4.50 13.05 13.31
CA VAL C 22 4.23 13.46 14.68
C VAL C 22 5.31 14.41 15.20
N LEU C 23 6.58 14.04 14.97
CA LEU C 23 7.70 14.88 15.38
C LEU C 23 7.54 16.30 14.85
N ALA C 24 7.39 16.41 13.54
CA ALA C 24 7.22 17.70 12.88
C ALA C 24 6.08 18.48 13.55
N SER C 25 4.98 17.78 13.80
CA SER C 25 3.85 18.42 14.43
C SER C 25 4.19 18.87 15.85
N LEU C 26 4.82 17.99 16.63
CA LEU C 26 5.17 18.36 18.01
C LEU C 26 6.01 19.64 18.03
N ARG C 27 7.07 19.63 17.24
CA ARG C 27 7.98 20.76 17.14
C ARG C 27 7.23 21.99 16.66
N GLU C 28 6.41 21.81 15.64
CA GLU C 28 5.63 22.90 15.07
C GLU C 28 4.51 23.37 15.96
N GLY C 29 4.04 22.49 16.82
CA GLY C 29 2.93 22.85 17.70
C GLY C 29 1.66 22.87 16.88
N ARG C 30 1.55 21.92 15.95
CA ARG C 30 0.42 21.82 15.04
C ARG C 30 -0.75 21.00 15.58
N SER C 31 -1.95 21.59 15.47
CA SER C 31 -3.19 20.96 15.92
C SER C 31 -3.71 19.87 14.96
N GLY C 32 -4.30 18.82 15.52
CA GLY C 32 -4.85 17.74 14.72
C GLY C 32 -6.36 17.73 14.81
N ILE C 33 -6.92 18.79 15.37
CA ILE C 33 -8.37 18.90 15.56
C ILE C 33 -9.08 19.53 14.37
N THR C 34 -10.20 18.91 13.98
CA THR C 34 -10.98 19.41 12.86
C THR C 34 -12.47 19.42 13.19
N PHE C 35 -13.26 20.01 12.29
CA PHE C 35 -14.71 20.03 12.48
C PHE C 35 -15.25 18.66 12.03
N SER C 36 -16.28 18.16 12.71
CA SER C 36 -16.85 16.88 12.36
C SER C 36 -18.34 16.96 12.06
N GLN C 37 -18.69 16.77 10.79
CA GLN C 37 -20.09 16.80 10.38
C GLN C 37 -20.81 15.64 11.08
N GLU C 38 -20.14 14.50 11.20
CA GLU C 38 -20.71 13.31 11.86
C GLU C 38 -21.13 13.57 13.31
N LEU C 39 -20.29 14.27 14.06
CA LEU C 39 -20.65 14.56 15.44
C LEU C 39 -21.88 15.46 15.43
N LYS C 40 -21.79 16.55 14.69
CA LYS C 40 -22.87 17.51 14.54
C LYS C 40 -24.17 16.85 14.11
N ASP C 41 -24.08 16.08 13.03
CA ASP C 41 -25.23 15.36 12.49
C ASP C 41 -25.93 14.48 13.53
N SER C 42 -25.15 13.85 14.42
CA SER C 42 -25.72 12.99 15.45
C SER C 42 -26.49 13.77 16.53
N GLY C 43 -26.40 15.10 16.49
CA GLY C 43 -27.11 15.89 17.48
C GLY C 43 -26.29 16.24 18.71
N MET C 44 -24.98 16.05 18.62
CA MET C 44 -24.07 16.37 19.71
C MET C 44 -23.78 17.86 19.72
N ARG C 45 -23.41 18.39 20.87
CA ARG C 45 -23.09 19.81 20.98
C ARG C 45 -21.62 20.03 20.68
N SER C 46 -20.85 18.96 20.77
CA SER C 46 -19.43 19.00 20.47
C SER C 46 -19.29 18.54 19.02
N HIS C 47 -18.72 19.40 18.15
CA HIS C 47 -18.53 19.05 16.74
C HIS C 47 -17.05 19.06 16.33
N VAL C 48 -16.15 18.94 17.30
CA VAL C 48 -14.72 18.92 17.02
C VAL C 48 -14.10 17.53 17.21
N TRP C 49 -13.20 17.21 16.29
CA TRP C 49 -12.54 15.90 16.22
C TRP C 49 -11.03 15.89 16.26
N GLY C 50 -10.49 14.78 16.75
CA GLY C 50 -9.06 14.55 16.77
C GLY C 50 -9.00 13.30 15.89
N ASN C 51 -9.24 13.49 14.60
CA ASN C 51 -9.29 12.39 13.64
C ASN C 51 -7.99 11.96 12.97
N VAL C 52 -7.90 10.67 12.68
CA VAL C 52 -6.76 10.08 12.00
C VAL C 52 -6.97 10.41 10.50
N LYS C 53 -6.04 11.15 9.91
CA LYS C 53 -6.17 11.52 8.51
C LYS C 53 -5.40 10.54 7.65
N LEU C 54 -5.96 9.34 7.48
CA LEU C 54 -5.31 8.30 6.70
C LEU C 54 -6.30 7.28 6.16
N ASP C 55 -6.30 7.10 4.84
CA ASP C 55 -7.18 6.14 4.21
C ASP C 55 -6.51 4.80 4.49
N THR C 56 -7.20 3.92 5.22
CA THR C 56 -6.66 2.61 5.59
C THR C 56 -7.09 1.47 4.65
N THR C 57 -7.84 1.81 3.61
CA THR C 57 -8.37 0.84 2.64
C THR C 57 -7.62 -0.46 2.32
N GLY C 58 -6.45 -0.41 1.72
CA GLY C 58 -5.81 -1.68 1.43
C GLY C 58 -4.63 -2.00 2.31
N LEU C 59 -4.51 -1.27 3.42
CA LEU C 59 -3.40 -1.44 4.34
C LEU C 59 -3.29 -2.80 5.02
N ILE C 60 -4.42 -3.47 5.26
CA ILE C 60 -4.40 -4.79 5.92
C ILE C 60 -5.08 -5.91 5.10
N ASP C 61 -4.43 -7.06 5.03
CA ASP C 61 -4.94 -8.22 4.29
C ASP C 61 -6.42 -8.51 4.57
N ARG C 62 -7.14 -8.80 3.48
CA ARG C 62 -8.57 -9.09 3.49
C ARG C 62 -9.10 -10.09 4.52
N LYS C 63 -8.43 -11.23 4.63
CA LYS C 63 -8.88 -12.26 5.57
C LYS C 63 -8.51 -11.89 7.00
N VAL C 64 -7.60 -10.94 7.14
CA VAL C 64 -7.18 -10.48 8.46
C VAL C 64 -8.04 -9.33 8.95
N VAL C 65 -8.09 -8.25 8.17
CA VAL C 65 -8.86 -7.07 8.55
C VAL C 65 -10.36 -7.29 8.74
N ARG C 66 -10.89 -8.40 8.23
CA ARG C 66 -12.33 -8.64 8.36
C ARG C 66 -12.76 -9.01 9.76
N PHE C 67 -11.79 -9.18 10.64
CA PHE C 67 -12.06 -9.54 12.04
C PHE C 67 -11.86 -8.32 12.94
N MET C 68 -11.33 -7.26 12.35
CA MET C 68 -11.01 -6.04 13.08
C MET C 68 -11.94 -4.85 13.01
N SER C 69 -11.84 -4.03 14.06
CA SER C 69 -12.58 -2.79 14.17
C SER C 69 -11.48 -1.71 14.08
N ASP C 70 -11.87 -0.44 14.05
CA ASP C 70 -10.92 0.66 13.92
C ASP C 70 -9.82 0.70 14.96
N ALA C 71 -10.15 0.44 16.22
CA ALA C 71 -9.16 0.45 17.29
C ALA C 71 -8.07 -0.56 16.96
N SER C 72 -8.47 -1.75 16.53
CA SER C 72 -7.54 -2.81 16.18
C SER C 72 -6.75 -2.45 14.94
N ILE C 73 -7.40 -1.83 13.96
CA ILE C 73 -6.74 -1.43 12.72
C ILE C 73 -5.63 -0.41 13.02
N TYR C 74 -5.94 0.56 13.87
CA TYR C 74 -4.97 1.61 14.25
C TYR C 74 -3.78 1.02 15.01
N ALA C 75 -4.07 0.08 15.92
CA ALA C 75 -3.02 -0.55 16.71
C ALA C 75 -2.15 -1.44 15.81
N PHE C 76 -2.79 -2.13 14.89
CA PHE C 76 -2.11 -3.03 13.95
C PHE C 76 -1.10 -2.28 13.07
N LEU C 77 -1.54 -1.16 12.49
CA LEU C 77 -0.66 -0.36 11.65
C LEU C 77 0.49 0.20 12.50
N SER C 78 0.20 0.51 13.75
CA SER C 78 1.19 1.04 14.68
C SER C 78 2.23 -0.03 15.04
N MET C 79 1.77 -1.28 15.22
CA MET C 79 2.68 -2.37 15.53
C MET C 79 3.61 -2.62 14.35
N GLU C 80 3.06 -2.48 13.15
CA GLU C 80 3.86 -2.65 11.94
C GLU C 80 5.03 -1.67 11.99
N GLN C 81 4.72 -0.39 12.15
CA GLN C 81 5.74 0.65 12.22
C GLN C 81 6.77 0.30 13.31
N ALA C 82 6.26 -0.11 14.47
CA ALA C 82 7.11 -0.49 15.58
C ALA C 82 8.04 -1.64 15.23
N ILE C 83 7.52 -2.66 14.56
CA ILE C 83 8.34 -3.81 14.20
C ILE C 83 9.46 -3.40 13.24
N ALA C 84 9.18 -2.46 12.34
CA ALA C 84 10.17 -1.99 11.39
C ALA C 84 11.20 -1.11 12.11
N ASP C 85 10.71 -0.30 13.03
CA ASP C 85 11.56 0.60 13.81
C ASP C 85 12.54 -0.20 14.67
N ALA C 86 12.04 -1.33 15.20
CA ALA C 86 12.82 -2.22 16.07
C ALA C 86 13.72 -3.21 15.32
N GLY C 87 13.69 -3.13 13.99
CA GLY C 87 14.51 -4.02 13.16
C GLY C 87 14.22 -5.50 13.36
N LEU C 88 13.01 -5.83 13.81
CA LEU C 88 12.66 -7.22 14.01
C LEU C 88 12.22 -7.89 12.73
N SER C 89 12.98 -8.91 12.31
CA SER C 89 12.66 -9.68 11.12
C SER C 89 11.55 -10.61 11.58
N PRO C 90 10.63 -10.96 10.67
CA PRO C 90 9.53 -11.86 11.04
C PRO C 90 10.04 -13.01 11.90
N GLU C 91 11.09 -13.66 11.42
CA GLU C 91 11.66 -14.81 12.12
C GLU C 91 12.20 -14.48 13.50
N ALA C 92 12.26 -13.19 13.83
CA ALA C 92 12.77 -12.78 15.14
C ALA C 92 11.69 -12.68 16.24
N TYR C 93 10.46 -12.34 15.88
CA TYR C 93 9.38 -12.19 16.87
C TYR C 93 8.19 -13.14 16.75
N GLN C 94 8.05 -13.84 15.62
CA GLN C 94 6.93 -14.75 15.42
C GLN C 94 7.12 -16.15 16.01
N ASN C 95 6.01 -16.80 16.39
CA ASN C 95 6.02 -18.14 16.98
C ASN C 95 7.15 -18.31 17.97
N ASN C 96 7.33 -17.31 18.82
CA ASN C 96 8.38 -17.28 19.84
C ASN C 96 7.74 -17.12 21.21
N PRO C 97 7.82 -18.15 22.06
CA PRO C 97 7.22 -18.09 23.40
C PRO C 97 7.67 -16.93 24.31
N ARG C 98 8.81 -16.32 23.99
CA ARG C 98 9.32 -15.22 24.81
C ARG C 98 8.96 -13.86 24.28
N VAL C 99 8.12 -13.83 23.25
CA VAL C 99 7.67 -12.58 22.65
C VAL C 99 6.15 -12.48 22.89
N GLY C 100 5.72 -11.40 23.54
CA GLY C 100 4.31 -11.21 23.84
C GLY C 100 3.67 -9.94 23.30
N LEU C 101 2.39 -9.77 23.61
CA LEU C 101 1.59 -8.63 23.17
C LEU C 101 0.56 -8.23 24.23
N ILE C 102 0.63 -6.98 24.69
CA ILE C 102 -0.30 -6.47 25.69
C ILE C 102 -0.76 -5.09 25.19
N ALA C 103 -1.96 -5.06 24.58
CA ALA C 103 -2.51 -3.83 24.04
C ALA C 103 -4.02 -3.80 24.21
N GLY C 104 -4.58 -2.61 24.42
CA GLY C 104 -6.02 -2.52 24.59
C GLY C 104 -6.63 -1.18 24.20
N SER C 105 -7.93 -1.05 24.46
CA SER C 105 -8.67 0.16 24.16
C SER C 105 -9.54 0.47 25.38
N GLY C 106 -10.04 1.69 25.44
CA GLY C 106 -10.90 2.06 26.55
C GLY C 106 -12.35 1.62 26.35
N GLY C 107 -12.80 1.58 25.10
CA GLY C 107 -14.17 1.19 24.85
C GLY C 107 -14.44 0.06 23.88
N GLY C 108 -13.40 -0.60 23.40
CA GLY C 108 -13.61 -1.70 22.46
C GLY C 108 -14.16 -1.18 21.14
N SER C 109 -15.40 -1.55 20.81
CA SER C 109 -16.01 -1.06 19.59
C SER C 109 -17.47 -0.75 19.71
N PRO C 110 -17.79 0.41 20.31
CA PRO C 110 -19.20 0.79 20.45
C PRO C 110 -19.89 0.73 19.08
N ARG C 111 -19.18 1.09 18.03
CA ARG C 111 -19.73 1.11 16.68
C ARG C 111 -20.27 -0.22 16.20
N PHE C 112 -19.56 -1.31 16.52
CA PHE C 112 -19.99 -2.65 16.11
C PHE C 112 -20.94 -3.27 17.12
N GLN C 113 -20.95 -2.73 18.32
CA GLN C 113 -21.86 -3.23 19.33
C GLN C 113 -23.22 -2.71 18.87
N VAL C 114 -23.22 -1.48 18.37
CA VAL C 114 -24.43 -0.85 17.88
C VAL C 114 -24.82 -1.41 16.51
N PHE C 115 -23.83 -1.70 15.66
CA PHE C 115 -24.10 -2.26 14.36
C PHE C 115 -24.76 -3.63 14.52
N GLY C 116 -24.22 -4.45 15.41
CA GLY C 116 -24.78 -5.77 15.64
C GLY C 116 -26.23 -5.70 16.14
N ALA C 117 -26.49 -4.81 17.09
CA ALA C 117 -27.84 -4.67 17.63
C ALA C 117 -28.81 -4.17 16.56
N ASP C 118 -28.38 -3.20 15.76
CA ASP C 118 -29.21 -2.65 14.69
C ASP C 118 -29.52 -3.73 13.66
N ALA C 119 -28.48 -4.47 13.29
CA ALA C 119 -28.55 -5.53 12.29
C ALA C 119 -29.55 -6.63 12.65
N MET C 120 -29.43 -7.14 13.86
CA MET C 120 -30.29 -8.19 14.36
C MET C 120 -31.76 -7.73 14.43
N ARG C 121 -31.95 -6.43 14.64
CA ARG C 121 -33.28 -5.87 14.73
C ARG C 121 -33.88 -5.59 13.35
N GLY C 122 -33.07 -5.80 12.32
CA GLY C 122 -33.51 -5.56 10.96
C GLY C 122 -34.15 -6.75 10.27
N PRO C 123 -34.54 -6.61 8.99
CA PRO C 123 -35.17 -7.68 8.21
C PRO C 123 -34.34 -8.92 8.00
N ARG C 124 -33.02 -8.78 8.10
CA ARG C 124 -32.10 -9.92 7.88
C ARG C 124 -31.60 -10.64 9.13
N GLY C 125 -31.94 -10.10 10.30
CA GLY C 125 -31.53 -10.69 11.57
C GLY C 125 -30.10 -11.20 11.67
N LEU C 126 -29.96 -12.47 12.00
CA LEU C 126 -28.64 -13.08 12.14
C LEU C 126 -27.79 -12.93 10.87
N LYS C 127 -28.44 -12.96 9.71
CA LYS C 127 -27.73 -12.85 8.43
C LYS C 127 -27.08 -11.48 8.25
N ALA C 128 -27.71 -10.43 8.78
CA ALA C 128 -27.18 -9.08 8.65
C ALA C 128 -26.09 -8.80 9.67
N VAL C 129 -26.13 -9.50 10.80
CA VAL C 129 -25.12 -9.32 11.84
C VAL C 129 -23.80 -9.85 11.33
N GLY C 130 -23.84 -11.04 10.74
CA GLY C 130 -22.63 -11.63 10.22
C GLY C 130 -21.83 -12.31 11.31
N PRO C 131 -20.75 -13.02 10.94
CA PRO C 131 -19.89 -13.73 11.89
C PRO C 131 -18.62 -13.02 12.36
N TYR C 132 -18.54 -11.71 12.24
CA TYR C 132 -17.33 -11.01 12.64
C TYR C 132 -17.50 -9.94 13.71
N VAL C 133 -18.70 -9.80 14.26
CA VAL C 133 -18.93 -8.77 15.27
C VAL C 133 -18.32 -9.01 16.66
N VAL C 134 -18.19 -10.28 17.06
CA VAL C 134 -17.62 -10.57 18.36
C VAL C 134 -16.16 -10.11 18.46
N THR C 135 -15.33 -10.49 17.50
CA THR C 135 -13.93 -10.08 17.54
C THR C 135 -13.77 -8.58 17.35
N LYS C 136 -14.74 -7.95 16.71
CA LYS C 136 -14.70 -6.51 16.48
C LYS C 136 -15.21 -5.75 17.69
N ALA C 137 -16.23 -6.29 18.34
CA ALA C 137 -16.84 -5.65 19.51
C ALA C 137 -16.29 -6.08 20.90
N MET C 138 -15.69 -7.26 20.98
CA MET C 138 -15.17 -7.69 22.28
C MET C 138 -14.10 -6.72 22.78
N ALA C 139 -14.04 -6.52 24.10
CA ALA C 139 -13.10 -5.60 24.70
C ALA C 139 -11.62 -5.91 24.40
N SER C 140 -11.29 -7.18 24.22
CA SER C 140 -9.91 -7.57 23.94
C SER C 140 -9.54 -7.54 22.46
N GLY C 141 -10.42 -6.98 21.64
CA GLY C 141 -10.18 -6.93 20.21
C GLY C 141 -8.81 -6.44 19.80
N VAL C 142 -8.33 -5.36 20.40
CA VAL C 142 -7.03 -4.80 20.04
C VAL C 142 -5.88 -5.79 20.21
N SER C 143 -5.89 -6.58 21.29
CA SER C 143 -4.82 -7.55 21.49
C SER C 143 -5.05 -8.80 20.66
N ALA C 144 -6.30 -9.27 20.63
CA ALA C 144 -6.64 -10.48 19.88
C ALA C 144 -6.33 -10.35 18.39
N CYS C 145 -6.65 -9.19 17.81
CA CYS C 145 -6.45 -8.95 16.39
C CYS C 145 -5.02 -8.69 15.96
N LEU C 146 -4.13 -8.51 16.94
CA LEU C 146 -2.72 -8.23 16.67
C LEU C 146 -1.87 -9.47 16.92
N ALA C 147 -2.16 -10.14 18.04
CA ALA C 147 -1.42 -11.34 18.43
C ALA C 147 -1.58 -12.52 17.48
N THR C 148 -2.76 -12.63 16.84
CA THR C 148 -3.02 -13.73 15.90
C THR C 148 -2.28 -13.56 14.57
N PRO C 149 -2.46 -12.42 13.88
CA PRO C 149 -1.77 -12.24 12.59
C PRO C 149 -0.24 -12.14 12.69
N PHE C 150 0.24 -11.55 13.79
CA PHE C 150 1.67 -11.41 13.97
C PHE C 150 2.30 -12.68 14.54
N LYS C 151 1.50 -13.73 14.70
CA LYS C 151 1.99 -15.02 15.19
C LYS C 151 2.66 -14.96 16.55
N ILE C 152 2.04 -14.27 17.49
CA ILE C 152 2.58 -14.12 18.83
C ILE C 152 2.32 -15.37 19.67
N HIS C 153 3.36 -15.84 20.38
CA HIS C 153 3.22 -17.03 21.22
C HIS C 153 3.33 -16.79 22.72
N GLY C 154 3.77 -15.60 23.11
CA GLY C 154 3.90 -15.27 24.52
C GLY C 154 2.60 -14.79 25.15
N VAL C 155 2.68 -13.78 25.99
CA VAL C 155 1.49 -13.25 26.63
C VAL C 155 0.61 -12.65 25.56
N ASN C 156 -0.69 -12.71 25.79
CA ASN C 156 -1.65 -12.17 24.84
C ASN C 156 -2.96 -11.82 25.56
N TYR C 157 -3.13 -10.54 25.87
CA TYR C 157 -4.34 -10.06 26.51
C TYR C 157 -4.32 -8.54 26.50
N SER C 158 -5.43 -7.94 26.92
CA SER C 158 -5.55 -6.49 26.96
C SER C 158 -5.73 -5.97 28.37
N ILE C 159 -5.14 -4.81 28.64
CA ILE C 159 -5.33 -4.17 29.94
C ILE C 159 -6.27 -3.05 29.55
N SER C 160 -7.31 -2.84 30.34
CA SER C 160 -8.25 -1.77 30.06
C SER C 160 -8.48 -1.02 31.35
N SER C 161 -8.27 0.29 31.30
CA SER C 161 -8.45 1.17 32.45
C SER C 161 -8.86 2.55 31.98
N ALA C 162 -9.91 2.60 31.18
CA ALA C 162 -10.44 3.85 30.66
C ALA C 162 -9.36 4.69 30.00
N CYS C 163 -9.20 5.93 30.44
CA CYS C 163 -8.23 6.81 29.81
C CYS C 163 -6.79 6.58 30.24
N ALA C 164 -6.53 5.42 30.82
CA ALA C 164 -5.17 5.09 31.25
C ALA C 164 -4.79 3.73 30.72
N THR C 165 -5.67 3.10 29.93
CA THR C 165 -5.40 1.75 29.44
C THR C 165 -4.05 1.45 28.78
N SER C 166 -3.68 2.18 27.73
CA SER C 166 -2.40 1.89 27.08
C SER C 166 -1.18 2.22 27.94
N ALA C 167 -1.35 3.02 28.98
CA ALA C 167 -0.24 3.33 29.88
C ALA C 167 -0.02 2.12 30.79
N HIS C 168 -1.13 1.55 31.29
CA HIS C 168 -1.06 0.37 32.16
C HIS C 168 -0.57 -0.82 31.34
N CYS C 169 -0.84 -0.78 30.03
CA CYS C 169 -0.44 -1.82 29.10
C CYS C 169 1.08 -1.87 29.00
N ILE C 170 1.70 -0.70 28.92
CA ILE C 170 3.15 -0.61 28.81
C ILE C 170 3.78 -1.02 30.15
N GLY C 171 3.20 -0.53 31.25
CA GLY C 171 3.71 -0.87 32.57
C GLY C 171 3.69 -2.37 32.84
N ASN C 172 2.62 -3.03 32.39
CA ASN C 172 2.45 -4.47 32.55
C ASN C 172 3.47 -5.23 31.71
N ALA C 173 3.81 -4.66 30.55
CA ALA C 173 4.80 -5.24 29.66
C ALA C 173 6.14 -5.23 30.35
N VAL C 174 6.44 -4.12 31.02
CA VAL C 174 7.69 -3.97 31.75
C VAL C 174 7.80 -5.05 32.83
N GLU C 175 6.71 -5.26 33.56
CA GLU C 175 6.67 -6.28 34.60
C GLU C 175 6.92 -7.69 34.07
N GLN C 176 6.53 -7.94 32.83
CA GLN C 176 6.73 -9.25 32.22
C GLN C 176 8.23 -9.45 32.01
N ILE C 177 8.92 -8.37 31.63
CA ILE C 177 10.37 -8.41 31.43
C ILE C 177 11.07 -8.57 32.79
N GLN C 178 10.60 -7.82 33.79
CA GLN C 178 11.17 -7.88 35.13
C GLN C 178 11.01 -9.26 35.77
N LEU C 179 9.87 -9.90 35.52
CA LEU C 179 9.60 -11.23 36.06
C LEU C 179 10.35 -12.27 35.23
N GLY C 180 11.11 -11.80 34.24
CA GLY C 180 11.88 -12.70 33.39
C GLY C 180 11.03 -13.66 32.55
N LYS C 181 9.77 -13.31 32.36
CA LYS C 181 8.86 -14.15 31.58
C LYS C 181 8.94 -13.90 30.08
N GLN C 182 9.25 -12.67 29.70
CA GLN C 182 9.35 -12.30 28.28
C GLN C 182 10.60 -11.50 27.95
N ASP C 183 11.09 -11.63 26.72
CA ASP C 183 12.27 -10.89 26.25
C ASP C 183 11.77 -9.65 25.56
N ILE C 184 10.63 -9.81 24.87
CA ILE C 184 9.99 -8.73 24.15
C ILE C 184 8.47 -8.76 24.31
N VAL C 185 7.89 -7.59 24.49
CA VAL C 185 6.44 -7.46 24.60
C VAL C 185 6.03 -6.18 23.86
N PHE C 186 5.15 -6.33 22.86
CA PHE C 186 4.66 -5.18 22.10
C PHE C 186 3.54 -4.61 22.95
N ALA C 187 3.67 -3.34 23.35
CA ALA C 187 2.66 -2.72 24.20
C ALA C 187 2.08 -1.45 23.60
N GLY C 188 0.82 -1.18 23.91
CA GLY C 188 0.17 0.01 23.40
C GLY C 188 -1.34 -0.15 23.37
N GLY C 189 -1.97 0.42 22.34
CA GLY C 189 -3.40 0.32 22.23
C GLY C 189 -3.98 1.11 21.09
N GLY C 190 -5.31 1.16 21.04
CA GLY C 190 -5.99 1.90 20.01
C GLY C 190 -7.39 2.28 20.46
N GLU C 191 -8.01 3.20 19.73
CA GLU C 191 -9.36 3.63 20.02
C GLU C 191 -10.01 4.14 18.74
N GLU C 192 -11.25 3.74 18.50
CA GLU C 192 -11.97 4.19 17.32
C GLU C 192 -12.57 5.55 17.63
N LEU C 193 -12.99 6.27 16.60
CA LEU C 193 -13.59 7.59 16.74
C LEU C 193 -15.00 7.50 16.14
N CYS C 194 -16.02 7.72 16.95
CA CYS C 194 -17.40 7.60 16.48
C CYS C 194 -18.40 8.33 17.38
N TRP C 195 -19.49 8.81 16.79
CA TRP C 195 -20.51 9.51 17.58
C TRP C 195 -21.13 8.56 18.60
N GLU C 196 -21.17 7.26 18.25
CA GLU C 196 -21.76 6.26 19.13
C GLU C 196 -21.20 6.34 20.54
N MET C 197 -19.88 6.43 20.63
CA MET C 197 -19.23 6.52 21.92
C MET C 197 -19.09 7.98 22.31
N ALA C 198 -18.80 8.81 21.31
CA ALA C 198 -18.61 10.24 21.51
C ALA C 198 -19.79 10.93 22.19
N CYS C 199 -21.00 10.54 21.79
CA CYS C 199 -22.23 11.12 22.33
C CYS C 199 -22.43 10.82 23.82
N GLU C 200 -21.80 9.75 24.29
CA GLU C 200 -21.93 9.36 25.68
C GLU C 200 -21.08 10.26 26.61
N PHE C 201 -20.02 10.87 26.05
CA PHE C 201 -19.16 11.78 26.82
C PHE C 201 -19.79 13.16 26.83
N ASP C 202 -20.40 13.51 25.70
CA ASP C 202 -21.09 14.77 25.53
C ASP C 202 -22.28 14.78 26.49
N ALA C 203 -22.94 13.63 26.59
CA ALA C 203 -24.08 13.46 27.47
C ALA C 203 -23.75 13.71 28.95
N MET C 204 -22.49 13.54 29.31
CA MET C 204 -22.06 13.76 30.69
C MET C 204 -21.30 15.08 30.80
N GLY C 205 -21.35 15.87 29.72
CA GLY C 205 -20.71 17.17 29.68
C GLY C 205 -19.18 17.19 29.70
N ALA C 206 -18.55 16.07 29.31
CA ALA C 206 -17.09 15.98 29.31
C ALA C 206 -16.37 16.60 28.12
N LEU C 207 -17.10 16.78 27.02
CA LEU C 207 -16.52 17.33 25.80
C LEU C 207 -16.69 18.83 25.59
N SER C 208 -15.75 19.42 24.85
CA SER C 208 -15.78 20.84 24.53
C SER C 208 -16.92 21.16 23.55
N THR C 209 -17.65 22.23 23.81
CA THR C 209 -18.76 22.62 22.95
C THR C 209 -18.79 24.08 22.52
N LYS C 210 -17.93 24.93 23.10
CA LYS C 210 -17.94 26.36 22.76
C LYS C 210 -16.98 26.84 21.67
N TYR C 211 -16.23 25.95 21.05
CA TYR C 211 -15.28 26.36 20.02
C TYR C 211 -15.44 25.62 18.70
N ASN C 212 -16.66 25.18 18.41
CA ASN C 212 -16.91 24.43 17.18
C ASN C 212 -16.58 25.25 15.93
N ASP C 213 -16.67 26.57 16.03
CA ASP C 213 -16.36 27.46 14.90
C ASP C 213 -14.86 27.56 14.68
N THR C 214 -14.10 27.26 15.72
CA THR C 214 -12.64 27.30 15.67
C THR C 214 -12.13 26.01 16.31
N PRO C 215 -12.21 24.89 15.57
CA PRO C 215 -11.76 23.57 16.03
C PRO C 215 -10.36 23.51 16.66
N GLU C 216 -9.41 24.16 16.01
CA GLU C 216 -8.03 24.16 16.48
C GLU C 216 -7.82 24.88 17.82
N LYS C 217 -8.84 25.60 18.29
CA LYS C 217 -8.73 26.32 19.56
C LYS C 217 -9.57 25.69 20.67
N ALA C 218 -10.32 24.64 20.32
CA ALA C 218 -11.19 23.94 21.28
C ALA C 218 -10.40 23.30 22.43
N SER C 219 -9.34 22.58 22.11
CA SER C 219 -8.48 21.92 23.10
C SER C 219 -7.50 22.95 23.63
N ARG C 220 -7.73 23.40 24.87
CA ARG C 220 -6.90 24.44 25.46
C ARG C 220 -6.54 24.18 26.92
N THR C 221 -5.80 23.10 27.17
CA THR C 221 -5.39 22.75 28.53
C THR C 221 -4.75 23.93 29.28
N TYR C 222 -5.22 24.13 30.51
CA TYR C 222 -4.74 25.20 31.40
C TYR C 222 -5.26 26.59 31.07
N ASP C 223 -5.93 26.76 29.94
CA ASP C 223 -6.49 28.05 29.58
C ASP C 223 -7.70 28.32 30.46
N ALA C 224 -7.84 29.56 30.92
CA ALA C 224 -8.95 29.95 31.80
C ALA C 224 -10.33 29.64 31.24
N HIS C 225 -10.43 29.52 29.92
CA HIS C 225 -11.72 29.26 29.30
C HIS C 225 -11.90 27.90 28.64
N ARG C 226 -11.14 26.92 29.12
CA ARG C 226 -11.23 25.57 28.59
C ARG C 226 -12.63 25.11 28.99
N ASP C 227 -13.21 24.19 28.24
CA ASP C 227 -14.55 23.71 28.55
C ASP C 227 -14.80 22.24 28.21
N GLY C 228 -13.82 21.39 28.49
CA GLY C 228 -13.98 19.97 28.19
C GLY C 228 -12.96 19.50 27.16
N PHE C 229 -12.69 18.21 27.13
CA PHE C 229 -11.71 17.68 26.19
C PHE C 229 -12.28 17.44 24.79
N VAL C 230 -11.37 17.32 23.81
CA VAL C 230 -11.76 17.07 22.43
C VAL C 230 -11.44 15.61 22.13
N ILE C 231 -12.50 14.82 21.95
CA ILE C 231 -12.34 13.41 21.69
C ILE C 231 -11.52 13.15 20.42
N ALA C 232 -10.75 12.07 20.43
CA ALA C 232 -9.90 11.71 19.31
C ALA C 232 -9.75 10.19 19.19
N GLY C 233 -9.17 9.76 18.07
CA GLY C 233 -8.96 8.34 17.85
C GLY C 233 -7.58 8.08 17.29
N GLY C 234 -7.17 6.82 17.27
CA GLY C 234 -5.87 6.51 16.74
C GLY C 234 -5.22 5.35 17.47
N GLY C 235 -3.93 5.14 17.24
CA GLY C 235 -3.26 4.05 17.90
C GLY C 235 -1.79 4.33 18.18
N GLY C 236 -1.20 3.49 19.02
CA GLY C 236 0.19 3.65 19.37
C GLY C 236 0.74 2.29 19.80
N MET C 237 2.02 2.06 19.57
CA MET C 237 2.64 0.79 19.93
C MET C 237 4.13 0.96 20.13
N VAL C 238 4.66 0.34 21.18
CA VAL C 238 6.09 0.41 21.44
C VAL C 238 6.61 -0.99 21.72
N VAL C 239 7.89 -1.19 21.45
CA VAL C 239 8.53 -2.47 21.70
C VAL C 239 9.24 -2.41 23.05
N VAL C 240 8.71 -3.12 24.05
CA VAL C 240 9.33 -3.17 25.37
C VAL C 240 10.24 -4.40 25.32
N GLU C 241 11.53 -4.19 25.53
CA GLU C 241 12.51 -5.26 25.44
C GLU C 241 13.47 -5.31 26.64
N GLU C 242 13.94 -6.51 26.97
CA GLU C 242 14.89 -6.65 28.07
C GLU C 242 16.23 -6.08 27.57
N LEU C 243 16.94 -5.37 28.45
CA LEU C 243 18.20 -4.71 28.10
C LEU C 243 19.27 -5.56 27.40
N GLU C 244 19.60 -6.69 28.01
CA GLU C 244 20.60 -7.63 27.50
C GLU C 244 20.26 -8.10 26.09
N HIS C 245 19.03 -8.56 25.95
CA HIS C 245 18.49 -9.02 24.68
C HIS C 245 18.58 -7.90 23.64
N ALA C 246 18.13 -6.70 24.03
CA ALA C 246 18.14 -5.55 23.15
C ALA C 246 19.55 -5.21 22.66
N LEU C 247 20.50 -5.14 23.60
CA LEU C 247 21.89 -4.83 23.26
C LEU C 247 22.51 -5.94 22.41
N ALA C 248 22.29 -7.17 22.85
CA ALA C 248 22.81 -8.37 22.19
C ALA C 248 22.50 -8.41 20.71
N ARG C 249 21.36 -7.87 20.33
CA ARG C 249 20.95 -7.85 18.94
C ARG C 249 21.17 -6.50 18.26
N GLY C 250 22.10 -5.72 18.80
CA GLY C 250 22.41 -4.42 18.23
C GLY C 250 21.23 -3.54 17.91
N ALA C 251 20.17 -3.62 18.72
CA ALA C 251 18.97 -2.82 18.53
C ALA C 251 19.18 -1.35 18.92
N HIS C 252 18.35 -0.48 18.36
CA HIS C 252 18.43 0.93 18.71
C HIS C 252 17.54 1.10 19.93
N ILE C 253 18.12 1.64 21.01
CA ILE C 253 17.40 1.84 22.27
C ILE C 253 17.08 3.31 22.48
N TYR C 254 15.78 3.63 22.56
CA TYR C 254 15.34 5.00 22.77
C TYR C 254 15.66 5.38 24.21
N ALA C 255 15.07 4.64 25.13
CA ALA C 255 15.26 4.89 26.55
C ALA C 255 14.80 3.69 27.35
N GLU C 256 15.18 3.66 28.62
CA GLU C 256 14.78 2.58 29.51
C GLU C 256 13.60 3.12 30.33
N ILE C 257 12.66 2.25 30.69
CA ILE C 257 11.54 2.67 31.52
C ILE C 257 12.07 2.42 32.93
N VAL C 258 12.39 3.51 33.63
CA VAL C 258 12.93 3.44 34.97
C VAL C 258 11.88 3.58 36.09
N GLY C 259 10.64 3.86 35.71
CA GLY C 259 9.59 4.00 36.69
C GLY C 259 8.20 3.74 36.14
N TYR C 260 7.37 3.07 36.94
CA TYR C 260 6.01 2.77 36.55
C TYR C 260 5.10 2.77 37.78
N GLY C 261 4.19 3.74 37.81
CA GLY C 261 3.27 3.82 38.91
C GLY C 261 1.88 3.42 38.46
N ALA C 262 1.15 2.74 39.34
CA ALA C 262 -0.23 2.33 39.07
C ALA C 262 -0.96 2.35 40.41
N THR C 263 -1.80 3.34 40.62
CA THR C 263 -2.55 3.44 41.87
C THR C 263 -4.04 3.60 41.65
N SER C 264 -4.76 3.72 42.76
CA SER C 264 -6.20 3.84 42.73
C SER C 264 -6.67 4.95 43.71
N ASP C 265 -7.64 5.75 43.29
CA ASP C 265 -8.20 6.83 44.11
C ASP C 265 -9.11 6.30 45.20
N GLY C 266 -9.98 5.35 44.84
CA GLY C 266 -10.92 4.79 45.79
C GLY C 266 -11.80 5.89 46.36
N ALA C 267 -12.21 6.85 45.51
CA ALA C 267 -13.04 7.95 45.96
C ALA C 267 -14.19 8.31 45.03
N ASP C 268 -13.88 8.93 43.90
CA ASP C 268 -14.91 9.33 42.95
C ASP C 268 -14.91 8.52 41.65
N MET C 269 -16.07 8.40 40.99
CA MET C 269 -16.17 7.64 39.76
C MET C 269 -15.76 8.41 38.51
N VAL C 270 -16.16 9.69 38.44
CA VAL C 270 -15.87 10.52 37.27
C VAL C 270 -14.96 11.72 37.51
N ALA C 271 -14.54 11.93 38.76
CA ALA C 271 -13.67 13.04 39.07
C ALA C 271 -12.41 12.54 39.75
N PRO C 272 -11.24 13.10 39.41
CA PRO C 272 -10.00 12.65 40.03
C PRO C 272 -9.71 13.30 41.38
N SER C 273 -8.92 12.61 42.19
CA SER C 273 -8.49 13.12 43.50
C SER C 273 -6.97 13.20 43.35
N GLY C 274 -6.44 14.42 43.33
CA GLY C 274 -5.01 14.60 43.16
C GLY C 274 -4.14 13.64 43.94
N GLU C 275 -4.69 13.10 45.02
CA GLU C 275 -3.95 12.20 45.90
C GLU C 275 -3.51 10.88 45.29
N GLY C 276 -4.42 10.22 44.59
CA GLY C 276 -4.09 8.94 43.96
C GLY C 276 -3.02 9.20 42.92
N ALA C 277 -3.04 10.41 42.38
CA ALA C 277 -2.06 10.78 41.37
C ALA C 277 -0.71 11.08 42.04
N VAL C 278 -0.75 11.65 43.24
CA VAL C 278 0.46 11.96 44.00
C VAL C 278 1.19 10.66 44.29
N ARG C 279 0.45 9.67 44.77
CA ARG C 279 1.03 8.37 45.07
C ARG C 279 1.54 7.68 43.81
N CYS C 280 0.79 7.82 42.72
CA CYS C 280 1.15 7.22 41.44
C CYS C 280 2.49 7.74 40.91
N MET C 281 2.64 9.06 40.92
CA MET C 281 3.86 9.72 40.46
C MET C 281 5.03 9.39 41.37
N LYS C 282 4.79 9.47 42.68
CA LYS C 282 5.83 9.15 43.65
C LYS C 282 6.29 7.71 43.45
N MET C 283 5.35 6.82 43.17
CA MET C 283 5.67 5.41 42.98
C MET C 283 6.58 5.22 41.77
N ALA C 284 6.35 6.00 40.73
CA ALA C 284 7.13 5.91 39.50
C ALA C 284 8.53 6.52 39.68
N MET C 285 8.67 7.55 40.51
CA MET C 285 9.98 8.20 40.70
C MET C 285 10.87 7.53 41.74
N HIS C 286 10.29 6.63 42.51
CA HIS C 286 11.00 5.91 43.54
C HIS C 286 12.14 5.07 42.96
N GLY C 287 13.36 5.36 43.38
CA GLY C 287 14.53 4.65 42.87
C GLY C 287 15.17 5.33 41.66
N VAL C 288 14.62 6.45 41.21
CA VAL C 288 15.16 7.18 40.06
C VAL C 288 16.09 8.27 40.59
N ASP C 289 17.39 8.15 40.30
CA ASP C 289 18.34 9.12 40.82
C ASP C 289 18.57 10.37 39.98
N THR C 290 17.62 10.68 39.11
CA THR C 290 17.75 11.86 38.29
C THR C 290 16.44 12.62 38.30
N PRO C 291 16.51 13.95 38.17
CA PRO C 291 15.31 14.80 38.15
C PRO C 291 14.48 14.60 36.91
N ILE C 292 13.18 14.85 37.02
CA ILE C 292 12.27 14.76 35.89
C ILE C 292 12.47 16.07 35.13
N ASP C 293 13.02 15.99 33.92
CA ASP C 293 13.26 17.18 33.11
C ASP C 293 12.02 17.70 32.39
N TYR C 294 11.13 16.79 32.01
CA TYR C 294 9.93 17.19 31.31
C TYR C 294 8.79 16.27 31.71
N LEU C 295 7.63 16.86 31.95
CA LEU C 295 6.45 16.10 32.35
C LEU C 295 5.32 16.28 31.33
N ASN C 296 4.96 15.19 30.66
CA ASN C 296 3.86 15.21 29.70
C ASN C 296 2.62 14.92 30.53
N SER C 297 1.85 15.95 30.84
CA SER C 297 0.65 15.81 31.68
C SER C 297 -0.53 15.13 30.99
N HIS C 298 -1.48 14.68 31.80
CA HIS C 298 -2.68 14.04 31.26
C HIS C 298 -3.55 15.17 30.69
N GLY C 299 -3.43 16.35 31.31
CA GLY C 299 -4.14 17.56 30.90
C GLY C 299 -5.05 17.44 29.70
N THR C 300 -6.30 17.07 29.94
CA THR C 300 -7.29 16.89 28.89
C THR C 300 -8.06 18.15 28.48
N SER C 301 -7.88 19.24 29.21
CA SER C 301 -8.55 20.52 28.95
C SER C 301 -9.93 20.59 29.58
N THR C 302 -10.05 20.01 30.78
CA THR C 302 -11.32 20.02 31.51
C THR C 302 -11.12 20.91 32.74
N PRO C 303 -12.17 21.64 33.14
CA PRO C 303 -12.10 22.53 34.31
C PRO C 303 -11.50 21.91 35.58
N VAL C 304 -12.08 20.81 36.04
CA VAL C 304 -11.60 20.15 37.25
C VAL C 304 -10.32 19.36 37.06
N GLY C 305 -10.29 18.51 36.05
CA GLY C 305 -9.13 17.67 35.80
C GLY C 305 -7.79 18.37 35.68
N ASP C 306 -7.69 19.35 34.79
CA ASP C 306 -6.44 20.06 34.58
C ASP C 306 -5.77 20.51 35.89
N VAL C 307 -6.54 21.19 36.75
CA VAL C 307 -6.01 21.70 38.00
C VAL C 307 -5.84 20.64 39.09
N LYS C 308 -6.59 19.56 39.01
CA LYS C 308 -6.46 18.50 39.98
C LYS C 308 -5.03 17.96 39.86
N GLU C 309 -4.61 17.73 38.61
CA GLU C 309 -3.29 17.20 38.31
C GLU C 309 -2.18 18.18 38.63
N LEU C 310 -2.46 19.46 38.44
CA LEU C 310 -1.49 20.50 38.71
C LEU C 310 -1.23 20.59 40.20
N ALA C 311 -2.26 20.40 40.99
CA ALA C 311 -2.14 20.43 42.44
C ALA C 311 -1.28 19.23 42.89
N ALA C 312 -1.42 18.09 42.23
CA ALA C 312 -0.66 16.89 42.56
C ALA C 312 0.79 17.06 42.15
N ILE C 313 1.01 17.73 41.02
CA ILE C 313 2.36 17.95 40.54
C ILE C 313 3.08 18.89 41.53
N ARG C 314 2.38 19.90 42.02
CA ARG C 314 2.97 20.83 42.97
C ARG C 314 3.27 20.12 44.28
N GLU C 315 2.48 19.08 44.57
CA GLU C 315 2.65 18.32 45.78
C GLU C 315 3.85 17.38 45.70
N VAL C 316 4.19 16.96 44.48
CA VAL C 316 5.31 16.05 44.26
C VAL C 316 6.66 16.76 44.06
N PHE C 317 6.65 17.91 43.39
CA PHE C 317 7.90 18.60 43.09
C PHE C 317 8.16 19.91 43.79
N GLY C 318 7.29 20.31 44.71
CA GLY C 318 7.48 21.55 45.43
C GLY C 318 7.71 22.74 44.52
N ASP C 319 8.80 23.46 44.74
CA ASP C 319 9.15 24.63 43.93
C ASP C 319 10.10 24.27 42.80
N LYS C 320 10.46 22.99 42.71
CA LYS C 320 11.37 22.52 41.67
C LYS C 320 10.56 21.70 40.67
N SER C 321 9.56 22.33 40.08
CA SER C 321 8.69 21.66 39.12
C SER C 321 9.33 21.39 37.77
N PRO C 322 9.07 20.22 37.18
CA PRO C 322 9.70 20.04 35.87
C PRO C 322 8.95 20.88 34.83
N ALA C 323 9.50 20.95 33.62
CA ALA C 323 8.86 21.69 32.54
C ALA C 323 7.62 20.86 32.19
N ILE C 324 6.49 21.53 32.02
CA ILE C 324 5.26 20.81 31.71
C ILE C 324 4.58 21.30 30.44
N SER C 325 3.89 20.39 29.77
CA SER C 325 3.15 20.74 28.57
C SER C 325 2.13 19.62 28.31
N ALA C 326 0.90 20.02 27.98
CA ALA C 326 -0.19 19.11 27.70
C ALA C 326 -0.34 18.98 26.18
N THR C 327 0.23 17.94 25.60
CA THR C 327 0.15 17.77 24.16
C THR C 327 -1.27 17.54 23.61
N LYS C 328 -2.25 17.35 24.52
CA LYS C 328 -3.63 17.13 24.12
C LYS C 328 -4.24 18.41 23.52
N ALA C 329 -3.65 19.56 23.85
CA ALA C 329 -4.13 20.83 23.32
C ALA C 329 -3.91 20.83 21.80
N MET C 330 -3.03 19.95 21.35
CA MET C 330 -2.69 19.80 19.94
C MET C 330 -3.42 18.60 19.34
N THR C 331 -3.26 17.47 20.00
CA THR C 331 -3.81 16.18 19.54
C THR C 331 -5.24 15.76 19.89
N GLY C 332 -5.78 16.28 20.99
CA GLY C 332 -7.10 15.87 21.39
C GLY C 332 -6.90 14.69 22.33
N HIS C 333 -8.00 14.10 22.81
CA HIS C 333 -7.94 12.97 23.74
C HIS C 333 -8.34 11.64 23.10
N SER C 334 -7.36 10.81 22.77
CA SER C 334 -7.63 9.51 22.15
C SER C 334 -8.03 8.42 23.13
N LEU C 335 -8.41 8.85 24.33
CA LEU C 335 -8.87 7.95 25.39
C LEU C 335 -7.91 6.79 25.69
N GLY C 336 -8.30 5.58 25.32
CA GLY C 336 -7.47 4.41 25.59
C GLY C 336 -6.11 4.42 24.89
N ALA C 337 -6.00 5.18 23.80
CA ALA C 337 -4.75 5.25 23.05
C ALA C 337 -3.87 6.41 23.53
N ALA C 338 -4.42 7.25 24.39
CA ALA C 338 -3.70 8.42 24.90
C ALA C 338 -2.37 8.08 25.59
N GLY C 339 -2.39 7.08 26.45
CA GLY C 339 -1.19 6.71 27.18
C GLY C 339 0.03 6.35 26.35
N VAL C 340 -0.15 5.46 25.38
CA VAL C 340 0.95 5.02 24.52
C VAL C 340 1.39 6.07 23.53
N GLN C 341 0.45 6.88 23.04
CA GLN C 341 0.78 7.91 22.08
C GLN C 341 1.61 9.01 22.76
N GLU C 342 1.19 9.37 23.97
CA GLU C 342 1.87 10.41 24.75
C GLU C 342 3.22 9.90 25.25
N ALA C 343 3.36 8.60 25.42
CA ALA C 343 4.63 8.03 25.84
C ALA C 343 5.56 8.21 24.64
N ILE C 344 5.00 8.01 23.44
CA ILE C 344 5.75 8.16 22.19
C ILE C 344 6.15 9.63 21.96
N TYR C 345 5.27 10.58 22.26
CA TYR C 345 5.62 12.00 22.10
C TYR C 345 6.78 12.32 23.04
N SER C 346 6.72 11.74 24.23
CA SER C 346 7.75 11.93 25.26
C SER C 346 9.08 11.33 24.79
N LEU C 347 9.02 10.16 24.19
CA LEU C 347 10.21 9.49 23.67
C LEU C 347 10.82 10.30 22.52
N LEU C 348 9.96 10.90 21.69
CA LEU C 348 10.43 11.70 20.57
C LEU C 348 11.10 12.98 21.05
N MET C 349 10.59 13.54 22.15
CA MET C 349 11.16 14.75 22.72
C MET C 349 12.52 14.42 23.35
N LEU C 350 12.60 13.24 23.96
CA LEU C 350 13.82 12.77 24.61
C LEU C 350 14.88 12.49 23.54
N GLU C 351 14.49 11.75 22.51
CA GLU C 351 15.43 11.42 21.44
C GLU C 351 15.86 12.62 20.59
N HIS C 352 15.03 13.67 20.52
CA HIS C 352 15.38 14.82 19.70
C HIS C 352 15.62 16.12 20.49
N GLY C 353 15.76 15.99 21.80
CA GLY C 353 16.05 17.13 22.66
C GLY C 353 15.22 18.40 22.56
N PHE C 354 13.91 18.27 22.71
CA PHE C 354 13.05 19.43 22.64
C PHE C 354 11.79 19.20 23.47
N ILE C 355 11.14 20.29 23.85
CA ILE C 355 9.89 20.22 24.61
C ILE C 355 8.76 20.76 23.75
N ALA C 356 7.76 19.91 23.48
CA ALA C 356 6.60 20.30 22.69
C ALA C 356 5.82 21.37 23.45
N PRO C 357 5.23 22.34 22.72
CA PRO C 357 4.48 23.41 23.37
C PRO C 357 3.11 23.03 23.90
N SER C 358 2.67 23.76 24.92
CA SER C 358 1.34 23.57 25.49
C SER C 358 0.61 24.71 24.80
N ILE C 359 -0.11 24.39 23.73
CA ILE C 359 -0.81 25.40 22.94
C ILE C 359 -2.21 25.81 23.41
N ASN C 360 -2.68 26.92 22.84
CA ASN C 360 -3.99 27.48 23.11
C ASN C 360 -4.25 28.11 24.47
N ILE C 361 -3.20 28.48 25.20
CA ILE C 361 -3.38 29.10 26.50
C ILE C 361 -3.46 30.62 26.37
N GLU C 362 -4.70 31.10 26.28
CA GLU C 362 -4.98 32.53 26.14
C GLU C 362 -4.87 33.22 27.50
N GLU C 363 -5.29 32.54 28.56
CA GLU C 363 -5.23 33.13 29.90
C GLU C 363 -4.27 32.46 30.87
N LEU C 364 -4.53 31.19 31.18
CA LEU C 364 -3.72 30.41 32.14
C LEU C 364 -4.44 30.42 33.48
N ASP C 365 -4.90 29.26 33.89
CA ASP C 365 -5.63 29.14 35.14
C ASP C 365 -4.86 29.73 36.30
N GLU C 366 -5.59 30.35 37.21
CA GLU C 366 -5.01 30.94 38.41
C GLU C 366 -4.27 29.83 39.18
N GLN C 367 -4.97 28.73 39.43
CA GLN C 367 -4.41 27.59 40.15
C GLN C 367 -3.32 26.85 39.39
N ALA C 368 -2.57 27.56 38.56
CA ALA C 368 -1.49 26.94 37.78
C ALA C 368 -0.20 27.74 37.89
N ALA C 369 -0.22 28.81 38.69
CA ALA C 369 0.96 29.64 38.88
C ALA C 369 1.99 28.90 39.72
N GLY C 370 3.26 29.25 39.56
CA GLY C 370 4.29 28.59 40.34
C GLY C 370 4.90 27.37 39.67
N LEU C 371 4.34 26.96 38.53
CA LEU C 371 4.86 25.79 37.82
C LEU C 371 5.51 26.19 36.51
N ASN C 372 6.08 25.23 35.80
CA ASN C 372 6.72 25.53 34.53
C ASN C 372 5.96 25.00 33.32
N ILE C 373 4.83 25.61 33.03
CA ILE C 373 4.05 25.20 31.87
C ILE C 373 4.74 25.83 30.67
N VAL C 374 5.40 24.99 29.87
CA VAL C 374 6.09 25.45 28.65
C VAL C 374 5.10 25.64 27.50
N THR C 375 4.93 26.89 27.08
CA THR C 375 4.01 27.21 25.99
C THR C 375 4.65 27.51 24.61
N GLU C 376 5.95 27.31 24.48
CA GLU C 376 6.65 27.53 23.22
C GLU C 376 7.65 26.39 23.06
N THR C 377 7.80 25.88 21.84
CA THR C 377 8.73 24.78 21.60
C THR C 377 10.09 25.19 22.11
N THR C 378 10.74 24.32 22.86
CA THR C 378 12.04 24.64 23.44
C THR C 378 13.05 23.54 23.23
N ASP C 379 14.13 23.87 22.55
CA ASP C 379 15.15 22.86 22.32
C ASP C 379 15.92 22.73 23.63
N ARG C 380 15.93 21.53 24.18
CA ARG C 380 16.61 21.28 25.42
C ARG C 380 17.09 19.84 25.52
N GLU C 381 18.27 19.67 26.12
CA GLU C 381 18.85 18.34 26.30
C GLU C 381 18.11 17.65 27.44
N LEU C 382 17.20 16.74 27.11
CA LEU C 382 16.44 16.03 28.15
C LEU C 382 17.11 14.70 28.49
N THR C 383 16.88 14.23 29.72
CA THR C 383 17.44 12.95 30.16
C THR C 383 16.38 12.04 30.77
N THR C 384 15.51 12.61 31.60
CA THR C 384 14.44 11.85 32.25
C THR C 384 13.08 12.53 32.03
N VAL C 385 12.12 11.77 31.52
CA VAL C 385 10.79 12.29 31.25
C VAL C 385 9.70 11.48 31.94
N MET C 386 8.60 12.15 32.32
CA MET C 386 7.48 11.51 33.00
C MET C 386 6.18 11.74 32.21
N SER C 387 5.28 10.75 32.25
CA SER C 387 4.01 10.85 31.53
C SER C 387 2.87 10.31 32.39
N ASN C 388 1.82 11.12 32.56
CA ASN C 388 0.67 10.74 33.38
C ASN C 388 -0.59 10.39 32.60
N SER C 389 -1.31 9.39 33.07
CA SER C 389 -2.54 8.96 32.45
C SER C 389 -3.55 8.62 33.55
N PHE C 390 -4.73 9.22 33.47
CA PHE C 390 -5.79 8.98 34.46
C PHE C 390 -7.11 8.62 33.79
N GLY C 391 -7.91 7.79 34.44
CA GLY C 391 -9.18 7.41 33.87
C GLY C 391 -10.30 7.32 34.88
N PHE C 392 -11.54 7.23 34.39
CA PHE C 392 -12.71 7.11 35.25
C PHE C 392 -12.53 5.91 36.17
N GLY C 393 -13.19 5.94 37.33
CA GLY C 393 -13.06 4.86 38.29
C GLY C 393 -11.82 5.06 39.15
N GLY C 394 -11.24 6.25 39.06
CA GLY C 394 -10.05 6.58 39.84
C GLY C 394 -8.84 5.71 39.56
N THR C 395 -8.53 5.48 38.29
CA THR C 395 -7.39 4.67 37.90
C THR C 395 -6.25 5.55 37.40
N ASN C 396 -5.09 5.42 38.03
CA ASN C 396 -3.93 6.24 37.69
C ASN C 396 -2.72 5.44 37.24
N ALA C 397 -1.96 6.04 36.33
CA ALA C 397 -0.74 5.45 35.81
C ALA C 397 0.25 6.52 35.39
N THR C 398 1.53 6.29 35.67
CA THR C 398 2.54 7.23 35.22
C THR C 398 3.77 6.42 34.83
N LEU C 399 4.43 6.85 33.77
CA LEU C 399 5.63 6.18 33.30
C LEU C 399 6.80 7.16 33.30
N VAL C 400 7.96 6.68 33.71
CA VAL C 400 9.16 7.52 33.73
C VAL C 400 10.16 6.83 32.81
N MET C 401 10.61 7.55 31.79
CA MET C 401 11.57 7.02 30.82
C MET C 401 12.86 7.82 30.88
N ARG C 402 13.99 7.12 30.79
CA ARG C 402 15.29 7.77 30.87
C ARG C 402 16.27 7.28 29.82
N LYS C 403 17.19 8.15 29.41
CA LYS C 403 18.21 7.79 28.43
C LYS C 403 19.23 6.82 29.01
N LEU C 404 19.93 6.09 28.15
CA LEU C 404 20.93 5.13 28.60
C LEU C 404 22.31 5.79 28.56
N LYS D 2 6.44 -13.14 47.70
CA LYS D 2 6.76 -14.30 46.83
C LYS D 2 5.56 -15.22 46.54
N ARG D 3 4.93 -15.78 47.57
CA ARG D 3 3.80 -16.70 47.39
C ARG D 3 2.37 -16.13 47.52
N ALA D 4 1.48 -16.58 46.65
CA ALA D 4 0.10 -16.10 46.65
C ALA D 4 -0.92 -17.20 46.96
N VAL D 5 -1.81 -16.88 47.89
CA VAL D 5 -2.84 -17.81 48.33
C VAL D 5 -4.22 -17.14 48.25
N ILE D 6 -5.26 -17.98 48.18
CA ILE D 6 -6.64 -17.48 48.12
C ILE D 6 -7.21 -17.55 49.53
N THR D 7 -7.69 -16.42 50.03
CA THR D 7 -8.21 -16.34 51.39
C THR D 7 -9.70 -15.97 51.48
N GLY D 8 -10.37 -15.94 50.33
CA GLY D 8 -11.77 -15.59 50.33
C GLY D 8 -12.34 -15.64 48.94
N LEU D 9 -13.62 -15.93 48.81
CA LEU D 9 -14.25 -15.99 47.50
C LEU D 9 -15.71 -15.54 47.53
N GLY D 10 -16.17 -14.99 46.41
CA GLY D 10 -17.54 -14.53 46.29
C GLY D 10 -18.04 -14.95 44.93
N ILE D 11 -19.33 -15.20 44.79
CA ILE D 11 -19.85 -15.63 43.50
C ILE D 11 -21.35 -15.46 43.32
N VAL D 12 -21.73 -14.98 42.14
CA VAL D 12 -23.14 -14.81 41.76
C VAL D 12 -23.22 -15.54 40.41
N SER D 13 -23.78 -16.74 40.40
CA SER D 13 -23.84 -17.50 39.17
C SER D 13 -25.17 -18.17 38.87
N SER D 14 -25.26 -18.78 37.70
CA SER D 14 -26.47 -19.47 37.25
C SER D 14 -26.83 -20.64 38.15
N ILE D 15 -25.86 -21.17 38.90
CA ILE D 15 -26.12 -22.29 39.79
C ILE D 15 -26.04 -21.93 41.28
N GLY D 16 -26.06 -20.65 41.61
CA GLY D 16 -26.00 -20.28 43.00
C GLY D 16 -25.66 -18.82 43.20
N ASN D 17 -26.33 -18.18 44.15
CA ASN D 17 -26.12 -16.76 44.45
C ASN D 17 -25.08 -16.51 45.53
N ASN D 18 -24.47 -17.60 45.99
CA ASN D 18 -23.43 -17.56 47.00
C ASN D 18 -22.76 -18.91 46.95
N GLN D 19 -21.68 -19.09 47.69
CA GLN D 19 -20.95 -20.37 47.67
C GLN D 19 -21.70 -21.53 48.28
N GLN D 20 -22.56 -21.27 49.24
CA GLN D 20 -23.35 -22.34 49.84
C GLN D 20 -24.18 -22.95 48.71
N GLU D 21 -24.83 -22.08 47.95
CA GLU D 21 -25.68 -22.50 46.85
C GLU D 21 -24.89 -23.20 45.73
N VAL D 22 -23.78 -22.58 45.32
CA VAL D 22 -22.94 -23.17 44.29
C VAL D 22 -22.54 -24.59 44.70
N LEU D 23 -22.03 -24.72 45.91
CA LEU D 23 -21.62 -26.02 46.47
C LEU D 23 -22.74 -27.08 46.30
N ALA D 24 -23.96 -26.72 46.69
CA ALA D 24 -25.09 -27.65 46.60
C ALA D 24 -25.45 -28.01 45.16
N SER D 25 -25.39 -27.02 44.27
CA SER D 25 -25.68 -27.29 42.87
C SER D 25 -24.62 -28.22 42.29
N LEU D 26 -23.35 -27.92 42.59
CA LEU D 26 -22.23 -28.71 42.12
C LEU D 26 -22.27 -30.19 42.50
N ARG D 27 -22.63 -30.46 43.75
CA ARG D 27 -22.70 -31.82 44.25
C ARG D 27 -23.91 -32.52 43.69
N GLU D 28 -24.98 -31.75 43.50
CA GLU D 28 -26.20 -32.31 42.96
C GLU D 28 -26.13 -32.44 41.44
N GLY D 29 -25.15 -31.79 40.82
CA GLY D 29 -25.03 -31.83 39.38
C GLY D 29 -26.24 -31.12 38.78
N ARG D 30 -26.68 -30.05 39.44
CA ARG D 30 -27.87 -29.28 39.03
C ARG D 30 -27.66 -28.12 38.02
N SER D 31 -28.37 -28.22 36.90
CA SER D 31 -28.33 -27.23 35.82
C SER D 31 -28.79 -25.82 36.22
N GLY D 32 -28.12 -24.81 35.66
CA GLY D 32 -28.50 -23.43 35.91
C GLY D 32 -29.09 -22.84 34.63
N ILE D 33 -29.30 -23.69 33.63
CA ILE D 33 -29.84 -23.26 32.33
C ILE D 33 -31.36 -23.25 32.25
N THR D 34 -31.90 -22.18 31.69
CA THR D 34 -33.33 -22.02 31.55
C THR D 34 -33.70 -21.52 30.16
N PHE D 35 -35.00 -21.49 29.87
CA PHE D 35 -35.48 -21.00 28.59
C PHE D 35 -35.49 -19.47 28.70
N SER D 36 -35.11 -18.79 27.61
CA SER D 36 -35.09 -17.32 27.61
C SER D 36 -36.04 -16.69 26.59
N GLN D 37 -37.11 -16.08 27.09
CA GLN D 37 -38.09 -15.43 26.21
C GLN D 37 -37.43 -14.22 25.54
N GLU D 38 -36.49 -13.59 26.26
CA GLU D 38 -35.78 -12.44 25.72
C GLU D 38 -34.91 -12.81 24.52
N LEU D 39 -34.24 -13.96 24.58
CA LEU D 39 -33.40 -14.37 23.47
C LEU D 39 -34.27 -14.77 22.27
N LYS D 40 -35.34 -15.52 22.52
CA LYS D 40 -36.26 -15.95 21.46
C LYS D 40 -36.93 -14.75 20.79
N ASP D 41 -37.33 -13.76 21.58
CA ASP D 41 -37.97 -12.56 21.06
C ASP D 41 -37.03 -11.75 20.17
N SER D 42 -35.76 -11.65 20.59
CA SER D 42 -34.75 -10.90 19.84
C SER D 42 -34.56 -11.47 18.43
N GLY D 43 -35.01 -12.71 18.22
CA GLY D 43 -34.87 -13.32 16.92
C GLY D 43 -33.73 -14.34 16.80
N MET D 44 -33.15 -14.73 17.93
CA MET D 44 -32.05 -15.72 17.93
C MET D 44 -32.54 -17.16 17.80
N ARG D 45 -31.65 -18.04 17.35
CA ARG D 45 -31.96 -19.46 17.19
C ARG D 45 -31.72 -20.18 18.51
N SER D 46 -30.94 -19.54 19.37
CA SER D 46 -30.62 -20.06 20.69
C SER D 46 -31.55 -19.37 21.70
N HIS D 47 -32.34 -20.15 22.42
CA HIS D 47 -33.27 -19.61 23.42
C HIS D 47 -32.97 -20.11 24.84
N VAL D 48 -31.75 -20.59 25.07
CA VAL D 48 -31.38 -21.10 26.39
C VAL D 48 -30.39 -20.16 27.09
N TRP D 49 -30.59 -20.02 28.39
CA TRP D 49 -29.85 -19.10 29.25
C TRP D 49 -29.17 -19.71 30.46
N GLY D 50 -28.09 -19.06 30.89
CA GLY D 50 -27.37 -19.44 32.09
C GLY D 50 -27.55 -18.15 32.88
N ASN D 51 -28.77 -17.92 33.35
CA ASN D 51 -29.11 -16.69 34.07
C ASN D 51 -28.94 -16.67 35.59
N VAL D 52 -28.74 -15.47 36.11
CA VAL D 52 -28.57 -15.25 37.53
C VAL D 52 -29.98 -15.09 38.10
N LYS D 53 -30.36 -15.98 39.02
CA LYS D 53 -31.68 -15.91 39.62
C LYS D 53 -31.62 -15.17 40.96
N LEU D 54 -31.46 -13.85 40.87
CA LEU D 54 -31.37 -13.02 42.06
C LEU D 54 -31.78 -11.60 41.73
N ASP D 55 -32.75 -11.07 42.47
CA ASP D 55 -33.18 -9.71 42.25
C ASP D 55 -32.16 -8.85 42.97
N THR D 56 -31.37 -8.10 42.21
CA THR D 56 -30.32 -7.25 42.77
C THR D 56 -30.82 -5.84 43.13
N THR D 57 -31.99 -5.49 42.62
CA THR D 57 -32.64 -4.19 42.80
C THR D 57 -32.11 -3.19 43.82
N GLY D 58 -32.09 -3.53 45.10
CA GLY D 58 -31.61 -2.55 46.06
C GLY D 58 -30.39 -3.04 46.82
N LEU D 59 -29.64 -3.94 46.22
CA LEU D 59 -28.46 -4.53 46.86
C LEU D 59 -27.25 -3.61 46.98
N ILE D 60 -27.24 -2.54 46.20
CA ILE D 60 -26.13 -1.60 46.21
C ILE D 60 -26.65 -0.17 46.37
N ASP D 61 -25.86 0.65 47.07
CA ASP D 61 -26.20 2.06 47.33
C ASP D 61 -26.45 2.81 46.03
N ARG D 62 -27.54 3.57 46.03
CA ARG D 62 -27.93 4.38 44.87
C ARG D 62 -26.73 5.09 44.25
N LYS D 63 -26.08 5.96 45.02
CA LYS D 63 -24.95 6.72 44.52
C LYS D 63 -23.86 5.90 43.85
N VAL D 64 -23.75 4.64 44.25
CA VAL D 64 -22.73 3.74 43.69
C VAL D 64 -23.25 3.04 42.44
N VAL D 65 -24.37 2.36 42.60
CA VAL D 65 -25.00 1.60 41.53
C VAL D 65 -25.49 2.43 40.32
N ARG D 66 -25.42 3.75 40.41
CA ARG D 66 -25.87 4.58 39.32
C ARG D 66 -24.85 4.69 38.18
N PHE D 67 -23.65 4.21 38.42
CA PHE D 67 -22.59 4.24 37.42
C PHE D 67 -22.35 2.82 36.89
N MET D 68 -23.00 1.85 37.50
CA MET D 68 -22.77 0.45 37.12
C MET D 68 -23.71 -0.21 36.14
N SER D 69 -23.16 -1.23 35.47
CA SER D 69 -23.91 -2.05 34.54
C SER D 69 -23.96 -3.41 35.22
N ASP D 70 -24.66 -4.37 34.63
CA ASP D 70 -24.80 -5.69 35.23
C ASP D 70 -23.50 -6.42 35.57
N ALA D 71 -22.53 -6.38 34.65
CA ALA D 71 -21.24 -7.02 34.89
C ALA D 71 -20.63 -6.49 36.19
N SER D 72 -20.67 -5.17 36.36
CA SER D 72 -20.12 -4.52 37.53
C SER D 72 -20.92 -4.86 38.78
N ILE D 73 -22.24 -4.92 38.64
CA ILE D 73 -23.13 -5.26 39.75
C ILE D 73 -22.84 -6.68 40.24
N TYR D 74 -22.66 -7.63 39.31
CA TYR D 74 -22.37 -9.03 39.65
C TYR D 74 -21.00 -9.17 40.32
N ALA D 75 -20.01 -8.44 39.83
CA ALA D 75 -18.67 -8.48 40.39
C ALA D 75 -18.66 -7.83 41.78
N PHE D 76 -19.40 -6.73 41.91
CA PHE D 76 -19.51 -5.99 43.18
C PHE D 76 -20.09 -6.84 44.30
N LEU D 77 -21.19 -7.52 44.02
CA LEU D 77 -21.84 -8.39 45.00
C LEU D 77 -20.91 -9.54 45.36
N SER D 78 -20.14 -10.00 44.37
CA SER D 78 -19.17 -11.09 44.55
C SER D 78 -18.03 -10.64 45.45
N MET D 79 -17.64 -9.37 45.34
CA MET D 79 -16.58 -8.78 46.15
C MET D 79 -16.97 -8.72 47.63
N GLU D 80 -18.17 -8.16 47.90
CA GLU D 80 -18.71 -8.06 49.26
C GLU D 80 -18.57 -9.43 49.89
N GLN D 81 -19.08 -10.44 49.19
CA GLN D 81 -19.04 -11.84 49.62
C GLN D 81 -17.63 -12.32 49.94
N ALA D 82 -16.67 -12.02 49.06
CA ALA D 82 -15.29 -12.43 49.23
C ALA D 82 -14.60 -11.72 50.39
N ILE D 83 -14.87 -10.42 50.53
CA ILE D 83 -14.30 -9.64 51.61
C ILE D 83 -14.82 -10.22 52.90
N ALA D 84 -16.14 -10.44 52.96
CA ALA D 84 -16.77 -11.02 54.14
C ALA D 84 -16.28 -12.43 54.38
N ASP D 85 -16.06 -13.18 53.30
CA ASP D 85 -15.59 -14.55 53.41
C ASP D 85 -14.16 -14.57 53.91
N ALA D 86 -13.40 -13.54 53.54
CA ALA D 86 -12.00 -13.41 53.93
C ALA D 86 -11.82 -12.86 55.36
N GLY D 87 -12.89 -12.32 55.92
CA GLY D 87 -12.80 -11.77 57.27
C GLY D 87 -11.98 -10.50 57.30
N LEU D 88 -11.95 -9.79 56.19
CA LEU D 88 -11.22 -8.54 56.07
C LEU D 88 -12.06 -7.38 56.59
N SER D 89 -11.47 -6.52 57.41
CA SER D 89 -12.17 -5.37 57.95
C SER D 89 -11.74 -4.10 57.17
N PRO D 90 -12.68 -3.16 56.94
CA PRO D 90 -12.35 -1.94 56.20
C PRO D 90 -11.08 -1.24 56.65
N GLU D 91 -10.80 -1.30 57.95
CA GLU D 91 -9.62 -0.65 58.49
C GLU D 91 -8.39 -1.26 57.88
N ALA D 92 -8.48 -2.55 57.61
CA ALA D 92 -7.37 -3.29 57.05
C ALA D 92 -7.19 -3.10 55.54
N TYR D 93 -8.26 -3.23 54.77
CA TYR D 93 -8.14 -3.10 53.32
C TYR D 93 -8.44 -1.73 52.70
N GLN D 94 -9.28 -0.92 53.31
CA GLN D 94 -9.56 0.39 52.73
C GLN D 94 -8.42 1.39 52.88
N ASN D 95 -8.35 2.34 51.94
CA ASN D 95 -7.32 3.38 51.93
C ASN D 95 -5.91 2.84 52.16
N ASN D 96 -5.65 1.64 51.64
CA ASN D 96 -4.38 0.95 51.80
C ASN D 96 -3.65 0.75 50.46
N PRO D 97 -2.52 1.45 50.24
CA PRO D 97 -1.75 1.34 49.00
C PRO D 97 -1.29 -0.07 48.59
N ARG D 98 -1.29 -1.00 49.55
CA ARG D 98 -0.86 -2.37 49.27
C ARG D 98 -2.01 -3.32 48.96
N VAL D 99 -3.21 -2.76 48.84
CA VAL D 99 -4.39 -3.54 48.51
C VAL D 99 -4.88 -3.05 47.15
N GLY D 100 -5.00 -3.98 46.19
CA GLY D 100 -5.44 -3.65 44.86
C GLY D 100 -6.67 -4.40 44.34
N LEU D 101 -7.04 -4.11 43.10
CA LEU D 101 -8.20 -4.70 42.43
C LEU D 101 -7.93 -4.90 40.93
N ILE D 102 -8.04 -6.14 40.46
CA ILE D 102 -7.85 -6.45 39.05
C ILE D 102 -9.01 -7.36 38.62
N ALA D 103 -10.02 -6.77 38.00
CA ALA D 103 -11.20 -7.51 37.56
C ALA D 103 -11.71 -6.96 36.23
N GLY D 104 -12.27 -7.83 35.40
CA GLY D 104 -12.78 -7.37 34.12
C GLY D 104 -13.91 -8.21 33.54
N SER D 105 -14.31 -7.84 32.33
CA SER D 105 -15.36 -8.54 31.62
C SER D 105 -14.90 -8.77 30.18
N GLY D 106 -15.55 -9.67 29.47
CA GLY D 106 -15.18 -9.92 28.09
C GLY D 106 -15.75 -8.89 27.12
N GLY D 107 -16.94 -8.39 27.43
CA GLY D 107 -17.57 -7.43 26.54
C GLY D 107 -18.02 -6.11 27.11
N GLY D 108 -17.68 -5.83 28.37
CA GLY D 108 -18.10 -4.56 28.96
C GLY D 108 -19.61 -4.48 29.10
N SER D 109 -20.24 -3.59 28.34
CA SER D 109 -21.68 -3.48 28.40
C SER D 109 -22.39 -3.19 27.09
N PRO D 110 -22.59 -4.21 26.27
CA PRO D 110 -23.30 -3.99 24.99
C PRO D 110 -24.70 -3.39 25.22
N ARG D 111 -25.43 -3.86 26.23
CA ARG D 111 -26.77 -3.31 26.50
C ARG D 111 -26.76 -1.79 26.70
N PHE D 112 -25.70 -1.25 27.27
CA PHE D 112 -25.67 0.19 27.50
C PHE D 112 -25.08 0.99 26.36
N GLN D 113 -24.23 0.34 25.56
CA GLN D 113 -23.67 1.03 24.41
C GLN D 113 -24.86 1.18 23.46
N VAL D 114 -25.61 0.09 23.34
CA VAL D 114 -26.77 0.11 22.48
C VAL D 114 -27.81 1.09 23.04
N PHE D 115 -27.94 1.15 24.35
CA PHE D 115 -28.90 2.07 24.97
C PHE D 115 -28.50 3.51 24.64
N GLY D 116 -27.21 3.80 24.79
CA GLY D 116 -26.74 5.14 24.50
C GLY D 116 -26.99 5.54 23.05
N ALA D 117 -26.67 4.65 22.11
CA ALA D 117 -26.87 4.92 20.69
C ALA D 117 -28.35 5.08 20.36
N ASP D 118 -29.17 4.16 20.86
CA ASP D 118 -30.62 4.19 20.64
C ASP D 118 -31.27 5.48 21.17
N ALA D 119 -30.88 5.88 22.38
CA ALA D 119 -31.41 7.09 23.00
C ALA D 119 -30.97 8.30 22.20
N MET D 120 -29.69 8.31 21.83
CA MET D 120 -29.12 9.41 21.06
C MET D 120 -29.88 9.69 19.76
N ARG D 121 -30.29 8.63 19.07
CA ARG D 121 -30.99 8.72 17.79
C ARG D 121 -32.43 9.26 17.90
N GLY D 122 -33.00 9.23 19.11
CA GLY D 122 -34.34 9.71 19.33
C GLY D 122 -34.38 11.23 19.40
N PRO D 123 -35.58 11.84 19.46
CA PRO D 123 -35.84 13.28 19.54
C PRO D 123 -35.21 14.08 20.69
N ARG D 124 -35.01 13.43 21.83
CA ARG D 124 -34.44 14.08 23.00
C ARG D 124 -32.91 14.10 22.98
N GLY D 125 -32.33 13.28 22.09
CA GLY D 125 -30.89 13.22 21.94
C GLY D 125 -30.04 12.97 23.17
N LEU D 126 -29.28 14.00 23.52
CA LEU D 126 -28.35 13.97 24.66
C LEU D 126 -29.04 13.81 26.01
N LYS D 127 -30.26 14.33 26.13
CA LYS D 127 -31.01 14.24 27.39
C LYS D 127 -31.53 12.83 27.61
N ALA D 128 -31.71 12.09 26.52
CA ALA D 128 -32.21 10.74 26.57
C ALA D 128 -31.09 9.80 27.04
N VAL D 129 -29.85 10.13 26.68
CA VAL D 129 -28.69 9.33 27.06
C VAL D 129 -28.36 9.41 28.56
N GLY D 130 -28.13 10.61 29.07
CA GLY D 130 -27.80 10.76 30.48
C GLY D 130 -26.30 10.80 30.70
N PRO D 131 -25.85 11.05 31.94
CA PRO D 131 -24.41 11.13 32.27
C PRO D 131 -23.77 9.88 32.88
N TYR D 132 -24.38 8.70 32.73
CA TYR D 132 -23.82 7.50 33.33
C TYR D 132 -23.46 6.37 32.38
N VAL D 133 -23.58 6.59 31.08
CA VAL D 133 -23.28 5.53 30.12
C VAL D 133 -21.80 5.19 29.93
N VAL D 134 -20.91 6.16 30.08
CA VAL D 134 -19.49 5.89 29.91
C VAL D 134 -18.99 4.87 30.94
N THR D 135 -19.24 5.10 32.22
CA THR D 135 -18.78 4.17 33.25
C THR D 135 -19.47 2.82 33.15
N LYS D 136 -20.69 2.80 32.59
CA LYS D 136 -21.43 1.55 32.42
C LYS D 136 -20.97 0.82 31.18
N ALA D 137 -20.66 1.59 30.14
CA ALA D 137 -20.26 1.01 28.86
C ALA D 137 -18.77 0.82 28.59
N MET D 138 -17.91 1.54 29.31
CA MET D 138 -16.46 1.41 29.12
C MET D 138 -15.99 0.02 29.51
N ALA D 139 -15.00 -0.49 28.80
CA ALA D 139 -14.49 -1.84 29.05
C ALA D 139 -13.98 -2.08 30.47
N SER D 140 -13.46 -1.06 31.12
CA SER D 140 -12.92 -1.19 32.48
C SER D 140 -13.98 -1.02 33.57
N GLY D 141 -15.24 -0.96 33.18
CA GLY D 141 -16.33 -0.78 34.13
C GLY D 141 -16.27 -1.67 35.36
N VAL D 142 -16.01 -2.96 35.17
CA VAL D 142 -15.97 -3.89 36.29
C VAL D 142 -14.94 -3.51 37.36
N SER D 143 -13.76 -3.06 36.94
CA SER D 143 -12.74 -2.69 37.91
C SER D 143 -12.99 -1.28 38.46
N ALA D 144 -13.37 -0.36 37.57
CA ALA D 144 -13.63 1.01 37.96
C ALA D 144 -14.72 1.14 39.00
N CYS D 145 -15.81 0.40 38.79
CA CYS D 145 -16.98 0.42 39.67
C CYS D 145 -16.81 -0.30 40.98
N LEU D 146 -15.73 -1.04 41.13
CA LEU D 146 -15.46 -1.77 42.38
C LEU D 146 -14.39 -1.06 43.20
N ALA D 147 -13.33 -0.65 42.52
CA ALA D 147 -12.21 0.03 43.16
C ALA D 147 -12.57 1.36 43.82
N THR D 148 -13.54 2.07 43.26
CA THR D 148 -13.96 3.36 43.80
C THR D 148 -14.79 3.23 45.07
N PRO D 149 -15.87 2.46 45.05
CA PRO D 149 -16.67 2.32 46.27
C PRO D 149 -15.99 1.58 47.43
N PHE D 150 -15.14 0.59 47.13
CA PHE D 150 -14.46 -0.18 48.18
C PHE D 150 -13.20 0.49 48.73
N LYS D 151 -12.94 1.72 48.27
CA LYS D 151 -11.80 2.52 48.73
C LYS D 151 -10.42 1.92 48.45
N ILE D 152 -10.27 1.30 47.27
CA ILE D 152 -8.98 0.70 46.91
C ILE D 152 -7.94 1.75 46.50
N HIS D 153 -6.71 1.59 47.00
CA HIS D 153 -5.64 2.53 46.70
C HIS D 153 -4.48 1.93 45.92
N GLY D 154 -4.46 0.61 45.79
CA GLY D 154 -3.39 -0.06 45.06
C GLY D 154 -3.64 -0.12 43.56
N VAL D 155 -3.34 -1.25 42.94
CA VAL D 155 -3.56 -1.38 41.51
C VAL D 155 -5.06 -1.31 41.24
N ASN D 156 -5.42 -0.79 40.08
CA ASN D 156 -6.81 -0.66 39.70
C ASN D 156 -6.93 -0.60 38.17
N TYR D 157 -7.27 -1.74 37.60
CA TYR D 157 -7.46 -1.84 36.15
C TYR D 157 -8.08 -3.19 35.81
N SER D 158 -8.46 -3.36 34.56
CA SER D 158 -9.07 -4.61 34.12
C SER D 158 -8.22 -5.34 33.11
N ILE D 159 -8.22 -6.68 33.18
CA ILE D 159 -7.52 -7.45 32.18
C ILE D 159 -8.70 -7.97 31.37
N SER D 160 -8.58 -7.93 30.04
CA SER D 160 -9.64 -8.42 29.19
C SER D 160 -9.00 -9.31 28.14
N SER D 161 -9.50 -10.53 28.04
CA SER D 161 -9.00 -11.51 27.08
C SER D 161 -10.11 -12.45 26.66
N ALA D 162 -11.25 -11.88 26.28
CA ALA D 162 -12.38 -12.67 25.84
C ALA D 162 -12.82 -13.69 26.89
N CYS D 163 -12.89 -14.97 26.51
CA CYS D 163 -13.33 -15.98 27.44
C CYS D 163 -12.29 -16.46 28.42
N ALA D 164 -11.23 -15.66 28.57
CA ALA D 164 -10.17 -16.01 29.49
C ALA D 164 -9.86 -14.84 30.40
N THR D 165 -10.62 -13.75 30.26
CA THR D 165 -10.36 -12.54 31.04
C THR D 165 -10.19 -12.68 32.56
N SER D 166 -11.18 -13.22 33.26
CA SER D 166 -11.05 -13.31 34.71
C SER D 166 -9.95 -14.27 35.17
N ALA D 167 -9.54 -15.18 34.29
CA ALA D 167 -8.46 -16.11 34.64
C ALA D 167 -7.15 -15.34 34.60
N HIS D 168 -6.97 -14.51 33.56
CA HIS D 168 -5.76 -13.71 33.41
C HIS D 168 -5.72 -12.67 34.52
N CYS D 169 -6.91 -12.30 34.98
CA CYS D 169 -7.06 -11.32 36.05
C CYS D 169 -6.47 -11.85 37.35
N ILE D 170 -6.77 -13.11 37.65
CA ILE D 170 -6.26 -13.74 38.85
C ILE D 170 -4.75 -13.95 38.72
N GLY D 171 -4.30 -14.39 37.56
CA GLY D 171 -2.87 -14.62 37.33
C GLY D 171 -2.05 -13.36 37.51
N ASN D 172 -2.58 -12.24 37.03
CA ASN D 172 -1.94 -10.93 37.12
C ASN D 172 -1.87 -10.48 38.58
N ALA D 173 -2.91 -10.83 39.35
CA ALA D 173 -2.99 -10.49 40.76
C ALA D 173 -1.85 -11.21 41.48
N VAL D 174 -1.64 -12.47 41.12
CA VAL D 174 -0.57 -13.30 41.68
C VAL D 174 0.79 -12.64 41.42
N GLU D 175 0.98 -12.16 40.21
CA GLU D 175 2.23 -11.51 39.84
C GLU D 175 2.47 -10.24 40.65
N GLN D 176 1.40 -9.58 41.06
CA GLN D 176 1.53 -8.35 41.85
C GLN D 176 2.10 -8.72 43.22
N ILE D 177 1.68 -9.87 43.74
CA ILE D 177 2.14 -10.36 45.04
C ILE D 177 3.60 -10.81 44.88
N GLN D 178 3.89 -11.53 43.80
CA GLN D 178 5.24 -12.02 43.54
C GLN D 178 6.25 -10.89 43.37
N LEU D 179 5.83 -9.81 42.72
CA LEU D 179 6.68 -8.64 42.51
C LEU D 179 6.74 -7.82 43.80
N GLY D 180 6.09 -8.32 44.86
CA GLY D 180 6.10 -7.63 46.14
C GLY D 180 5.46 -6.26 46.13
N LYS D 181 4.63 -6.00 45.13
CA LYS D 181 3.96 -4.71 45.01
C LYS D 181 2.67 -4.59 45.85
N GLN D 182 2.01 -5.72 46.06
CA GLN D 182 0.74 -5.74 46.79
C GLN D 182 0.69 -6.87 47.80
N ASP D 183 -0.05 -6.66 48.89
CA ASP D 183 -0.21 -7.70 49.92
C ASP D 183 -1.50 -8.43 49.61
N ILE D 184 -2.47 -7.68 49.09
CA ILE D 184 -3.78 -8.22 48.72
C ILE D 184 -4.29 -7.60 47.42
N VAL D 185 -4.89 -8.45 46.59
CA VAL D 185 -5.48 -8.02 45.33
C VAL D 185 -6.76 -8.80 45.11
N PHE D 186 -7.87 -8.09 44.98
CA PHE D 186 -9.15 -8.72 44.74
C PHE D 186 -9.18 -8.98 43.25
N ALA D 187 -9.32 -10.24 42.84
CA ALA D 187 -9.32 -10.58 41.42
C ALA D 187 -10.57 -11.34 40.99
N GLY D 188 -10.97 -11.13 39.75
CA GLY D 188 -12.15 -11.80 39.23
C GLY D 188 -12.76 -11.07 38.06
N GLY D 189 -14.07 -11.08 37.97
CA GLY D 189 -14.73 -10.42 36.87
C GLY D 189 -16.23 -10.60 36.85
N GLY D 190 -16.86 -10.10 35.79
CA GLY D 190 -18.29 -10.22 35.65
C GLY D 190 -18.68 -10.09 34.20
N GLU D 191 -19.90 -10.50 33.87
CA GLU D 191 -20.42 -10.42 32.52
C GLU D 191 -21.94 -10.30 32.58
N GLU D 192 -22.49 -9.38 31.81
CA GLU D 192 -23.94 -9.21 31.75
C GLU D 192 -24.51 -10.26 30.78
N LEU D 193 -25.82 -10.48 30.85
CA LEU D 193 -26.51 -11.43 30.00
C LEU D 193 -27.54 -10.64 29.20
N CYS D 194 -27.40 -10.62 27.88
CA CYS D 194 -28.32 -9.85 27.03
C CYS D 194 -28.33 -10.31 25.56
N TRP D 195 -29.47 -10.18 24.91
CA TRP D 195 -29.57 -10.56 23.49
C TRP D 195 -28.62 -9.71 22.66
N GLU D 196 -28.42 -8.46 23.06
CA GLU D 196 -27.52 -7.54 22.36
C GLU D 196 -26.18 -8.18 22.04
N MET D 197 -25.62 -8.88 23.02
CA MET D 197 -24.33 -9.55 22.88
C MET D 197 -24.48 -10.98 22.42
N ALA D 198 -25.47 -11.67 22.97
CA ALA D 198 -25.74 -13.07 22.64
C ALA D 198 -26.00 -13.27 21.16
N CYS D 199 -26.76 -12.36 20.56
CA CYS D 199 -27.07 -12.47 19.15
C CYS D 199 -25.84 -12.51 18.25
N GLU D 200 -24.75 -11.90 18.71
CA GLU D 200 -23.52 -11.87 17.94
C GLU D 200 -22.80 -13.21 17.96
N PHE D 201 -23.06 -13.99 19.00
CA PHE D 201 -22.44 -15.30 19.09
C PHE D 201 -23.27 -16.27 18.25
N ASP D 202 -24.57 -16.06 18.30
CA ASP D 202 -25.53 -16.86 17.54
C ASP D 202 -25.24 -16.61 16.06
N ALA D 203 -24.99 -15.35 15.72
CA ALA D 203 -24.69 -14.94 14.36
C ALA D 203 -23.46 -15.63 13.79
N MET D 204 -22.56 -16.07 14.67
CA MET D 204 -21.36 -16.77 14.22
C MET D 204 -21.49 -18.27 14.49
N GLY D 205 -22.71 -18.69 14.84
CA GLY D 205 -22.99 -20.09 15.09
C GLY D 205 -22.33 -20.73 16.30
N ALA D 206 -21.93 -19.91 17.27
CA ALA D 206 -21.25 -20.42 18.46
C ALA D 206 -22.17 -20.98 19.54
N LEU D 207 -23.43 -20.59 19.51
CA LEU D 207 -24.43 -21.01 20.52
C LEU D 207 -25.26 -22.22 20.15
N SER D 208 -25.72 -22.94 21.17
CA SER D 208 -26.55 -24.14 21.01
C SER D 208 -27.93 -23.72 20.54
N THR D 209 -28.50 -24.46 19.60
CA THR D 209 -29.82 -24.13 19.07
C THR D 209 -30.78 -25.31 18.93
N LYS D 210 -30.31 -26.53 19.15
CA LYS D 210 -31.16 -27.73 19.00
C LYS D 210 -31.81 -28.30 20.26
N TYR D 211 -31.64 -27.64 21.40
CA TYR D 211 -32.21 -28.15 22.65
C TYR D 211 -33.06 -27.12 23.40
N ASN D 212 -33.63 -26.17 22.67
CA ASN D 212 -34.43 -25.12 23.30
C ASN D 212 -35.62 -25.68 24.08
N ASP D 213 -36.12 -26.84 23.65
CA ASP D 213 -37.26 -27.48 24.30
C ASP D 213 -36.84 -28.13 25.61
N THR D 214 -35.55 -28.42 25.73
CA THR D 214 -35.00 -29.03 26.94
C THR D 214 -33.74 -28.24 27.30
N PRO D 215 -33.90 -27.04 27.87
CA PRO D 215 -32.80 -26.16 28.26
C PRO D 215 -31.67 -26.80 29.08
N GLU D 216 -32.04 -27.61 30.06
CA GLU D 216 -31.07 -28.27 30.92
C GLU D 216 -30.22 -29.31 30.21
N LYS D 217 -30.55 -29.63 28.95
CA LYS D 217 -29.78 -30.62 28.21
C LYS D 217 -28.99 -29.99 27.07
N ALA D 218 -29.17 -28.69 26.88
CA ALA D 218 -28.47 -27.96 25.82
C ALA D 218 -26.96 -27.97 25.97
N SER D 219 -26.47 -27.69 27.18
CA SER D 219 -25.03 -27.68 27.47
C SER D 219 -24.60 -29.11 27.75
N ARG D 220 -23.89 -29.71 26.79
CA ARG D 220 -23.49 -31.10 26.92
C ARG D 220 -22.04 -31.36 26.48
N THR D 221 -21.09 -30.77 27.20
CA THR D 221 -19.67 -30.94 26.88
C THR D 221 -19.27 -32.40 26.72
N TYR D 222 -18.55 -32.69 25.63
CA TYR D 222 -18.07 -34.03 25.28
C TYR D 222 -19.13 -34.98 24.73
N ASP D 223 -20.39 -34.58 24.76
CA ASP D 223 -21.45 -35.43 24.21
C ASP D 223 -21.34 -35.39 22.67
N ALA D 224 -21.56 -36.53 22.05
CA ALA D 224 -21.49 -36.64 20.60
C ALA D 224 -22.42 -35.68 19.85
N HIS D 225 -23.47 -35.21 20.51
CA HIS D 225 -24.42 -34.32 19.85
C HIS D 225 -24.48 -32.90 20.37
N ARG D 226 -23.37 -32.45 20.95
CA ARG D 226 -23.27 -31.10 21.46
C ARG D 226 -23.34 -30.21 20.21
N ASP D 227 -23.83 -28.98 20.36
CA ASP D 227 -23.96 -28.09 19.21
C ASP D 227 -23.73 -26.61 19.54
N GLY D 228 -22.72 -26.32 20.35
CA GLY D 228 -22.43 -24.94 20.69
C GLY D 228 -22.65 -24.69 22.17
N PHE D 229 -22.02 -23.65 22.72
CA PHE D 229 -22.18 -23.35 24.12
C PHE D 229 -23.45 -22.57 24.47
N VAL D 230 -23.81 -22.59 25.75
CA VAL D 230 -24.98 -21.90 26.26
C VAL D 230 -24.48 -20.66 27.00
N ILE D 231 -24.76 -19.50 26.43
CA ILE D 231 -24.34 -18.24 27.02
C ILE D 231 -24.90 -18.04 28.44
N ALA D 232 -24.11 -17.41 29.28
CA ALA D 232 -24.51 -17.16 30.67
C ALA D 232 -23.93 -15.86 31.18
N GLY D 233 -24.42 -15.44 32.35
CA GLY D 233 -23.94 -14.21 32.96
C GLY D 233 -23.69 -14.41 34.44
N GLY D 234 -23.03 -13.45 35.07
CA GLY D 234 -22.75 -13.58 36.49
C GLY D 234 -21.42 -12.98 36.87
N GLY D 235 -20.97 -13.26 38.08
CA GLY D 235 -19.71 -12.72 38.54
C GLY D 235 -18.97 -13.64 39.49
N GLY D 236 -17.69 -13.34 39.69
CA GLY D 236 -16.86 -14.11 40.59
C GLY D 236 -15.74 -13.22 41.11
N MET D 237 -15.29 -13.49 42.34
CA MET D 237 -14.23 -12.69 42.93
C MET D 237 -13.50 -13.46 44.02
N VAL D 238 -12.16 -13.42 43.98
CA VAL D 238 -11.35 -14.11 44.98
C VAL D 238 -10.35 -13.13 45.57
N VAL D 239 -9.93 -13.41 46.81
CA VAL D 239 -8.94 -12.58 47.49
C VAL D 239 -7.58 -13.25 47.31
N VAL D 240 -6.70 -12.62 46.53
CA VAL D 240 -5.35 -13.16 46.31
C VAL D 240 -4.50 -12.41 47.34
N GLU D 241 -3.87 -13.17 48.21
CA GLU D 241 -3.08 -12.58 49.29
C GLU D 241 -1.69 -13.20 49.42
N GLU D 242 -0.70 -12.39 49.82
CA GLU D 242 0.65 -12.94 50.00
C GLU D 242 0.59 -13.85 51.23
N LEU D 243 1.27 -14.98 51.14
CA LEU D 243 1.25 -15.96 52.21
C LEU D 243 1.56 -15.49 53.64
N GLU D 244 2.69 -14.81 53.83
CA GLU D 244 3.07 -14.35 55.17
C GLU D 244 1.98 -13.43 55.76
N HIS D 245 1.49 -12.53 54.94
CA HIS D 245 0.44 -11.61 55.34
C HIS D 245 -0.83 -12.37 55.79
N ALA D 246 -1.27 -13.33 54.98
CA ALA D 246 -2.43 -14.13 55.28
C ALA D 246 -2.25 -14.92 56.59
N LEU D 247 -1.07 -15.55 56.76
CA LEU D 247 -0.78 -16.30 57.96
C LEU D 247 -0.82 -15.42 59.22
N ALA D 248 -0.15 -14.26 59.16
CA ALA D 248 -0.08 -13.33 60.29
C ALA D 248 -1.44 -12.90 60.82
N ARG D 249 -2.44 -12.76 59.95
CA ARG D 249 -3.76 -12.33 60.41
C ARG D 249 -4.69 -13.53 60.61
N GLY D 250 -4.12 -14.72 60.63
CA GLY D 250 -4.91 -15.92 60.81
C GLY D 250 -5.98 -16.10 59.74
N ALA D 251 -5.65 -15.74 58.51
CA ALA D 251 -6.59 -15.85 57.40
C ALA D 251 -6.94 -17.31 57.11
N HIS D 252 -8.12 -17.54 56.54
CA HIS D 252 -8.53 -18.88 56.16
C HIS D 252 -7.98 -19.07 54.76
N ILE D 253 -6.99 -19.94 54.59
CA ILE D 253 -6.40 -20.16 53.28
C ILE D 253 -7.09 -21.31 52.57
N TYR D 254 -7.60 -21.07 51.36
CA TYR D 254 -8.25 -22.13 50.60
C TYR D 254 -7.17 -22.96 49.94
N ALA D 255 -6.32 -22.30 49.18
CA ALA D 255 -5.24 -22.96 48.46
C ALA D 255 -4.22 -21.95 48.00
N GLU D 256 -3.09 -22.46 47.52
CA GLU D 256 -2.04 -21.61 47.00
C GLU D 256 -2.08 -21.71 45.49
N ILE D 257 -1.84 -20.60 44.81
CA ILE D 257 -1.81 -20.62 43.37
C ILE D 257 -0.35 -20.94 43.04
N VAL D 258 -0.10 -22.23 42.80
CA VAL D 258 1.24 -22.71 42.52
C VAL D 258 1.63 -22.66 41.03
N GLY D 259 0.68 -22.33 40.17
CA GLY D 259 0.99 -22.24 38.76
C GLY D 259 0.06 -21.34 38.00
N TYR D 260 0.62 -20.61 37.03
CA TYR D 260 -0.17 -19.70 36.21
C TYR D 260 0.43 -19.64 34.82
N GLY D 261 -0.32 -20.12 33.84
CA GLY D 261 0.14 -20.09 32.48
C GLY D 261 -0.66 -19.09 31.67
N ALA D 262 0.01 -18.39 30.77
CA ALA D 262 -0.64 -17.41 29.90
C ALA D 262 0.13 -17.42 28.59
N THR D 263 -0.46 -18.02 27.55
CA THR D 263 0.19 -18.10 26.25
C THR D 263 -0.69 -17.60 25.11
N SER D 264 -0.14 -17.66 23.90
CA SER D 264 -0.84 -17.18 22.72
C SER D 264 -0.69 -18.18 21.57
N ASP D 265 -1.79 -18.39 20.83
CA ASP D 265 -1.79 -19.33 19.69
C ASP D 265 -1.09 -18.75 18.47
N GLY D 266 -1.35 -17.48 18.20
CA GLY D 266 -0.77 -16.83 17.04
C GLY D 266 -1.11 -17.60 15.78
N ALA D 267 -2.33 -18.11 15.72
CA ALA D 267 -2.76 -18.89 14.58
C ALA D 267 -4.05 -18.38 13.97
N ASP D 268 -5.16 -18.86 14.50
CA ASP D 268 -6.47 -18.49 14.00
C ASP D 268 -7.35 -17.75 15.00
N MET D 269 -8.04 -16.73 14.52
CA MET D 269 -8.95 -15.98 15.36
C MET D 269 -10.11 -16.94 15.59
N VAL D 270 -10.92 -16.69 16.61
CA VAL D 270 -12.07 -17.54 16.89
C VAL D 270 -11.92 -19.08 16.94
N ALA D 271 -10.76 -19.64 16.59
CA ALA D 271 -10.58 -21.09 16.66
C ALA D 271 -9.26 -21.49 17.31
N PRO D 272 -9.31 -22.41 18.29
CA PRO D 272 -8.15 -22.92 19.05
C PRO D 272 -7.20 -23.84 18.28
N SER D 273 -5.90 -23.59 18.42
CA SER D 273 -4.88 -24.38 17.74
C SER D 273 -4.48 -25.63 18.52
N GLY D 274 -4.67 -25.60 19.83
CA GLY D 274 -4.31 -26.74 20.65
C GLY D 274 -2.85 -26.67 21.05
N GLU D 275 -2.02 -26.14 20.15
CA GLU D 275 -0.60 -25.99 20.39
C GLU D 275 -0.33 -24.99 21.53
N GLY D 276 -1.04 -23.87 21.52
CA GLY D 276 -0.88 -22.89 22.58
C GLY D 276 -1.35 -23.37 23.96
N ALA D 277 -2.42 -24.17 23.99
CA ALA D 277 -2.96 -24.69 25.24
C ALA D 277 -1.98 -25.64 25.91
N VAL D 278 -1.27 -26.42 25.10
CA VAL D 278 -0.28 -27.37 25.63
C VAL D 278 0.81 -26.58 26.35
N ARG D 279 1.30 -25.51 25.72
CA ARG D 279 2.31 -24.67 26.32
C ARG D 279 1.77 -23.97 27.57
N CYS D 280 0.52 -23.53 27.50
CA CYS D 280 -0.10 -22.86 28.64
C CYS D 280 -0.17 -23.73 29.89
N MET D 281 -0.66 -24.96 29.71
CA MET D 281 -0.77 -25.91 30.82
C MET D 281 0.60 -26.29 31.33
N LYS D 282 1.52 -26.56 30.41
CA LYS D 282 2.88 -26.92 30.79
C LYS D 282 3.52 -25.80 31.61
N MET D 283 3.27 -24.57 31.20
CA MET D 283 3.81 -23.41 31.88
C MET D 283 3.28 -23.30 33.30
N ALA D 284 2.02 -23.64 33.49
CA ALA D 284 1.39 -23.58 34.81
C ALA D 284 1.91 -24.73 35.68
N MET D 285 2.36 -25.79 35.01
CA MET D 285 2.87 -26.96 35.70
C MET D 285 4.33 -26.84 36.05
N HIS D 286 5.04 -25.93 35.40
CA HIS D 286 6.44 -25.77 35.70
C HIS D 286 6.62 -25.44 37.18
N GLY D 287 7.37 -26.27 37.89
CA GLY D 287 7.60 -26.04 39.31
C GLY D 287 6.67 -26.80 40.24
N VAL D 288 5.47 -27.11 39.77
CA VAL D 288 4.49 -27.85 40.57
C VAL D 288 4.98 -29.29 40.67
N ASP D 289 5.37 -29.70 41.87
CA ASP D 289 5.89 -31.05 42.08
C ASP D 289 4.80 -32.08 42.35
N THR D 290 3.55 -31.65 42.38
CA THR D 290 2.45 -32.59 42.62
C THR D 290 1.62 -32.77 41.34
N PRO D 291 1.03 -33.96 41.18
CA PRO D 291 0.23 -34.19 39.98
C PRO D 291 -1.14 -33.56 40.09
N ILE D 292 -1.69 -33.16 38.94
CA ILE D 292 -3.03 -32.58 38.92
C ILE D 292 -4.00 -33.71 39.23
N ASP D 293 -4.74 -33.58 40.32
CA ASP D 293 -5.74 -34.57 40.72
C ASP D 293 -7.07 -34.36 40.01
N TYR D 294 -7.38 -33.12 39.68
CA TYR D 294 -8.62 -32.82 38.99
C TYR D 294 -8.41 -31.64 38.05
N LEU D 295 -8.95 -31.73 36.86
CA LEU D 295 -8.82 -30.68 35.85
C LEU D 295 -10.19 -30.16 35.44
N ASN D 296 -10.46 -28.90 35.77
CA ASN D 296 -11.72 -28.26 35.39
C ASN D 296 -11.44 -27.67 34.01
N SER D 297 -11.94 -28.36 32.98
CA SER D 297 -11.71 -27.95 31.59
C SER D 297 -12.51 -26.73 31.17
N HIS D 298 -12.07 -26.10 30.07
CA HIS D 298 -12.76 -24.95 29.54
C HIS D 298 -14.05 -25.48 28.89
N GLY D 299 -13.98 -26.70 28.37
CA GLY D 299 -15.11 -27.38 27.74
C GLY D 299 -16.42 -26.64 27.67
N THR D 300 -16.59 -25.84 26.62
CA THR D 300 -17.79 -25.04 26.43
C THR D 300 -18.98 -25.75 25.77
N SER D 301 -18.76 -26.96 25.26
CA SER D 301 -19.77 -27.77 24.57
C SER D 301 -19.86 -27.48 23.07
N THR D 302 -18.73 -27.13 22.48
CA THR D 302 -18.68 -26.83 21.06
C THR D 302 -17.96 -27.98 20.37
N PRO D 303 -18.38 -28.30 19.13
CA PRO D 303 -17.79 -29.39 18.33
C PRO D 303 -16.24 -29.39 18.28
N VAL D 304 -15.66 -28.30 17.81
CA VAL D 304 -14.22 -28.19 17.69
C VAL D 304 -13.48 -27.96 19.01
N GLY D 305 -13.95 -26.97 19.77
CA GLY D 305 -13.31 -26.65 21.03
C GLY D 305 -13.12 -27.77 22.04
N ASP D 306 -14.20 -28.46 22.35
CA ASP D 306 -14.13 -29.55 23.32
C ASP D 306 -12.99 -30.53 23.07
N VAL D 307 -12.93 -31.11 21.89
CA VAL D 307 -11.89 -32.09 21.56
C VAL D 307 -10.47 -31.51 21.35
N LYS D 308 -10.41 -30.23 20.96
CA LYS D 308 -9.12 -29.56 20.76
C LYS D 308 -8.33 -29.50 22.07
N GLU D 309 -9.01 -29.17 23.16
CA GLU D 309 -8.37 -29.09 24.46
C GLU D 309 -8.11 -30.50 24.99
N LEU D 310 -8.97 -31.44 24.61
CA LEU D 310 -8.82 -32.83 25.03
C LEU D 310 -7.54 -33.38 24.44
N ALA D 311 -7.26 -33.02 23.19
CA ALA D 311 -6.04 -33.48 22.54
C ALA D 311 -4.86 -32.82 23.24
N ALA D 312 -5.02 -31.55 23.59
CA ALA D 312 -3.96 -30.84 24.28
C ALA D 312 -3.67 -31.49 25.63
N ILE D 313 -4.73 -31.78 26.38
CA ILE D 313 -4.60 -32.42 27.68
C ILE D 313 -3.86 -33.75 27.57
N ARG D 314 -4.22 -34.54 26.56
CA ARG D 314 -3.57 -35.83 26.33
C ARG D 314 -2.07 -35.61 26.23
N GLU D 315 -1.69 -34.76 25.29
CA GLU D 315 -0.30 -34.47 25.06
C GLU D 315 0.42 -34.00 26.32
N VAL D 316 -0.17 -33.06 27.04
CA VAL D 316 0.44 -32.53 28.26
C VAL D 316 0.66 -33.59 29.34
N PHE D 317 -0.34 -34.43 29.59
CA PHE D 317 -0.23 -35.44 30.64
C PHE D 317 0.14 -36.84 30.18
N GLY D 318 0.20 -37.04 28.87
CA GLY D 318 0.56 -38.35 28.35
C GLY D 318 -0.23 -39.50 28.96
N ASP D 319 0.49 -40.38 29.66
CA ASP D 319 -0.13 -41.55 30.27
C ASP D 319 -0.58 -41.36 31.73
N LYS D 320 -0.54 -40.13 32.21
CA LYS D 320 -0.96 -39.82 33.57
C LYS D 320 -1.94 -38.65 33.53
N SER D 321 -3.13 -38.90 32.99
CA SER D 321 -4.14 -37.85 32.87
C SER D 321 -4.98 -37.76 34.12
N PRO D 322 -5.39 -36.54 34.48
CA PRO D 322 -6.21 -36.32 35.68
C PRO D 322 -7.70 -36.52 35.45
N ALA D 323 -8.47 -36.53 36.54
CA ALA D 323 -9.91 -36.66 36.44
C ALA D 323 -10.37 -35.34 35.82
N ILE D 324 -11.28 -35.41 34.86
CA ILE D 324 -11.76 -34.21 34.18
C ILE D 324 -13.27 -34.09 34.22
N SER D 325 -13.73 -32.84 34.22
CA SER D 325 -15.16 -32.57 34.19
C SER D 325 -15.36 -31.12 33.75
N ALA D 326 -16.32 -30.92 32.85
CA ALA D 326 -16.64 -29.58 32.32
C ALA D 326 -17.87 -29.08 33.05
N THR D 327 -17.67 -28.22 34.06
CA THR D 327 -18.81 -27.71 34.82
C THR D 327 -19.74 -26.80 34.01
N LYS D 328 -19.35 -26.48 32.78
CA LYS D 328 -20.17 -25.63 31.91
C LYS D 328 -21.43 -26.37 31.48
N ALA D 329 -21.37 -27.70 31.52
CA ALA D 329 -22.53 -28.51 31.14
C ALA D 329 -23.67 -28.22 32.13
N MET D 330 -23.31 -27.71 33.30
CA MET D 330 -24.25 -27.37 34.35
C MET D 330 -24.56 -25.87 34.37
N THR D 331 -23.49 -25.07 34.40
CA THR D 331 -23.57 -23.62 34.49
C THR D 331 -23.72 -22.75 33.24
N GLY D 332 -23.29 -23.27 32.08
CA GLY D 332 -23.34 -22.47 30.88
C GLY D 332 -22.01 -21.72 30.80
N HIS D 333 -21.84 -20.87 29.77
CA HIS D 333 -20.60 -20.11 29.57
C HIS D 333 -20.75 -18.63 29.88
N SER D 334 -20.24 -18.20 31.03
CA SER D 334 -20.36 -16.81 31.45
C SER D 334 -19.31 -15.90 30.83
N LEU D 335 -18.67 -16.41 29.79
CA LEU D 335 -17.64 -15.69 29.05
C LEU D 335 -16.52 -15.12 29.90
N GLY D 336 -16.50 -13.80 30.08
CA GLY D 336 -15.46 -13.16 30.86
C GLY D 336 -15.44 -13.55 32.34
N ALA D 337 -16.57 -14.01 32.86
CA ALA D 337 -16.66 -14.40 34.26
C ALA D 337 -16.38 -15.88 34.46
N ALA D 338 -16.27 -16.62 33.35
CA ALA D 338 -16.04 -18.05 33.39
C ALA D 338 -14.79 -18.46 34.19
N GLY D 339 -13.68 -17.79 33.92
CA GLY D 339 -12.42 -18.11 34.58
C GLY D 339 -12.41 -18.07 36.09
N VAL D 340 -12.90 -16.97 36.66
CA VAL D 340 -12.95 -16.82 38.11
C VAL D 340 -14.00 -17.71 38.78
N GLN D 341 -15.13 -17.91 38.11
CA GLN D 341 -16.19 -18.76 38.66
C GLN D 341 -15.74 -20.21 38.71
N GLU D 342 -15.08 -20.65 37.65
CA GLU D 342 -14.58 -22.01 37.54
C GLU D 342 -13.40 -22.24 38.47
N ALA D 343 -12.67 -21.18 38.78
CA ALA D 343 -11.54 -21.29 39.71
C ALA D 343 -12.19 -21.54 41.08
N ILE D 344 -13.32 -20.87 41.33
CA ILE D 344 -14.06 -21.00 42.58
C ILE D 344 -14.69 -22.40 42.70
N TYR D 345 -15.19 -22.97 41.60
CA TYR D 345 -15.76 -24.31 41.65
C TYR D 345 -14.65 -25.28 42.02
N SER D 346 -13.46 -25.03 41.46
CA SER D 346 -12.29 -25.85 41.70
C SER D 346 -11.87 -25.76 43.17
N LEU D 347 -11.88 -24.53 43.70
CA LEU D 347 -11.53 -24.29 45.09
C LEU D 347 -12.51 -24.99 46.02
N LEU D 348 -13.80 -24.98 45.66
CA LEU D 348 -14.83 -25.62 46.47
C LEU D 348 -14.68 -27.13 46.44
N MET D 349 -14.23 -27.68 45.32
CA MET D 349 -14.03 -29.12 45.22
C MET D 349 -12.81 -29.52 46.05
N LEU D 350 -11.79 -28.66 46.04
CA LEU D 350 -10.56 -28.88 46.79
C LEU D 350 -10.86 -28.80 48.29
N GLU D 351 -11.62 -27.79 48.68
CA GLU D 351 -11.99 -27.58 50.06
C GLU D 351 -12.87 -28.67 50.66
N HIS D 352 -13.88 -29.10 49.91
CA HIS D 352 -14.82 -30.11 50.39
C HIS D 352 -14.58 -31.55 49.93
N GLY D 353 -13.48 -31.76 49.23
CA GLY D 353 -13.14 -33.09 48.76
C GLY D 353 -14.16 -33.80 47.89
N PHE D 354 -14.29 -33.35 46.65
CA PHE D 354 -15.21 -34.00 45.72
C PHE D 354 -14.99 -33.47 44.33
N ILE D 355 -15.40 -34.28 43.34
CA ILE D 355 -15.28 -33.89 41.94
C ILE D 355 -16.69 -33.71 41.38
N ALA D 356 -16.96 -32.51 40.86
CA ALA D 356 -18.27 -32.21 40.28
C ALA D 356 -18.41 -33.01 38.99
N PRO D 357 -19.64 -33.46 38.68
CA PRO D 357 -19.89 -34.25 37.48
C PRO D 357 -19.90 -33.48 36.18
N SER D 358 -19.56 -34.18 35.11
CA SER D 358 -19.59 -33.61 33.76
C SER D 358 -20.92 -34.19 33.30
N ILE D 359 -21.97 -33.38 33.38
CA ILE D 359 -23.30 -33.82 33.01
C ILE D 359 -23.69 -33.73 31.53
N ASN D 360 -24.80 -34.39 31.21
CA ASN D 360 -25.38 -34.41 29.86
C ASN D 360 -24.64 -35.18 28.77
N ILE D 361 -23.76 -36.10 29.17
CA ILE D 361 -23.06 -36.90 28.17
C ILE D 361 -23.85 -38.17 27.91
N GLU D 362 -24.86 -38.06 27.07
CA GLU D 362 -25.69 -39.21 26.75
C GLU D 362 -24.92 -40.16 25.83
N GLU D 363 -23.90 -39.62 25.15
CA GLU D 363 -23.06 -40.42 24.25
C GLU D 363 -21.68 -39.75 24.12
N LEU D 364 -20.66 -40.38 24.69
CA LEU D 364 -19.30 -39.82 24.68
C LEU D 364 -18.62 -39.71 23.32
N ASP D 365 -18.13 -38.51 22.99
CA ASP D 365 -17.45 -38.29 21.72
C ASP D 365 -16.28 -39.27 21.60
N GLU D 366 -16.07 -39.82 20.41
CA GLU D 366 -15.01 -40.79 20.21
C GLU D 366 -13.62 -40.23 20.58
N GLN D 367 -13.49 -38.92 20.46
CA GLN D 367 -12.23 -38.27 20.77
C GLN D 367 -12.05 -38.01 22.26
N ALA D 368 -12.94 -38.56 23.07
CA ALA D 368 -12.86 -38.40 24.51
C ALA D 368 -12.57 -39.75 25.16
N ALA D 369 -12.54 -40.79 24.32
CA ALA D 369 -12.34 -42.18 24.70
C ALA D 369 -11.65 -42.54 26.01
N GLY D 370 -10.34 -42.80 25.97
CA GLY D 370 -9.64 -43.22 27.17
C GLY D 370 -9.47 -42.21 28.29
N LEU D 371 -10.49 -41.42 28.58
CA LEU D 371 -10.37 -40.42 29.63
C LEU D 371 -11.30 -40.58 30.82
N ASN D 372 -10.80 -40.19 31.99
CA ASN D 372 -11.57 -40.26 33.19
C ASN D 372 -12.39 -38.98 33.39
N ILE D 373 -13.39 -38.81 32.54
CA ILE D 373 -14.28 -37.67 32.63
C ILE D 373 -15.34 -38.15 33.62
N VAL D 374 -15.28 -37.68 34.87
CA VAL D 374 -16.24 -38.11 35.88
C VAL D 374 -17.64 -37.56 35.64
N THR D 375 -18.60 -38.47 35.61
CA THR D 375 -19.98 -38.10 35.34
C THR D 375 -20.92 -38.15 36.55
N GLU D 376 -20.37 -38.45 37.71
CA GLU D 376 -21.17 -38.50 38.92
C GLU D 376 -20.38 -37.85 40.04
N THR D 377 -21.05 -37.06 40.86
CA THR D 377 -20.36 -36.40 41.96
C THR D 377 -19.62 -37.52 42.66
N THR D 378 -18.34 -37.31 42.89
CA THR D 378 -17.53 -38.33 43.52
C THR D 378 -16.64 -37.74 44.60
N ASP D 379 -16.80 -38.25 45.81
CA ASP D 379 -16.01 -37.82 46.94
C ASP D 379 -14.57 -38.26 46.76
N ARG D 380 -13.64 -37.34 46.93
CA ARG D 380 -12.24 -37.67 46.78
C ARG D 380 -11.38 -36.57 47.36
N GLU D 381 -10.39 -36.96 48.16
CA GLU D 381 -9.47 -36.01 48.80
C GLU D 381 -8.52 -35.49 47.75
N LEU D 382 -8.75 -34.27 47.29
CA LEU D 382 -7.91 -33.65 46.27
C LEU D 382 -6.81 -32.80 46.89
N THR D 383 -5.73 -32.59 46.15
CA THR D 383 -4.63 -31.78 46.66
C THR D 383 -4.24 -30.69 45.68
N THR D 384 -4.15 -31.05 44.39
CA THR D 384 -3.77 -30.11 43.34
C THR D 384 -4.80 -30.13 42.21
N VAL D 385 -5.31 -28.95 41.86
CA VAL D 385 -6.31 -28.83 40.79
C VAL D 385 -5.89 -27.82 39.73
N MET D 386 -6.32 -28.07 38.50
CA MET D 386 -5.99 -27.20 37.37
C MET D 386 -7.26 -26.69 36.69
N SER D 387 -7.21 -25.45 36.18
CA SER D 387 -8.38 -24.86 35.52
C SER D 387 -7.97 -24.13 34.24
N ASN D 388 -8.59 -24.48 33.12
CA ASN D 388 -8.27 -23.87 31.82
C ASN D 388 -9.28 -22.84 31.33
N SER D 389 -8.79 -21.79 30.69
CA SER D 389 -9.65 -20.75 30.12
C SER D 389 -9.07 -20.32 28.78
N PHE D 390 -9.89 -20.36 27.73
CA PHE D 390 -9.42 -19.96 26.41
C PHE D 390 -10.39 -18.96 25.77
N GLY D 391 -9.86 -18.07 24.95
CA GLY D 391 -10.71 -17.08 24.31
C GLY D 391 -10.33 -16.77 22.88
N PHE D 392 -11.22 -16.09 22.17
CA PHE D 392 -10.98 -15.72 20.78
C PHE D 392 -9.68 -14.95 20.69
N GLY D 393 -9.03 -14.99 19.53
CA GLY D 393 -7.76 -14.31 19.34
C GLY D 393 -6.61 -15.18 19.84
N GLY D 394 -6.92 -16.45 20.09
CA GLY D 394 -5.92 -17.39 20.55
C GLY D 394 -5.28 -17.03 21.89
N THR D 395 -6.09 -16.67 22.87
CA THR D 395 -5.57 -16.31 24.19
C THR D 395 -5.85 -17.43 25.19
N ASN D 396 -4.78 -17.94 25.81
CA ASN D 396 -4.91 -19.04 26.76
C ASN D 396 -4.44 -18.71 28.16
N ALA D 397 -5.11 -19.34 29.14
CA ALA D 397 -4.76 -19.18 30.54
C ALA D 397 -5.10 -20.44 31.32
N THR D 398 -4.24 -20.82 32.26
CA THR D 398 -4.54 -21.94 33.14
C THR D 398 -3.99 -21.65 34.51
N LEU D 399 -4.75 -22.05 35.53
CA LEU D 399 -4.36 -21.83 36.91
C LEU D 399 -4.26 -23.16 37.62
N VAL D 400 -3.23 -23.31 38.46
CA VAL D 400 -3.03 -24.52 39.23
C VAL D 400 -3.06 -24.10 40.70
N MET D 401 -4.01 -24.67 41.44
CA MET D 401 -4.17 -24.35 42.86
C MET D 401 -3.89 -25.59 43.70
N ARG D 402 -3.18 -25.39 44.81
CA ARG D 402 -2.84 -26.51 45.68
C ARG D 402 -3.10 -26.24 47.15
N LYS D 403 -3.48 -27.28 47.88
CA LYS D 403 -3.76 -27.18 49.32
C LYS D 403 -2.47 -26.86 50.08
N LEU D 404 -2.49 -25.83 50.92
CA LEU D 404 -1.28 -25.47 51.66
C LEU D 404 -0.90 -26.53 52.70
C1 CER E . 9.50 17.63 -20.11
N1 CER E . 10.59 18.21 -20.58
O1 CER E . 12.01 13.88 -19.27
C2 CER E . 9.62 16.14 -19.73
O2 CER E . 8.42 18.23 -20.00
C3 CER E . 10.84 15.57 -20.47
O3 CER E . 10.60 15.61 -21.89
C4 CER E . 11.10 14.14 -20.05
C5 CER E . 10.22 13.01 -20.59
C6 CER E . 10.83 11.64 -20.39
C7 CER E . 10.16 10.82 -19.28
C8 CER E . 10.47 9.32 -19.47
C9 CER E . 11.15 8.76 -18.22
C10 CER E . 12.48 8.03 -18.44
C11 CER E . 13.26 7.91 -17.12
C12 CER E . 13.82 6.51 -16.97
C1 CER F . 11.38 -10.38 -31.78
N1 CER F . 10.17 -10.87 -31.63
O1 CER F . 11.10 -8.70 -27.50
C2 CER F . 11.90 -9.51 -30.62
O2 CER F . 12.07 -10.57 -32.78
C3 CER F . 10.69 -8.98 -29.84
O3 CER F . 9.92 -8.12 -30.70
C4 CER F . 11.15 -8.20 -28.61
C5 CER F . 11.66 -6.77 -28.77
C6 CER F . 11.70 -6.01 -27.46
C7 CER F . 13.10 -5.82 -26.90
C8 CER F . 13.12 -4.66 -25.89
C9 CER F . 13.61 -5.14 -24.52
C10 CER F . 12.69 -4.86 -23.33
C11 CER F . 13.06 -5.75 -22.12
C12 CER F . 13.11 -4.92 -20.85
C1 CER G . -10.33 10.72 30.93
N1 CER G . -10.89 10.99 32.10
O1 CER G . -14.01 8.20 29.85
C2 CER G . -11.08 9.73 30.03
O2 CER G . -9.25 11.21 30.59
C3 CER G . -11.98 8.86 30.93
O3 CER G . -11.17 8.06 31.80
C4 CER G . -12.83 7.93 30.07
C5 CER G . -12.22 6.66 29.50
C6 CER G . -13.27 5.67 29.01
C7 CER G . -13.38 5.58 27.48
C8 CER G . -14.06 4.27 27.07
C9 CER G . -15.33 4.54 26.26
C10 CER G . -16.60 3.86 26.76
C11 CER G . -17.84 4.53 26.16
C12 CER G . -18.83 3.49 25.67
C1 CER H . -14.76 -18.84 24.23
N1 CER H . -14.10 -19.09 23.11
O1 CER H . -16.21 -14.89 22.38
C2 CER H . -15.46 -17.48 24.31
O2 CER H . -14.84 -19.65 25.16
C3 CER H . -14.75 -16.51 23.34
O3 CER H . -13.40 -16.32 23.75
C4 CER H . -15.46 -15.18 23.32
C5 CER H . -15.24 -14.18 24.44
C6 CER H . -15.68 -12.78 24.08
C7 CER H . -16.98 -12.34 24.76
C8 CER H . -17.12 -10.81 24.74
C9 CER H . -18.40 -10.38 24.03
C10 CER H . -18.25 -9.35 22.91
C11 CER H . -19.50 -9.33 22.02
C12 CER H . -19.91 -7.90 21.70
#